data_4GM3
#
_entry.id   4GM3
#
_cell.length_a   48.943
_cell.length_b   105.985
_cell.length_c   120.907
_cell.angle_alpha   90.00
_cell.angle_beta   89.76
_cell.angle_gamma   90.03
#
_symmetry.space_group_name_H-M   'P 1'
#
loop_
_entity.id
_entity.type
_entity.pdbx_description
1 polymer 'WD repeat-containing protein 5'
2 polymer MM-101
#
loop_
_entity_poly.entity_id
_entity_poly.type
_entity_poly.pdbx_seq_one_letter_code
_entity_poly.pdbx_strand_id
1 'polypeptide(L)'
;SATQSKPTPVKPNYALKFTLAGHTKAVSSVKFSPNGEWLASSSADKLIKIWGAYDGKFEKTISGHKLGISDVAWSSDSNL
LVSASDDKTLKIWDVSSGKCLKTLKGHSNYVFCCNFNPQSNLIVSGSFDESVRIWDVKTGKCLKTLPAHSDPVSAVHFNR
DGSLIVSSSYDGLCRIWDTASGQCLKTLIDDDNPPVSFVKFSPNGKYILAATLDNTLKLWDYSKGKCLKTYTGHKNEKYC
IFANFSVTGGKWIVSGSEDNLVYIWNLQTKEIVQKLQGHTDVVISTACHPTENIIASAALENDKTIKLWKSDC
;
A,B,C,D,E,F,G,H
2 'polypeptide(L)' (ALQ)(0XL)R(AC5)(0XM) I,J,K,L,M,N,O,P
#
# COMPACT_ATOMS: atom_id res chain seq x y z
N VAL A 10 -12.77 -21.46 19.26
CA VAL A 10 -12.99 -21.26 20.69
C VAL A 10 -14.48 -21.09 21.04
N LYS A 11 -15.19 -20.31 20.23
CA LYS A 11 -16.66 -20.36 20.24
C LYS A 11 -17.21 -20.15 18.83
N PRO A 12 -18.26 -20.90 18.48
CA PRO A 12 -18.90 -20.78 17.17
C PRO A 12 -19.85 -19.61 17.17
N ASN A 13 -20.03 -18.96 16.02
CA ASN A 13 -21.12 -18.01 15.88
C ASN A 13 -22.10 -18.52 14.82
N TYR A 14 -23.28 -18.95 15.23
CA TYR A 14 -24.25 -19.40 14.26
C TYR A 14 -25.23 -18.31 13.85
N ALA A 15 -25.44 -18.19 12.55
CA ALA A 15 -26.29 -17.17 11.98
C ALA A 15 -27.52 -17.83 11.36
N LEU A 16 -28.70 -17.33 11.70
CA LEU A 16 -29.87 -17.77 10.98
C LEU A 16 -29.69 -17.37 9.51
N LYS A 17 -29.83 -18.34 8.62
CA LYS A 17 -29.75 -18.06 7.18
C LYS A 17 -31.13 -18.20 6.53
N PHE A 18 -31.69 -19.39 6.62
CA PHE A 18 -33.03 -19.66 6.11
C PHE A 18 -34.05 -20.17 7.17
N THR A 19 -35.31 -19.79 6.96
CA THR A 19 -36.42 -20.36 7.70
C THR A 19 -37.31 -20.93 6.62
N LEU A 20 -37.70 -22.18 6.77
CA LEU A 20 -38.52 -22.86 5.75
C LEU A 20 -39.81 -23.43 6.32
N ALA A 21 -40.93 -23.18 5.67
CA ALA A 21 -42.16 -23.79 6.08
C ALA A 21 -42.98 -24.22 4.88
N GLY A 22 -44.04 -24.95 5.12
CA GLY A 22 -44.74 -25.81 4.18
C GLY A 22 -45.32 -26.98 4.93
N HIS A 23 -44.99 -27.11 6.20
CA HIS A 23 -45.54 -28.19 7.02
C HIS A 23 -46.81 -27.82 7.80
N THR A 24 -47.90 -28.54 7.50
CA THR A 24 -49.22 -28.17 8.00
C THR A 24 -49.27 -28.36 9.51
N LYS A 25 -49.13 -29.62 9.95
CA LYS A 25 -49.10 -29.99 11.37
C LYS A 25 -47.62 -29.92 11.87
N ALA A 26 -47.38 -30.25 13.15
CA ALA A 26 -46.05 -30.07 13.78
C ALA A 26 -44.93 -31.00 13.28
N VAL A 27 -43.69 -30.50 13.25
CA VAL A 27 -42.53 -31.29 12.82
C VAL A 27 -41.90 -32.18 13.91
N SER A 28 -41.49 -33.39 13.52
CA SER A 28 -40.95 -34.36 14.47
C SER A 28 -39.42 -34.50 14.39
N SER A 29 -38.91 -34.90 13.21
CA SER A 29 -37.46 -35.03 13.07
C SER A 29 -36.98 -34.23 11.88
N VAL A 30 -35.68 -33.92 11.89
CA VAL A 30 -34.96 -33.49 10.68
C VAL A 30 -33.57 -34.10 10.66
N LYS A 31 -33.19 -34.70 9.54
CA LYS A 31 -31.88 -35.30 9.40
C LYS A 31 -31.31 -34.91 8.02
N PHE A 32 -30.03 -34.57 8.00
CA PHE A 32 -29.28 -34.19 6.81
C PHE A 32 -28.82 -35.42 6.05
N SER A 33 -28.96 -35.42 4.72
CA SER A 33 -28.41 -36.54 3.92
C SER A 33 -26.88 -36.56 3.89
N PRO A 34 -26.28 -37.77 4.02
CA PRO A 34 -24.83 -37.97 4.13
C PRO A 34 -24.01 -37.26 3.05
N ASN A 35 -24.63 -36.95 1.91
CA ASN A 35 -23.97 -36.23 0.82
C ASN A 35 -23.94 -34.69 1.01
N GLY A 36 -24.54 -34.23 2.11
CA GLY A 36 -24.53 -32.81 2.44
C GLY A 36 -25.10 -32.02 1.29
N GLU A 37 -26.32 -32.37 0.93
CA GLU A 37 -27.07 -31.72 -0.15
C GLU A 37 -28.46 -31.38 0.35
N TRP A 38 -29.16 -32.39 0.85
CA TRP A 38 -30.56 -32.28 1.21
C TRP A 38 -30.78 -32.41 2.70
N LEU A 39 -31.93 -31.90 3.13
CA LEU A 39 -32.46 -32.08 4.48
C LEU A 39 -33.80 -32.78 4.30
N ALA A 40 -34.02 -33.86 5.03
CA ALA A 40 -35.33 -34.52 5.05
C ALA A 40 -36.04 -34.19 6.36
N SER A 41 -37.35 -33.97 6.29
CA SER A 41 -38.14 -33.68 7.49
C SER A 41 -39.45 -34.47 7.58
N SER A 42 -39.79 -34.86 8.80
CA SER A 42 -41.01 -35.59 9.09
C SER A 42 -41.95 -34.74 9.96
N SER A 43 -43.25 -35.00 9.89
CA SER A 43 -44.19 -34.22 10.66
C SER A 43 -45.51 -34.92 10.88
N ALA A 44 -46.25 -34.41 11.87
CA ALA A 44 -47.58 -34.88 12.25
C ALA A 44 -48.57 -34.73 11.09
N ASP A 45 -48.09 -34.16 9.99
CA ASP A 45 -48.89 -34.01 8.79
C ASP A 45 -48.79 -35.26 7.89
N LYS A 46 -48.18 -36.34 8.40
CA LYS A 46 -48.17 -37.62 7.70
C LYS A 46 -47.18 -37.58 6.51
N LEU A 47 -46.36 -36.52 6.47
CA LEU A 47 -45.56 -36.19 5.29
C LEU A 47 -44.06 -36.14 5.54
N ILE A 48 -43.31 -36.25 4.44
CA ILE A 48 -41.86 -36.07 4.44
C ILE A 48 -41.53 -35.02 3.42
N LYS A 49 -40.98 -33.90 3.85
CA LYS A 49 -40.60 -32.87 2.89
C LYS A 49 -39.07 -32.71 2.78
N ILE A 50 -38.60 -32.42 1.57
CA ILE A 50 -37.16 -32.43 1.28
C ILE A 50 -36.67 -31.05 0.87
N TRP A 51 -35.60 -30.59 1.50
CA TRP A 51 -35.12 -29.23 1.29
C TRP A 51 -33.66 -29.16 0.83
N GLY A 52 -33.37 -28.31 -0.16
CA GLY A 52 -31.99 -28.10 -0.54
C GLY A 52 -31.23 -27.60 0.67
N ALA A 53 -30.19 -28.34 1.09
CA ALA A 53 -29.45 -27.99 2.29
C ALA A 53 -28.79 -26.64 2.14
N TYR A 54 -28.35 -26.34 0.94
CA TYR A 54 -27.65 -25.09 0.69
C TYR A 54 -28.61 -23.91 0.52
N ASP A 55 -29.48 -24.02 -0.48
CA ASP A 55 -30.42 -22.97 -0.87
C ASP A 55 -31.64 -22.84 0.07
N GLY A 56 -31.88 -23.85 0.89
CA GLY A 56 -33.04 -23.81 1.76
C GLY A 56 -34.36 -24.06 1.06
N LYS A 57 -34.29 -24.41 -0.22
CA LYS A 57 -35.48 -24.54 -1.05
C LYS A 57 -36.21 -25.91 -0.96
N PHE A 58 -37.54 -25.87 -0.85
CA PHE A 58 -38.35 -27.08 -0.93
C PHE A 58 -38.17 -27.84 -2.22
N GLU A 59 -37.85 -29.13 -2.08
CA GLU A 59 -37.57 -30.00 -3.22
C GLU A 59 -38.75 -30.89 -3.61
N LYS A 60 -39.17 -31.81 -2.71
CA LYS A 60 -40.40 -32.60 -2.95
C LYS A 60 -41.10 -33.11 -1.68
N THR A 61 -42.39 -33.41 -1.83
CA THR A 61 -43.16 -34.07 -0.79
C THR A 61 -43.08 -35.59 -0.97
N ILE A 62 -42.99 -36.30 0.13
CA ILE A 62 -43.10 -37.75 0.10
C ILE A 62 -44.24 -38.11 1.06
N SER A 63 -45.19 -38.92 0.60
CA SER A 63 -46.34 -39.26 1.42
C SER A 63 -46.93 -40.62 1.10
N GLY A 64 -48.07 -40.93 1.73
CA GLY A 64 -48.63 -42.27 1.66
C GLY A 64 -48.51 -43.05 2.94
N HIS A 65 -48.06 -42.38 4.00
CA HIS A 65 -48.21 -42.94 5.33
C HIS A 65 -49.63 -42.68 5.85
N LYS A 66 -50.14 -43.57 6.68
CA LYS A 66 -51.51 -43.40 7.14
C LYS A 66 -51.57 -42.48 8.35
N LEU A 67 -50.44 -42.32 9.03
CA LEU A 67 -50.45 -41.52 10.24
C LEU A 67 -49.15 -40.76 10.43
N GLY A 68 -49.11 -39.98 11.51
CA GLY A 68 -48.00 -39.08 11.74
C GLY A 68 -46.68 -39.80 11.80
N ILE A 69 -45.70 -39.26 11.09
CA ILE A 69 -44.36 -39.81 11.13
C ILE A 69 -43.58 -39.19 12.28
N SER A 70 -43.11 -40.05 13.19
CA SER A 70 -42.32 -39.64 14.36
C SER A 70 -40.83 -39.43 14.06
N ASP A 71 -40.28 -40.19 13.12
CA ASP A 71 -38.86 -40.11 12.77
C ASP A 71 -38.57 -40.46 11.30
N VAL A 72 -37.39 -40.08 10.83
CA VAL A 72 -36.90 -40.53 9.55
C VAL A 72 -35.37 -40.46 9.52
N ALA A 73 -34.73 -41.36 8.78
CA ALA A 73 -33.27 -41.29 8.59
C ALA A 73 -32.86 -41.72 7.20
N TRP A 74 -31.73 -41.16 6.74
CA TRP A 74 -31.17 -41.46 5.43
C TRP A 74 -30.38 -42.76 5.37
N SER A 75 -30.35 -43.39 4.19
CA SER A 75 -29.39 -44.47 3.92
C SER A 75 -28.05 -43.85 3.62
N SER A 76 -26.97 -44.64 3.72
CA SER A 76 -25.60 -44.18 3.42
C SER A 76 -25.36 -43.75 1.96
N ASP A 77 -25.94 -44.50 1.03
CA ASP A 77 -25.77 -44.26 -0.41
C ASP A 77 -26.71 -43.14 -0.85
N SER A 78 -27.34 -42.51 0.13
CA SER A 78 -28.19 -41.34 -0.09
C SER A 78 -29.15 -41.67 -1.21
N ASN A 79 -29.49 -42.95 -1.27
CA ASN A 79 -30.56 -43.48 -2.12
C ASN A 79 -31.94 -43.31 -1.48
N LEU A 80 -32.00 -43.57 -0.17
CA LEU A 80 -33.23 -44.00 0.46
C LEU A 80 -33.55 -43.33 1.80
N LEU A 81 -34.84 -43.22 2.06
CA LEU A 81 -35.34 -42.77 3.36
C LEU A 81 -36.13 -43.90 4.07
N VAL A 82 -35.98 -43.96 5.39
CA VAL A 82 -36.80 -44.84 6.17
C VAL A 82 -37.57 -43.93 7.12
N SER A 83 -38.88 -44.18 7.21
CA SER A 83 -39.79 -43.38 8.02
C SER A 83 -40.60 -44.23 8.98
N ALA A 84 -40.56 -43.86 10.26
CA ALA A 84 -41.27 -44.58 11.31
C ALA A 84 -42.52 -43.83 11.73
N SER A 85 -43.69 -44.47 11.63
CA SER A 85 -44.92 -43.73 11.83
C SER A 85 -45.86 -44.27 12.92
N ASP A 86 -46.94 -43.52 13.13
CA ASP A 86 -47.93 -43.86 14.12
C ASP A 86 -48.80 -44.97 13.59
N ASP A 87 -48.58 -45.32 12.33
CA ASP A 87 -49.47 -46.27 11.68
C ASP A 87 -49.03 -47.72 11.91
N LYS A 88 -48.07 -47.90 12.82
CA LYS A 88 -47.60 -49.25 13.16
C LYS A 88 -46.48 -49.72 12.21
N THR A 89 -46.16 -48.90 11.21
CA THR A 89 -45.24 -49.31 10.16
C THR A 89 -44.08 -48.36 9.86
N LEU A 90 -43.09 -48.92 9.18
CA LEU A 90 -41.98 -48.17 8.63
C LEU A 90 -42.08 -48.20 7.11
N LYS A 91 -41.64 -47.13 6.45
CA LYS A 91 -41.56 -47.15 5.00
C LYS A 91 -40.13 -46.92 4.45
N ILE A 92 -39.82 -47.59 3.34
CA ILE A 92 -38.54 -47.37 2.67
C ILE A 92 -38.75 -46.66 1.34
N TRP A 93 -38.29 -45.43 1.25
CA TRP A 93 -38.60 -44.61 0.09
C TRP A 93 -37.40 -44.45 -0.81
N ASP A 94 -37.58 -44.70 -2.10
CA ASP A 94 -36.54 -44.32 -3.04
C ASP A 94 -36.70 -42.81 -3.23
N VAL A 95 -35.71 -42.06 -2.78
CA VAL A 95 -35.90 -40.64 -2.63
C VAL A 95 -35.87 -39.97 -4.01
N SER A 96 -35.28 -40.64 -5.00
CA SER A 96 -35.18 -40.05 -6.32
C SER A 96 -36.55 -39.88 -6.94
N SER A 97 -37.27 -40.98 -7.05
CA SER A 97 -38.61 -40.94 -7.57
C SER A 97 -39.49 -40.23 -6.55
N GLY A 98 -39.36 -40.67 -5.30
CA GLY A 98 -40.20 -40.20 -4.21
C GLY A 98 -41.21 -41.27 -3.82
N LYS A 99 -41.04 -42.46 -4.40
CA LYS A 99 -42.00 -43.55 -4.18
C LYS A 99 -41.57 -44.59 -3.13
N CYS A 100 -42.56 -45.15 -2.44
CA CYS A 100 -42.31 -46.17 -1.40
C CYS A 100 -41.92 -47.54 -1.98
N LEU A 101 -40.77 -48.06 -1.55
CA LEU A 101 -40.30 -49.35 -2.03
C LEU A 101 -40.94 -50.49 -1.26
N LYS A 102 -40.52 -50.69 -0.02
CA LYS A 102 -41.16 -51.70 0.81
C LYS A 102 -41.86 -51.05 1.99
N THR A 103 -42.85 -51.75 2.53
CA THR A 103 -43.46 -51.34 3.79
C THR A 103 -43.25 -52.44 4.81
N LEU A 104 -42.74 -52.07 5.98
CA LEU A 104 -42.33 -53.04 6.98
C LEU A 104 -43.33 -53.13 8.09
N LYS A 105 -43.89 -54.31 8.24
CA LYS A 105 -44.94 -54.49 9.21
C LYS A 105 -44.53 -55.54 10.25
N GLY A 106 -45.01 -55.38 11.47
CA GLY A 106 -44.55 -56.13 12.64
C GLY A 106 -44.62 -55.50 14.01
N HIS A 107 -45.13 -54.27 14.13
CA HIS A 107 -45.28 -53.71 15.48
C HIS A 107 -46.71 -53.71 16.14
N SER A 108 -46.71 -53.89 17.47
CA SER A 108 -47.90 -53.80 18.33
C SER A 108 -48.43 -52.39 18.26
N ASN A 109 -47.53 -51.43 18.05
CA ASN A 109 -47.87 -50.03 18.29
C ASN A 109 -47.10 -49.04 17.41
N TYR A 110 -47.15 -47.76 17.77
CA TYR A 110 -46.45 -46.75 16.99
C TYR A 110 -44.98 -47.16 16.83
N VAL A 111 -44.40 -46.74 15.70
CA VAL A 111 -42.96 -46.85 15.50
C VAL A 111 -42.32 -45.49 15.74
N PHE A 112 -41.52 -45.38 16.80
CA PHE A 112 -40.96 -44.11 17.26
C PHE A 112 -39.67 -43.67 16.57
N CYS A 113 -38.76 -44.61 16.35
CA CYS A 113 -37.41 -44.24 15.93
C CYS A 113 -36.81 -45.22 14.93
N CYS A 114 -36.03 -44.70 14.02
CA CYS A 114 -35.41 -45.54 13.01
C CYS A 114 -34.06 -44.99 12.61
N ASN A 115 -33.13 -45.90 12.34
CA ASN A 115 -31.84 -45.56 11.79
C ASN A 115 -31.42 -46.73 10.94
N PHE A 116 -30.69 -46.42 9.86
CA PHE A 116 -30.05 -47.42 8.99
C PHE A 116 -28.74 -47.87 9.62
N ASN A 117 -28.27 -49.08 9.26
CA ASN A 117 -26.95 -49.50 9.69
C ASN A 117 -25.89 -48.88 8.79
N PRO A 118 -24.62 -48.85 9.22
CA PRO A 118 -23.66 -48.07 8.43
C PRO A 118 -23.63 -48.61 7.00
N GLN A 119 -23.64 -49.93 6.93
CA GLN A 119 -23.50 -50.69 5.71
C GLN A 119 -24.77 -50.51 4.91
N SER A 120 -25.82 -50.14 5.63
CA SER A 120 -27.11 -49.76 5.06
C SER A 120 -27.93 -50.86 4.39
N ASN A 121 -27.71 -52.13 4.74
CA ASN A 121 -28.59 -53.18 4.23
C ASN A 121 -29.69 -53.48 5.24
N LEU A 122 -29.57 -52.91 6.43
CA LEU A 122 -30.49 -53.22 7.52
C LEU A 122 -31.09 -51.97 8.16
N ILE A 123 -32.24 -52.14 8.81
CA ILE A 123 -32.80 -51.08 9.64
C ILE A 123 -33.19 -51.54 11.03
N VAL A 124 -32.89 -50.71 12.01
CA VAL A 124 -33.30 -50.95 13.39
C VAL A 124 -34.46 -50.00 13.74
N SER A 125 -35.51 -50.54 14.36
CA SER A 125 -36.73 -49.75 14.67
C SER A 125 -37.22 -49.86 16.12
N GLY A 126 -37.28 -48.72 16.82
CA GLY A 126 -37.86 -48.66 18.16
C GLY A 126 -39.36 -48.42 18.13
N SER A 127 -40.09 -49.02 19.07
CA SER A 127 -41.56 -48.99 19.07
C SER A 127 -42.26 -48.90 20.45
N PHE A 128 -43.43 -48.28 20.50
CA PHE A 128 -44.16 -48.14 21.76
C PHE A 128 -44.61 -49.49 22.37
N ASP A 129 -44.36 -50.56 21.61
CA ASP A 129 -44.52 -51.92 22.12
C ASP A 129 -43.20 -52.44 22.71
N GLU A 130 -42.24 -51.53 22.86
CA GLU A 130 -41.06 -51.78 23.65
C GLU A 130 -40.20 -52.84 23.02
N SER A 131 -40.27 -52.95 21.70
CA SER A 131 -39.38 -53.84 20.97
C SER A 131 -38.41 -53.05 20.09
N VAL A 132 -37.23 -53.63 19.90
CA VAL A 132 -36.29 -53.17 18.88
C VAL A 132 -36.24 -54.26 17.82
N ARG A 133 -36.70 -53.96 16.61
CA ARG A 133 -36.76 -54.98 15.55
C ARG A 133 -35.72 -54.69 14.48
N ILE A 134 -35.26 -55.73 13.78
CA ILE A 134 -34.29 -55.53 12.72
C ILE A 134 -34.77 -56.03 11.35
N TRP A 135 -34.51 -55.23 10.32
CA TRP A 135 -35.19 -55.39 9.03
C TRP A 135 -34.26 -55.44 7.83
N ASP A 136 -34.45 -56.45 6.99
CA ASP A 136 -33.67 -56.61 5.77
C ASP A 136 -34.20 -55.69 4.65
N VAL A 137 -33.36 -54.74 4.24
CA VAL A 137 -33.74 -53.66 3.31
C VAL A 137 -34.14 -54.15 1.91
N LYS A 138 -33.67 -55.34 1.55
CA LYS A 138 -34.01 -55.93 0.25
C LYS A 138 -35.34 -56.68 0.34
N THR A 139 -35.36 -57.78 1.09
CA THR A 139 -36.55 -58.59 1.22
C THR A 139 -37.66 -57.76 1.86
N GLY A 140 -37.31 -57.15 2.99
CA GLY A 140 -38.27 -56.34 3.71
C GLY A 140 -38.84 -57.03 4.94
N LYS A 141 -38.45 -58.28 5.12
CA LYS A 141 -38.95 -59.03 6.25
C LYS A 141 -38.16 -58.68 7.50
N CYS A 142 -38.81 -58.84 8.66
CA CYS A 142 -38.20 -58.53 9.94
C CYS A 142 -37.33 -59.72 10.39
N LEU A 143 -36.05 -59.44 10.55
CA LEU A 143 -35.09 -60.48 10.86
C LEU A 143 -35.24 -60.91 12.31
N LYS A 144 -34.87 -60.03 13.23
CA LYS A 144 -34.99 -60.35 14.64
C LYS A 144 -35.79 -59.30 15.39
N THR A 145 -36.28 -59.69 16.57
CA THR A 145 -37.10 -58.85 17.43
C THR A 145 -36.65 -58.96 18.85
N LEU A 146 -36.26 -57.83 19.43
CA LEU A 146 -35.76 -57.82 20.78
C LEU A 146 -36.76 -57.19 21.72
N PRO A 147 -37.20 -57.96 22.72
CA PRO A 147 -37.99 -57.35 23.80
C PRO A 147 -37.03 -56.51 24.65
N ALA A 148 -36.68 -55.33 24.15
CA ALA A 148 -35.59 -54.56 24.73
C ALA A 148 -35.90 -54.04 26.15
N HIS A 149 -37.08 -53.43 26.31
CA HIS A 149 -37.39 -52.75 27.56
C HIS A 149 -38.75 -53.13 28.16
N SER A 150 -38.96 -52.70 29.40
CA SER A 150 -40.24 -52.77 30.05
C SER A 150 -41.03 -51.55 29.61
N ASP A 151 -40.39 -50.71 28.81
CA ASP A 151 -41.02 -49.46 28.36
C ASP A 151 -40.77 -49.13 26.89
N PRO A 152 -41.60 -48.25 26.31
CA PRO A 152 -41.53 -47.76 24.93
C PRO A 152 -40.14 -47.22 24.56
N VAL A 153 -39.72 -47.41 23.31
CA VAL A 153 -38.35 -47.08 22.88
C VAL A 153 -38.27 -45.68 22.27
N SER A 154 -37.43 -44.82 22.85
CA SER A 154 -37.21 -43.46 22.34
C SER A 154 -36.13 -43.31 21.23
N ALA A 155 -35.23 -44.28 21.17
CA ALA A 155 -34.17 -44.21 20.16
C ALA A 155 -33.53 -45.57 19.84
N VAL A 156 -32.92 -45.64 18.65
CA VAL A 156 -32.12 -46.77 18.25
C VAL A 156 -31.02 -46.25 17.34
N HIS A 157 -29.81 -46.78 17.48
CA HIS A 157 -28.74 -46.43 16.55
C HIS A 157 -27.70 -47.57 16.48
N PHE A 158 -26.99 -47.64 15.36
CA PHE A 158 -25.86 -48.56 15.22
C PHE A 158 -24.57 -47.84 15.60
N ASN A 159 -23.45 -48.57 15.58
CA ASN A 159 -22.17 -47.93 15.80
C ASN A 159 -21.44 -47.79 14.47
N ARG A 160 -20.22 -47.26 14.52
CA ARG A 160 -19.42 -47.01 13.31
C ARG A 160 -19.41 -48.18 12.32
N ASP A 161 -19.15 -49.38 12.83
CA ASP A 161 -19.17 -50.60 12.03
C ASP A 161 -20.55 -51.28 11.81
N GLY A 162 -21.48 -51.13 12.75
CA GLY A 162 -22.80 -51.74 12.64
C GLY A 162 -23.00 -53.03 13.42
N SER A 163 -22.07 -53.30 14.33
CA SER A 163 -22.06 -54.46 15.20
C SER A 163 -22.94 -54.27 16.42
N LEU A 164 -23.16 -53.02 16.79
CA LEU A 164 -23.83 -52.67 18.04
C LEU A 164 -25.03 -51.84 17.75
N ILE A 165 -26.07 -52.02 18.55
CA ILE A 165 -27.26 -51.17 18.54
C ILE A 165 -27.56 -50.70 19.95
N VAL A 166 -27.40 -49.40 20.19
CA VAL A 166 -27.84 -48.85 21.45
C VAL A 166 -29.34 -48.58 21.34
N SER A 167 -30.03 -48.70 22.46
CA SER A 167 -31.39 -48.20 22.54
C SER A 167 -31.70 -47.65 23.92
N SER A 168 -32.59 -46.67 23.93
CA SER A 168 -32.97 -45.97 25.15
C SER A 168 -34.46 -46.13 25.38
N SER A 169 -34.91 -45.83 26.58
CA SER A 169 -36.31 -46.03 26.89
C SER A 169 -36.67 -45.18 28.06
N TYR A 170 -37.97 -44.98 28.21
CA TYR A 170 -38.46 -44.23 29.33
C TYR A 170 -38.23 -44.97 30.65
N ASP A 171 -38.01 -46.30 30.60
CA ASP A 171 -37.83 -47.06 31.85
C ASP A 171 -36.54 -46.67 32.58
N GLY A 172 -35.72 -45.85 31.91
CA GLY A 172 -34.49 -45.34 32.47
C GLY A 172 -33.24 -45.97 31.87
N LEU A 173 -33.46 -47.00 31.05
CA LEU A 173 -32.39 -47.93 30.63
C LEU A 173 -31.71 -47.57 29.33
N CYS A 174 -30.42 -47.86 29.25
CA CYS A 174 -29.80 -47.92 27.93
C CYS A 174 -29.23 -49.32 27.69
N ARG A 175 -29.85 -50.07 26.79
CA ARG A 175 -29.33 -51.39 26.48
C ARG A 175 -28.58 -51.37 25.16
N ILE A 176 -27.42 -52.01 25.15
CA ILE A 176 -26.63 -52.10 23.92
C ILE A 176 -26.72 -53.54 23.44
N TRP A 177 -27.02 -53.69 22.15
CA TRP A 177 -27.33 -55.00 21.62
C TRP A 177 -26.32 -55.52 20.61
N ASP A 178 -26.27 -56.84 20.48
CA ASP A 178 -25.43 -57.47 19.50
C ASP A 178 -26.23 -57.71 18.21
N THR A 179 -25.86 -56.96 17.17
CA THR A 179 -26.56 -56.94 15.89
C THR A 179 -26.80 -58.31 15.23
N ALA A 180 -25.78 -59.18 15.23
CA ALA A 180 -25.88 -60.52 14.64
C ALA A 180 -26.52 -61.59 15.53
N SER A 181 -26.22 -61.53 16.82
CA SER A 181 -26.80 -62.49 17.76
C SER A 181 -28.25 -62.13 18.11
N GLY A 182 -28.41 -60.93 18.65
CA GLY A 182 -29.65 -60.49 19.25
C GLY A 182 -29.50 -60.40 20.76
N GLN A 183 -28.30 -60.67 21.29
CA GLN A 183 -28.05 -60.60 22.74
C GLN A 183 -27.80 -59.18 23.27
N CYS A 184 -28.29 -58.92 24.49
CA CYS A 184 -27.98 -57.65 25.14
C CYS A 184 -26.60 -57.78 25.75
N LEU A 185 -25.76 -56.80 25.45
CA LEU A 185 -24.35 -56.90 25.79
C LEU A 185 -24.05 -56.09 27.02
N LYS A 186 -24.29 -54.79 26.94
CA LYS A 186 -24.16 -53.96 28.12
C LYS A 186 -25.44 -53.22 28.44
N THR A 187 -25.49 -52.69 29.64
CA THR A 187 -26.63 -51.92 30.13
C THR A 187 -26.10 -50.76 30.98
N LEU A 188 -26.65 -49.56 30.77
CA LEU A 188 -26.10 -48.38 31.42
C LEU A 188 -27.10 -47.83 32.40
N ILE A 189 -26.81 -47.99 33.69
CA ILE A 189 -27.77 -47.69 34.74
C ILE A 189 -27.25 -46.66 35.75
N ASP A 190 -26.35 -47.11 36.62
CA ASP A 190 -25.58 -46.26 37.55
C ASP A 190 -26.35 -45.16 38.33
N ASP A 191 -27.16 -45.54 39.31
CA ASP A 191 -28.01 -44.63 40.11
C ASP A 191 -29.01 -43.84 39.26
N ASP A 192 -29.20 -42.56 39.57
CA ASP A 192 -30.16 -41.81 38.75
C ASP A 192 -31.50 -42.49 38.67
N ASN A 193 -31.65 -43.07 37.48
CA ASN A 193 -32.89 -43.58 36.89
C ASN A 193 -33.92 -42.56 36.44
N PRO A 194 -33.46 -41.62 35.59
CA PRO A 194 -34.32 -40.72 34.82
C PRO A 194 -34.79 -41.46 33.58
N PRO A 195 -35.87 -40.99 32.94
CA PRO A 195 -36.24 -41.49 31.61
C PRO A 195 -35.24 -41.03 30.55
N VAL A 196 -34.81 -41.93 29.66
CA VAL A 196 -33.83 -41.57 28.64
C VAL A 196 -34.47 -41.40 27.26
N SER A 197 -34.51 -40.14 26.77
CA SER A 197 -35.21 -39.75 25.53
C SER A 197 -34.39 -39.79 24.23
N PHE A 198 -33.09 -40.00 24.32
CA PHE A 198 -32.32 -40.25 23.11
C PHE A 198 -30.97 -40.90 23.38
N VAL A 199 -30.45 -41.61 22.38
CA VAL A 199 -29.04 -42.05 22.36
C VAL A 199 -28.55 -42.19 20.92
N LYS A 200 -27.29 -41.82 20.70
CA LYS A 200 -26.52 -42.35 19.56
C LYS A 200 -25.07 -42.60 19.96
N PHE A 201 -24.48 -43.62 19.36
CA PHE A 201 -23.05 -43.83 19.50
C PHE A 201 -22.36 -42.62 18.90
N SER A 202 -21.13 -42.39 19.35
CA SER A 202 -20.25 -41.36 18.78
C SER A 202 -19.67 -41.87 17.48
N PRO A 203 -19.11 -40.95 16.67
CA PRO A 203 -18.49 -41.23 15.37
C PRO A 203 -17.29 -42.14 15.53
N ASN A 204 -16.53 -41.89 16.60
CA ASN A 204 -15.42 -42.74 17.01
C ASN A 204 -15.95 -43.94 17.80
N GLY A 205 -17.26 -43.92 18.06
CA GLY A 205 -18.01 -45.08 18.53
C GLY A 205 -17.79 -45.50 19.97
N LYS A 206 -16.80 -44.89 20.62
CA LYS A 206 -16.40 -45.39 21.92
C LYS A 206 -17.22 -44.82 23.07
N TYR A 207 -17.86 -43.70 22.81
CA TYR A 207 -18.75 -43.11 23.79
C TYR A 207 -20.14 -42.98 23.21
N ILE A 208 -21.14 -43.14 24.06
CA ILE A 208 -22.51 -43.03 23.61
C ILE A 208 -23.24 -41.92 24.38
N LEU A 209 -24.05 -41.15 23.68
CA LEU A 209 -24.68 -39.96 24.23
C LEU A 209 -26.13 -40.23 24.56
N ALA A 210 -26.57 -39.69 25.69
CA ALA A 210 -27.89 -39.98 26.21
C ALA A 210 -28.57 -38.73 26.75
N ALA A 211 -29.79 -38.50 26.27
CA ALA A 211 -30.61 -37.40 26.71
C ALA A 211 -31.52 -37.89 27.80
N THR A 212 -31.81 -37.07 28.79
CA THR A 212 -32.68 -37.48 29.88
C THR A 212 -33.68 -36.39 30.27
N LEU A 213 -34.75 -36.80 30.93
CA LEU A 213 -35.87 -35.90 31.21
C LEU A 213 -35.71 -35.14 32.52
N ASP A 214 -34.53 -35.27 33.11
CA ASP A 214 -34.08 -34.41 34.22
C ASP A 214 -33.35 -33.14 33.73
N ASN A 215 -33.48 -32.82 32.45
CA ASN A 215 -32.88 -31.61 31.86
C ASN A 215 -31.38 -31.77 31.78
N THR A 216 -31.01 -32.97 31.40
CA THR A 216 -29.63 -33.39 31.41
C THR A 216 -29.20 -33.84 30.02
N LEU A 217 -27.90 -33.87 29.80
CA LEU A 217 -27.30 -34.58 28.67
C LEU A 217 -26.00 -35.28 29.09
N LYS A 218 -25.97 -36.60 28.98
CA LYS A 218 -24.85 -37.35 29.56
C LYS A 218 -24.03 -38.13 28.53
N LEU A 219 -22.71 -38.08 28.69
CA LEU A 219 -21.86 -38.87 27.82
C LEU A 219 -21.30 -40.04 28.62
N TRP A 220 -21.15 -41.16 27.93
CA TRP A 220 -20.82 -42.43 28.55
C TRP A 220 -19.71 -43.14 27.79
N ASP A 221 -18.76 -43.75 28.51
CA ASP A 221 -17.87 -44.70 27.88
C ASP A 221 -18.44 -46.05 28.25
N TYR A 222 -19.02 -46.73 27.28
CA TYR A 222 -19.85 -47.89 27.58
C TYR A 222 -19.03 -49.11 27.87
N SER A 223 -17.91 -49.27 27.18
CA SER A 223 -17.00 -50.35 27.49
C SER A 223 -16.72 -50.35 29.00
N LYS A 224 -16.37 -49.17 29.51
CA LYS A 224 -16.12 -48.98 30.95
C LYS A 224 -17.42 -48.85 31.77
N GLY A 225 -18.56 -48.75 31.08
CA GLY A 225 -19.82 -48.59 31.75
C GLY A 225 -19.81 -47.47 32.78
N LYS A 226 -19.41 -46.25 32.38
CA LYS A 226 -19.58 -45.09 33.26
C LYS A 226 -19.71 -43.74 32.53
N CYS A 227 -20.50 -42.86 33.13
CA CYS A 227 -20.66 -41.48 32.67
C CYS A 227 -19.32 -40.73 32.78
N LEU A 228 -19.00 -39.92 31.78
CA LEU A 228 -17.83 -39.05 31.83
C LEU A 228 -18.24 -37.65 32.21
N LYS A 229 -18.97 -37.02 31.32
CA LYS A 229 -19.33 -35.62 31.50
C LYS A 229 -20.84 -35.43 31.34
N THR A 230 -21.35 -34.34 31.89
CA THR A 230 -22.78 -34.05 31.82
C THR A 230 -23.04 -32.56 31.51
N TYR A 231 -24.02 -32.29 30.65
CA TYR A 231 -24.31 -30.93 30.21
C TYR A 231 -25.71 -30.51 30.62
N THR A 232 -25.88 -29.28 31.11
CA THR A 232 -27.21 -28.80 31.51
C THR A 232 -27.57 -27.40 31.01
N GLY A 233 -28.73 -26.94 31.48
CA GLY A 233 -29.24 -25.61 31.23
C GLY A 233 -30.39 -25.55 30.22
N HIS A 234 -30.46 -26.53 29.32
CA HIS A 234 -31.58 -26.59 28.39
C HIS A 234 -32.77 -27.18 29.12
N LYS A 235 -33.99 -26.91 28.67
CA LYS A 235 -35.15 -27.53 29.30
C LYS A 235 -35.65 -28.76 28.52
N ASN A 236 -35.45 -29.93 29.11
CA ASN A 236 -35.96 -31.15 28.54
C ASN A 236 -36.69 -31.90 29.64
N GLU A 237 -38.02 -31.93 29.58
CA GLU A 237 -38.81 -32.62 30.59
C GLU A 237 -39.84 -33.52 29.94
N LYS A 238 -40.64 -32.90 29.07
CA LYS A 238 -41.70 -33.57 28.29
C LYS A 238 -41.23 -34.31 27.04
N TYR A 239 -40.68 -33.57 26.10
CA TYR A 239 -40.41 -34.12 24.77
C TYR A 239 -39.09 -34.91 24.65
N CYS A 240 -39.06 -35.91 23.76
CA CYS A 240 -37.81 -36.62 23.47
C CYS A 240 -37.12 -35.90 22.32
N ILE A 241 -36.03 -35.22 22.65
CA ILE A 241 -35.49 -34.23 21.75
C ILE A 241 -34.10 -34.65 21.30
N PHE A 242 -33.90 -34.66 19.97
CA PHE A 242 -32.68 -35.19 19.38
C PHE A 242 -31.45 -34.50 19.94
N ALA A 243 -30.35 -35.26 20.02
CA ALA A 243 -29.07 -34.75 20.47
C ALA A 243 -27.97 -35.09 19.45
N ASN A 244 -27.24 -34.08 19.03
CA ASN A 244 -26.21 -34.26 18.00
C ASN A 244 -24.78 -34.06 18.49
N PHE A 245 -23.85 -34.77 17.84
CA PHE A 245 -22.42 -34.43 17.85
C PHE A 245 -22.10 -33.43 16.71
N SER A 246 -21.35 -32.35 16.98
CA SER A 246 -20.86 -31.50 15.88
C SER A 246 -19.37 -31.67 15.64
N VAL A 247 -19.03 -32.34 14.54
CA VAL A 247 -17.66 -32.69 14.24
C VAL A 247 -16.96 -31.70 13.33
N THR A 248 -17.71 -30.75 12.75
CA THR A 248 -17.18 -30.10 11.56
C THR A 248 -16.14 -29.03 11.89
N GLY A 249 -16.58 -27.83 12.25
CA GLY A 249 -15.60 -26.85 12.68
C GLY A 249 -15.10 -27.08 14.09
N GLY A 250 -15.99 -26.91 15.05
CA GLY A 250 -15.65 -27.06 16.43
C GLY A 250 -16.26 -28.35 16.88
N LYS A 251 -15.88 -28.81 18.06
CA LYS A 251 -16.42 -30.07 18.55
C LYS A 251 -17.43 -29.81 19.69
N TRP A 252 -18.73 -29.96 19.38
CA TRP A 252 -19.79 -29.49 20.26
C TRP A 252 -20.82 -30.54 20.55
N ILE A 253 -21.64 -30.27 21.56
CA ILE A 253 -22.90 -30.95 21.75
C ILE A 253 -24.01 -30.00 21.28
N VAL A 254 -24.90 -30.49 20.42
CA VAL A 254 -26.01 -29.67 19.92
C VAL A 254 -27.38 -30.33 20.20
N SER A 255 -28.27 -29.61 20.87
CA SER A 255 -29.58 -30.14 21.20
C SER A 255 -30.70 -29.11 21.09
N GLY A 256 -31.93 -29.57 20.87
CA GLY A 256 -33.07 -28.68 20.97
C GLY A 256 -33.39 -28.41 22.43
N SER A 257 -34.45 -27.67 22.69
CA SER A 257 -34.84 -27.36 24.07
C SER A 257 -36.31 -26.98 24.16
N GLU A 258 -36.88 -27.07 25.36
CA GLU A 258 -38.31 -26.79 25.59
C GLU A 258 -38.58 -25.35 26.03
N ASP A 259 -37.50 -24.57 26.13
CA ASP A 259 -37.58 -23.11 26.27
C ASP A 259 -37.48 -22.36 24.91
N ASN A 260 -37.53 -23.13 23.81
CA ASN A 260 -37.41 -22.61 22.44
C ASN A 260 -36.02 -22.18 21.95
N LEU A 261 -34.97 -22.74 22.53
CA LEU A 261 -33.62 -22.41 22.11
C LEU A 261 -32.85 -23.64 21.64
N VAL A 262 -31.87 -23.40 20.76
CA VAL A 262 -30.96 -24.48 20.38
C VAL A 262 -29.68 -24.34 21.21
N TYR A 263 -29.29 -25.40 21.90
CA TYR A 263 -28.16 -25.35 22.81
C TYR A 263 -26.88 -26.00 22.26
N ILE A 264 -25.75 -25.30 22.43
CA ILE A 264 -24.46 -25.82 22.01
C ILE A 264 -23.46 -25.77 23.18
N TRP A 265 -22.94 -26.92 23.58
CA TRP A 265 -21.98 -27.00 24.68
C TRP A 265 -20.58 -27.30 24.18
N ASN A 266 -19.60 -26.74 24.86
CA ASN A 266 -18.25 -27.24 24.72
C ASN A 266 -18.29 -28.70 25.15
N LEU A 267 -17.78 -29.57 24.29
CA LEU A 267 -17.78 -31.00 24.59
C LEU A 267 -16.83 -31.34 25.75
N GLN A 268 -15.72 -30.63 25.83
CA GLN A 268 -14.79 -30.81 26.94
C GLN A 268 -15.27 -30.07 28.21
N THR A 269 -15.43 -28.76 28.14
CA THR A 269 -15.71 -27.96 29.33
C THR A 269 -17.17 -27.93 29.77
N LYS A 270 -18.03 -28.60 29.02
CA LYS A 270 -19.37 -28.95 29.47
C LYS A 270 -20.30 -27.76 29.67
N GLU A 271 -19.75 -26.56 29.79
CA GLU A 271 -20.60 -25.37 29.84
C GLU A 271 -20.89 -24.79 28.44
N ILE A 272 -22.00 -24.06 28.33
CA ILE A 272 -22.55 -23.61 27.05
C ILE A 272 -21.75 -22.53 26.31
N VAL A 273 -21.42 -22.83 25.05
CA VAL A 273 -20.77 -21.86 24.18
C VAL A 273 -21.73 -20.87 23.50
N GLN A 274 -22.85 -21.35 22.96
CA GLN A 274 -23.81 -20.45 22.31
C GLN A 274 -25.23 -21.01 22.28
N LYS A 275 -26.22 -20.12 22.36
CA LYS A 275 -27.63 -20.51 22.13
C LYS A 275 -28.33 -19.67 21.03
N LEU A 276 -29.20 -20.34 20.25
CA LEU A 276 -29.86 -19.70 19.10
C LEU A 276 -31.35 -19.44 19.33
N GLN A 277 -31.81 -18.26 18.94
CA GLN A 277 -33.20 -17.88 19.19
C GLN A 277 -33.93 -17.51 17.89
N GLY A 278 -35.22 -17.19 18.01
CA GLY A 278 -36.03 -16.90 16.84
C GLY A 278 -37.01 -18.01 16.59
N HIS A 279 -36.87 -19.11 17.33
CA HIS A 279 -37.89 -20.17 17.27
C HIS A 279 -39.04 -19.89 18.23
N THR A 280 -40.26 -19.91 17.70
CA THR A 280 -41.42 -19.41 18.41
C THR A 280 -42.08 -20.52 19.19
N ASP A 281 -41.47 -21.69 19.15
CA ASP A 281 -41.94 -22.85 19.94
C ASP A 281 -40.77 -23.73 20.40
N VAL A 282 -41.10 -24.92 20.89
CA VAL A 282 -40.11 -25.85 21.40
C VAL A 282 -39.32 -26.47 20.24
N VAL A 283 -38.05 -26.82 20.48
CA VAL A 283 -37.23 -27.45 19.45
C VAL A 283 -37.16 -28.96 19.67
N ILE A 284 -37.80 -29.72 18.80
CA ILE A 284 -37.79 -31.18 18.88
C ILE A 284 -36.62 -31.92 18.20
N SER A 285 -36.05 -31.31 17.17
CA SER A 285 -35.00 -31.96 16.37
C SER A 285 -33.91 -31.02 15.84
N THR A 286 -32.67 -31.47 15.91
CA THR A 286 -31.56 -30.75 15.34
C THR A 286 -30.75 -31.72 14.49
N ALA A 287 -30.01 -31.20 13.53
CA ALA A 287 -29.16 -32.03 12.68
C ALA A 287 -27.96 -31.23 12.20
N CYS A 288 -26.79 -31.88 12.07
CA CYS A 288 -25.63 -31.14 11.58
C CYS A 288 -25.21 -31.58 10.20
N HIS A 289 -24.73 -30.62 9.41
CA HIS A 289 -24.26 -30.92 8.06
C HIS A 289 -23.02 -31.80 8.17
N PRO A 290 -22.87 -32.71 7.21
CA PRO A 290 -21.73 -33.61 7.22
C PRO A 290 -20.43 -32.85 6.92
N THR A 291 -20.53 -31.86 6.05
CA THR A 291 -19.36 -31.21 5.49
C THR A 291 -19.15 -29.80 6.04
N GLU A 292 -20.07 -28.87 5.72
CA GLU A 292 -19.99 -27.49 6.20
C GLU A 292 -20.49 -27.39 7.65
N ASN A 293 -20.55 -26.17 8.17
CA ASN A 293 -21.08 -25.99 9.50
C ASN A 293 -22.50 -25.46 9.40
N ILE A 294 -23.46 -26.36 9.54
CA ILE A 294 -24.85 -25.97 9.52
C ILE A 294 -25.64 -26.78 10.54
N ILE A 295 -26.33 -26.07 11.41
CA ILE A 295 -27.35 -26.71 12.20
C ILE A 295 -28.68 -26.45 11.49
N ALA A 296 -29.49 -27.49 11.39
CA ALA A 296 -30.89 -27.34 11.03
C ALA A 296 -31.71 -27.63 12.30
N SER A 297 -32.76 -26.86 12.52
CA SER A 297 -33.60 -27.15 13.67
C SER A 297 -35.07 -27.02 13.29
N ALA A 298 -35.93 -27.88 13.88
CA ALA A 298 -37.38 -27.81 13.68
C ALA A 298 -38.16 -27.69 14.99
N ALA A 299 -39.33 -27.07 14.94
CA ALA A 299 -40.12 -26.76 16.13
C ALA A 299 -41.57 -27.20 16.02
N LEU A 300 -42.26 -27.19 17.15
CA LEU A 300 -43.59 -27.80 17.23
C LEU A 300 -44.64 -26.84 16.68
N GLU A 301 -45.91 -27.23 16.75
CA GLU A 301 -46.95 -26.58 15.92
C GLU A 301 -47.17 -25.08 16.07
N ASN A 302 -46.62 -24.48 17.12
CA ASN A 302 -46.74 -23.04 17.26
C ASN A 302 -45.68 -22.33 16.42
N ASP A 303 -44.93 -23.13 15.69
CA ASP A 303 -43.87 -22.62 14.82
C ASP A 303 -44.04 -23.23 13.43
N LYS A 304 -43.90 -24.54 13.36
CA LYS A 304 -43.95 -25.32 12.12
C LYS A 304 -42.83 -24.98 11.13
N THR A 305 -41.72 -24.44 11.62
CA THR A 305 -40.60 -24.09 10.73
C THR A 305 -39.28 -24.78 11.08
N ILE A 306 -38.54 -25.14 10.04
CA ILE A 306 -37.16 -25.59 10.13
C ILE A 306 -36.26 -24.38 9.88
N LYS A 307 -35.45 -24.01 10.88
CA LYS A 307 -34.48 -22.94 10.68
C LYS A 307 -33.08 -23.51 10.41
N LEU A 308 -32.34 -22.83 9.54
CA LEU A 308 -31.01 -23.24 9.07
C LEU A 308 -29.95 -22.27 9.57
N TRP A 309 -28.83 -22.81 10.06
CA TRP A 309 -27.84 -21.97 10.73
C TRP A 309 -26.42 -22.25 10.30
N LYS A 310 -25.68 -21.21 9.92
CA LYS A 310 -24.29 -21.40 9.49
C LYS A 310 -23.29 -20.71 10.42
N SER A 311 -22.12 -21.32 10.58
CA SER A 311 -21.03 -20.73 11.35
C SER A 311 -19.64 -20.83 10.65
N ASP A 312 -18.73 -19.96 11.08
CA ASP A 312 -17.34 -20.03 10.64
C ASP A 312 -16.46 -21.01 11.44
N CYS A 313 -16.84 -21.25 12.70
CA CYS A 313 -16.26 -22.35 13.50
C CYS A 313 -17.39 -23.24 14.02
N VAL B 10 -48.42 -38.06 -18.64
CA VAL B 10 -48.02 -38.49 -19.99
C VAL B 10 -47.88 -37.33 -20.97
N LYS B 11 -48.83 -36.40 -20.92
CA LYS B 11 -48.65 -35.09 -21.54
C LYS B 11 -49.33 -34.00 -20.73
N PRO B 12 -48.67 -32.86 -20.58
CA PRO B 12 -49.24 -31.72 -19.85
C PRO B 12 -50.20 -30.95 -20.74
N ASN B 13 -51.23 -30.35 -20.15
CA ASN B 13 -52.03 -29.39 -20.89
C ASN B 13 -51.90 -28.01 -20.25
N TYR B 14 -51.21 -27.11 -20.91
CA TYR B 14 -51.07 -25.77 -20.35
C TYR B 14 -52.13 -24.82 -20.87
N ALA B 15 -52.72 -24.06 -19.95
CA ALA B 15 -53.77 -23.14 -20.28
C ALA B 15 -53.32 -21.72 -20.03
N LEU B 16 -53.53 -20.85 -21.01
CA LEU B 16 -53.32 -19.44 -20.76
C LEU B 16 -54.29 -18.98 -19.69
N LYS B 17 -53.76 -18.38 -18.63
CA LYS B 17 -54.59 -17.87 -17.54
C LYS B 17 -54.55 -16.36 -17.54
N PHE B 18 -53.36 -15.80 -17.38
CA PHE B 18 -53.17 -14.35 -17.42
C PHE B 18 -52.18 -13.85 -18.50
N THR B 19 -52.48 -12.67 -19.04
CA THR B 19 -51.55 -11.93 -19.84
C THR B 19 -51.35 -10.61 -19.12
N LEU B 20 -50.11 -10.18 -18.95
CA LEU B 20 -49.83 -8.97 -18.19
C LEU B 20 -48.94 -8.03 -18.98
N ALA B 21 -49.32 -6.77 -19.08
CA ALA B 21 -48.46 -5.75 -19.72
C ALA B 21 -48.46 -4.43 -18.96
N GLY B 22 -47.29 -3.96 -18.57
CA GLY B 22 -46.99 -2.57 -18.24
C GLY B 22 -45.70 -2.10 -18.86
N HIS B 23 -45.09 -2.97 -19.67
CA HIS B 23 -43.71 -2.77 -20.07
C HIS B 23 -43.59 -2.01 -21.37
N THR B 24 -43.04 -0.80 -21.29
CA THR B 24 -42.93 0.10 -22.44
C THR B 24 -42.11 -0.51 -23.58
N LYS B 25 -40.80 -0.69 -23.39
CA LYS B 25 -39.98 -1.34 -24.41
C LYS B 25 -40.02 -2.87 -24.20
N ALA B 26 -39.23 -3.61 -24.95
CA ALA B 26 -39.26 -5.09 -24.96
C ALA B 26 -38.69 -5.80 -23.70
N VAL B 27 -39.28 -6.96 -23.37
CA VAL B 27 -38.86 -7.75 -22.19
C VAL B 27 -37.69 -8.72 -22.41
N SER B 28 -36.79 -8.78 -21.43
CA SER B 28 -35.58 -9.60 -21.56
C SER B 28 -35.65 -10.92 -20.81
N SER B 29 -35.83 -10.85 -19.49
CA SER B 29 -35.92 -12.07 -18.72
C SER B 29 -37.18 -12.04 -17.87
N VAL B 30 -37.63 -13.23 -17.45
CA VAL B 30 -38.58 -13.39 -16.32
C VAL B 30 -38.17 -14.58 -15.46
N LYS B 31 -38.09 -14.37 -14.15
CA LYS B 31 -37.73 -15.45 -13.25
C LYS B 31 -38.70 -15.41 -12.05
N PHE B 32 -39.13 -16.61 -11.63
CA PHE B 32 -40.04 -16.81 -10.50
C PHE B 32 -39.31 -16.79 -9.16
N SER B 33 -39.83 -16.09 -8.17
CA SER B 33 -39.20 -16.12 -6.84
C SER B 33 -39.35 -17.48 -6.14
N PRO B 34 -38.26 -17.97 -5.49
CA PRO B 34 -38.18 -19.31 -4.88
C PRO B 34 -39.35 -19.64 -3.94
N ASN B 35 -40.04 -18.62 -3.43
CA ASN B 35 -41.19 -18.79 -2.55
C ASN B 35 -42.50 -19.03 -3.33
N GLY B 36 -42.43 -19.02 -4.65
CA GLY B 36 -43.60 -19.25 -5.46
C GLY B 36 -44.71 -18.29 -5.11
N GLU B 37 -44.40 -17.01 -5.19
CA GLU B 37 -45.35 -15.93 -4.92
C GLU B 37 -45.34 -14.91 -6.05
N TRP B 38 -44.15 -14.39 -6.34
CA TRP B 38 -43.96 -13.32 -7.29
C TRP B 38 -43.20 -13.75 -8.55
N LEU B 39 -43.37 -12.95 -9.59
CA LEU B 39 -42.62 -13.06 -10.82
C LEU B 39 -41.90 -11.74 -10.97
N ALA B 40 -40.60 -11.76 -11.22
CA ALA B 40 -39.89 -10.53 -11.56
C ALA B 40 -39.56 -10.53 -13.05
N SER B 41 -39.55 -9.34 -13.63
CA SER B 41 -39.29 -9.16 -15.06
C SER B 41 -38.37 -7.97 -15.37
N SER B 42 -37.57 -8.13 -16.40
CA SER B 42 -36.64 -7.09 -16.80
C SER B 42 -36.94 -6.75 -18.23
N SER B 43 -36.58 -5.53 -18.61
CA SER B 43 -36.91 -5.04 -19.94
C SER B 43 -36.03 -3.88 -20.42
N ALA B 44 -36.03 -3.71 -21.75
CA ALA B 44 -35.31 -2.64 -22.43
C ALA B 44 -35.80 -1.27 -21.97
N ASP B 45 -36.80 -1.27 -21.10
CA ASP B 45 -37.34 -0.05 -20.54
C ASP B 45 -36.58 0.36 -19.25
N LYS B 46 -35.46 -0.32 -19.00
CA LYS B 46 -34.56 0.04 -17.89
C LYS B 46 -35.21 -0.23 -16.57
N LEU B 47 -36.21 -1.12 -16.59
CA LEU B 47 -37.09 -1.37 -15.43
C LEU B 47 -37.18 -2.84 -14.99
N ILE B 48 -37.58 -3.02 -13.73
CA ILE B 48 -37.93 -4.32 -13.19
C ILE B 48 -39.37 -4.23 -12.67
N LYS B 49 -40.27 -5.01 -13.25
CA LYS B 49 -41.63 -5.06 -12.74
C LYS B 49 -42.00 -6.40 -12.05
N ILE B 50 -42.77 -6.31 -10.95
CA ILE B 50 -43.03 -7.46 -10.08
C ILE B 50 -44.51 -7.85 -10.11
N TRP B 51 -44.79 -9.12 -10.35
CA TRP B 51 -46.17 -9.55 -10.55
C TRP B 51 -46.56 -10.68 -9.60
N GLY B 52 -47.72 -10.57 -8.97
CA GLY B 52 -48.22 -11.67 -8.16
C GLY B 52 -48.31 -12.92 -9.02
N ALA B 53 -47.64 -13.98 -8.59
CA ALA B 53 -47.53 -15.20 -9.39
C ALA B 53 -48.90 -15.82 -9.56
N TYR B 54 -49.72 -15.69 -8.53
CA TYR B 54 -51.01 -16.36 -8.52
C TYR B 54 -52.03 -15.57 -9.29
N ASP B 55 -52.22 -14.33 -8.82
CA ASP B 55 -53.23 -13.39 -9.35
C ASP B 55 -52.83 -12.72 -10.67
N GLY B 56 -51.55 -12.73 -11.00
CA GLY B 56 -51.12 -12.07 -12.22
C GLY B 56 -51.08 -10.56 -12.12
N LYS B 57 -51.26 -10.04 -10.91
CA LYS B 57 -51.34 -8.60 -10.71
C LYS B 57 -49.99 -7.87 -10.54
N PHE B 58 -49.81 -6.75 -11.23
CA PHE B 58 -48.64 -5.89 -11.01
C PHE B 58 -48.49 -5.41 -9.57
N GLU B 59 -47.31 -5.61 -9.01
CA GLU B 59 -47.01 -5.33 -7.60
C GLU B 59 -46.26 -3.98 -7.47
N LYS B 60 -45.00 -3.91 -7.91
CA LYS B 60 -44.27 -2.64 -8.00
C LYS B 60 -43.25 -2.54 -9.13
N THR B 61 -42.86 -1.30 -9.43
CA THR B 61 -41.74 -1.02 -10.35
C THR B 61 -40.44 -0.86 -9.55
N ILE B 62 -39.36 -1.41 -10.10
CA ILE B 62 -38.02 -1.17 -9.55
C ILE B 62 -37.12 -0.56 -10.62
N SER B 63 -36.52 0.59 -10.33
CA SER B 63 -35.79 1.30 -11.37
C SER B 63 -34.61 2.10 -10.81
N GLY B 64 -33.95 2.85 -11.69
CA GLY B 64 -32.70 3.50 -11.34
C GLY B 64 -31.48 2.88 -11.99
N HIS B 65 -31.71 1.98 -12.94
CA HIS B 65 -30.66 1.60 -13.88
C HIS B 65 -30.56 2.64 -14.99
N LYS B 66 -29.36 2.83 -15.51
CA LYS B 66 -29.20 3.84 -16.55
C LYS B 66 -29.55 3.29 -17.92
N LEU B 67 -29.55 1.96 -18.07
CA LEU B 67 -29.76 1.37 -19.37
C LEU B 67 -30.50 0.06 -19.28
N GLY B 68 -30.80 -0.51 -20.44
CA GLY B 68 -31.62 -1.70 -20.50
C GLY B 68 -31.09 -2.87 -19.69
N ILE B 69 -31.97 -3.47 -18.91
CA ILE B 69 -31.60 -4.66 -18.16
C ILE B 69 -31.79 -5.92 -19.00
N SER B 70 -30.70 -6.64 -19.20
CA SER B 70 -30.70 -7.87 -19.98
C SER B 70 -31.18 -9.09 -19.16
N ASP B 71 -30.88 -9.12 -17.86
CA ASP B 71 -31.23 -10.25 -16.99
C ASP B 71 -31.52 -9.85 -15.52
N VAL B 72 -32.18 -10.75 -14.79
CA VAL B 72 -32.39 -10.60 -13.37
C VAL B 72 -32.60 -11.98 -12.73
N ALA B 73 -32.09 -12.17 -11.51
CA ALA B 73 -32.42 -13.38 -10.75
C ALA B 73 -32.67 -13.10 -9.27
N TRP B 74 -33.51 -13.94 -8.66
CA TRP B 74 -33.81 -13.85 -7.24
C TRP B 74 -32.73 -14.44 -6.33
N SER B 75 -32.60 -13.91 -5.11
CA SER B 75 -31.84 -14.55 -4.04
C SER B 75 -32.68 -15.69 -3.46
N SER B 76 -32.04 -16.62 -2.73
CA SER B 76 -32.74 -17.75 -2.14
C SER B 76 -33.73 -17.37 -1.04
N ASP B 77 -33.35 -16.41 -0.22
CA ASP B 77 -34.16 -15.96 0.92
C ASP B 77 -35.25 -15.02 0.42
N SER B 78 -35.36 -14.92 -0.90
CA SER B 78 -36.41 -14.15 -1.56
C SER B 78 -36.47 -12.76 -0.94
N ASN B 79 -35.30 -12.32 -0.51
CA ASN B 79 -35.06 -10.97 -0.06
C ASN B 79 -34.82 -10.01 -1.25
N LEU B 80 -34.06 -10.50 -2.22
CA LEU B 80 -33.27 -9.64 -3.09
C LEU B 80 -33.29 -10.01 -4.56
N LEU B 81 -33.15 -8.98 -5.40
CA LEU B 81 -32.98 -9.12 -6.84
C LEU B 81 -31.63 -8.59 -7.30
N VAL B 82 -31.04 -9.29 -8.25
CA VAL B 82 -29.82 -8.82 -8.87
C VAL B 82 -30.19 -8.63 -10.34
N SER B 83 -29.79 -7.49 -10.89
CA SER B 83 -30.12 -7.11 -12.26
C SER B 83 -28.85 -6.75 -13.01
N ALA B 84 -28.66 -7.37 -14.16
CA ALA B 84 -27.51 -7.14 -15.05
C ALA B 84 -27.88 -6.26 -16.25
N SER B 85 -27.21 -5.12 -16.40
CA SER B 85 -27.67 -4.14 -17.39
C SER B 85 -26.66 -3.72 -18.45
N ASP B 86 -27.12 -2.91 -19.39
CA ASP B 86 -26.29 -2.42 -20.48
C ASP B 86 -25.44 -1.30 -19.99
N ASP B 87 -25.66 -0.90 -18.74
CA ASP B 87 -24.95 0.25 -18.18
C ASP B 87 -23.60 -0.13 -17.54
N LYS B 88 -23.17 -1.37 -17.79
CA LYS B 88 -21.86 -1.82 -17.34
C LYS B 88 -21.94 -2.36 -15.91
N THR B 89 -23.13 -2.24 -15.31
CA THR B 89 -23.26 -2.59 -13.91
C THR B 89 -24.36 -3.60 -13.55
N LEU B 90 -24.23 -4.15 -12.35
CA LEU B 90 -25.25 -4.97 -11.73
C LEU B 90 -25.83 -4.20 -10.56
N LYS B 91 -27.09 -4.43 -10.25
CA LYS B 91 -27.65 -3.87 -9.03
C LYS B 91 -28.23 -4.92 -8.04
N ILE B 92 -28.10 -4.65 -6.75
CA ILE B 92 -28.72 -5.52 -5.75
C ILE B 92 -29.91 -4.83 -5.05
N TRP B 93 -31.10 -5.32 -5.29
CA TRP B 93 -32.26 -4.61 -4.84
C TRP B 93 -32.88 -5.32 -3.66
N ASP B 94 -33.16 -4.59 -2.58
CA ASP B 94 -34.00 -5.16 -1.53
C ASP B 94 -35.41 -5.04 -2.07
N VAL B 95 -36.03 -6.18 -2.32
CA VAL B 95 -37.28 -6.21 -3.06
C VAL B 95 -38.45 -5.73 -2.20
N SER B 96 -38.29 -5.78 -0.88
CA SER B 96 -39.37 -5.30 -0.02
C SER B 96 -39.63 -3.81 -0.18
N SER B 97 -38.60 -3.01 0.02
CA SER B 97 -38.68 -1.57 -0.17
C SER B 97 -38.83 -1.30 -1.65
N GLY B 98 -37.95 -1.92 -2.44
CA GLY B 98 -37.82 -1.66 -3.85
C GLY B 98 -36.57 -0.84 -4.15
N LYS B 99 -35.74 -0.65 -3.13
CA LYS B 99 -34.58 0.22 -3.27
C LYS B 99 -33.28 -0.53 -3.49
N CYS B 100 -32.36 0.11 -4.22
CA CYS B 100 -31.06 -0.49 -4.56
C CYS B 100 -30.09 -0.47 -3.37
N LEU B 101 -29.59 -1.66 -3.01
CA LEU B 101 -28.64 -1.77 -1.92
C LEU B 101 -27.21 -1.45 -2.33
N LYS B 102 -26.58 -2.34 -3.10
CA LYS B 102 -25.26 -2.01 -3.62
C LYS B 102 -25.33 -1.93 -5.14
N THR B 103 -24.37 -1.22 -5.74
CA THR B 103 -24.13 -1.26 -7.18
C THR B 103 -22.72 -1.78 -7.46
N LEU B 104 -22.65 -2.77 -8.35
CA LEU B 104 -21.44 -3.52 -8.56
C LEU B 104 -20.82 -3.10 -9.85
N LYS B 105 -19.62 -2.55 -9.75
CA LYS B 105 -18.95 -2.03 -10.92
C LYS B 105 -17.62 -2.78 -11.16
N GLY B 106 -17.24 -2.89 -12.43
CA GLY B 106 -16.14 -3.73 -12.86
C GLY B 106 -16.15 -4.30 -14.27
N HIS B 107 -17.16 -4.01 -15.07
CA HIS B 107 -17.11 -4.53 -16.43
C HIS B 107 -16.67 -3.55 -17.57
N SER B 108 -15.95 -4.10 -18.58
CA SER B 108 -15.60 -3.40 -19.83
C SER B 108 -16.89 -3.01 -20.56
N ASN B 109 -17.94 -3.80 -20.40
CA ASN B 109 -19.06 -3.71 -21.33
C ASN B 109 -20.38 -4.12 -20.68
N TYR B 110 -21.42 -4.34 -21.49
CA TYR B 110 -22.71 -4.73 -20.96
C TYR B 110 -22.57 -5.93 -20.05
N VAL B 111 -23.46 -5.99 -19.07
CA VAL B 111 -23.59 -7.17 -18.26
C VAL B 111 -24.82 -7.97 -18.74
N PHE B 112 -24.57 -9.17 -19.27
CA PHE B 112 -25.59 -9.99 -19.91
C PHE B 112 -26.41 -10.88 -18.98
N CYS B 113 -25.74 -11.54 -18.04
CA CYS B 113 -26.39 -12.59 -17.27
C CYS B 113 -25.97 -12.57 -15.81
N CYS B 114 -26.89 -12.92 -14.93
CA CYS B 114 -26.59 -12.97 -13.50
C CYS B 114 -27.38 -14.09 -12.85
N ASN B 115 -26.78 -14.70 -11.83
CA ASN B 115 -27.45 -15.66 -11.00
C ASN B 115 -26.79 -15.56 -9.64
N PHE B 116 -27.57 -15.76 -8.58
CA PHE B 116 -27.05 -15.89 -7.22
C PHE B 116 -26.52 -17.31 -6.96
N ASN B 117 -25.65 -17.45 -5.98
CA ASN B 117 -25.23 -18.79 -5.58
C ASN B 117 -26.29 -19.41 -4.67
N PRO B 118 -26.24 -20.74 -4.48
CA PRO B 118 -27.38 -21.32 -3.75
C PRO B 118 -27.46 -20.67 -2.37
N GLN B 119 -26.27 -20.57 -1.78
CA GLN B 119 -26.10 -20.08 -0.43
C GLN B 119 -26.44 -18.60 -0.41
N SER B 120 -26.40 -18.01 -1.60
CA SER B 120 -26.82 -16.63 -1.85
C SER B 120 -26.00 -15.50 -1.22
N ASN B 121 -24.74 -15.74 -0.88
CA ASN B 121 -23.88 -14.65 -0.43
C ASN B 121 -23.08 -14.11 -1.57
N LEU B 122 -23.11 -14.80 -2.70
CA LEU B 122 -22.31 -14.41 -3.86
C LEU B 122 -23.14 -14.23 -5.14
N ILE B 123 -22.58 -13.47 -6.08
CA ILE B 123 -23.15 -13.42 -7.43
C ILE B 123 -22.10 -13.64 -8.52
N VAL B 124 -22.52 -14.39 -9.53
CA VAL B 124 -21.72 -14.60 -10.73
C VAL B 124 -22.34 -13.80 -11.88
N SER B 125 -21.49 -13.10 -12.65
CA SER B 125 -21.97 -12.22 -13.71
C SER B 125 -21.24 -12.39 -15.05
N GLY B 126 -21.99 -12.73 -16.11
CA GLY B 126 -21.46 -12.77 -17.47
C GLY B 126 -21.51 -11.43 -18.20
N SER B 127 -20.49 -11.14 -19.02
CA SER B 127 -20.36 -9.80 -19.65
C SER B 127 -19.83 -9.82 -21.09
N PHE B 128 -20.25 -8.84 -21.88
CA PHE B 128 -19.80 -8.74 -23.27
C PHE B 128 -18.28 -8.47 -23.38
N ASP B 129 -17.63 -8.29 -22.23
CA ASP B 129 -16.17 -8.23 -22.16
C ASP B 129 -15.58 -9.62 -21.90
N GLU B 130 -16.45 -10.61 -22.00
CA GLU B 130 -16.01 -12.00 -21.99
C GLU B 130 -15.38 -12.42 -20.68
N SER B 131 -15.82 -11.81 -19.61
CA SER B 131 -15.40 -12.20 -18.28
C SER B 131 -16.57 -12.74 -17.49
N VAL B 132 -16.27 -13.68 -16.59
CA VAL B 132 -17.19 -14.09 -15.54
C VAL B 132 -16.59 -13.55 -14.24
N ARG B 133 -17.32 -12.64 -13.58
CA ARG B 133 -16.85 -12.06 -12.32
C ARG B 133 -17.66 -12.58 -11.11
N ILE B 134 -17.03 -12.60 -9.94
CA ILE B 134 -17.72 -13.05 -8.74
C ILE B 134 -17.79 -11.98 -7.65
N TRP B 135 -18.97 -11.81 -7.06
CA TRP B 135 -19.23 -10.66 -6.22
C TRP B 135 -19.73 -11.00 -4.81
N ASP B 136 -19.13 -10.36 -3.82
CA ASP B 136 -19.58 -10.50 -2.43
C ASP B 136 -20.84 -9.65 -2.13
N VAL B 137 -21.96 -10.29 -1.83
CA VAL B 137 -23.26 -9.62 -1.68
C VAL B 137 -23.29 -8.59 -0.54
N LYS B 138 -22.40 -8.75 0.44
CA LYS B 138 -22.37 -7.85 1.59
C LYS B 138 -21.54 -6.63 1.26
N THR B 139 -20.24 -6.83 1.11
CA THR B 139 -19.32 -5.76 0.81
C THR B 139 -19.67 -5.11 -0.55
N GLY B 140 -19.83 -5.95 -1.56
CA GLY B 140 -20.19 -5.47 -2.87
C GLY B 140 -19.02 -5.46 -3.81
N LYS B 141 -17.85 -5.78 -3.28
CA LYS B 141 -16.65 -5.77 -4.10
C LYS B 141 -16.55 -7.06 -4.93
N CYS B 142 -15.86 -6.95 -6.07
CA CYS B 142 -15.70 -8.07 -6.98
C CYS B 142 -14.54 -8.93 -6.51
N LEU B 143 -14.86 -10.18 -6.20
CA LEU B 143 -13.91 -11.07 -5.60
C LEU B 143 -12.91 -11.52 -6.65
N LYS B 144 -13.38 -12.31 -7.59
CA LYS B 144 -12.51 -12.78 -8.65
C LYS B 144 -13.09 -12.50 -10.04
N THR B 145 -12.22 -12.57 -11.04
CA THR B 145 -12.57 -12.25 -12.41
C THR B 145 -11.94 -13.26 -13.32
N LEU B 146 -12.77 -13.94 -14.09
CA LEU B 146 -12.29 -15.00 -14.96
C LEU B 146 -12.38 -14.59 -16.41
N PRO B 147 -11.22 -14.52 -17.10
CA PRO B 147 -11.24 -14.37 -18.55
C PRO B 147 -11.77 -15.66 -19.19
N ALA B 148 -13.08 -15.87 -19.07
CA ALA B 148 -13.71 -17.14 -19.43
C ALA B 148 -13.59 -17.54 -20.90
N HIS B 149 -13.94 -16.63 -21.81
CA HIS B 149 -13.99 -16.96 -23.21
C HIS B 149 -13.29 -15.92 -24.09
N SER B 150 -13.13 -16.30 -25.36
CA SER B 150 -12.66 -15.42 -26.43
C SER B 150 -13.86 -14.65 -26.90
N ASP B 151 -15.02 -14.94 -26.33
CA ASP B 151 -16.26 -14.29 -26.73
C ASP B 151 -17.18 -13.91 -25.56
N PRO B 152 -18.14 -13.00 -25.81
CA PRO B 152 -19.14 -12.50 -24.86
C PRO B 152 -19.91 -13.64 -24.17
N VAL B 153 -20.26 -13.46 -22.91
CA VAL B 153 -20.91 -14.50 -22.12
C VAL B 153 -22.45 -14.45 -22.18
N SER B 154 -23.08 -15.53 -22.62
CA SER B 154 -24.54 -15.63 -22.64
C SER B 154 -25.23 -16.12 -21.35
N ALA B 155 -24.46 -16.81 -20.52
CA ALA B 155 -25.04 -17.35 -19.27
C ALA B 155 -24.02 -17.66 -18.18
N VAL B 156 -24.50 -17.68 -16.94
CA VAL B 156 -23.71 -18.15 -15.82
C VAL B 156 -24.68 -18.77 -14.81
N HIS B 157 -24.27 -19.88 -14.21
CA HIS B 157 -25.07 -20.48 -13.14
C HIS B 157 -24.18 -21.26 -12.19
N PHE B 158 -24.63 -21.39 -10.95
CA PHE B 158 -24.01 -22.28 -9.97
C PHE B 158 -24.64 -23.64 -9.97
N ASN B 159 -24.08 -24.56 -9.19
CA ASN B 159 -24.70 -25.87 -9.11
C ASN B 159 -25.47 -25.98 -7.78
N ARG B 160 -26.06 -27.14 -7.51
CA ARG B 160 -26.87 -27.34 -6.31
C ARG B 160 -26.18 -26.79 -5.03
N ASP B 161 -24.92 -27.14 -4.84
CA ASP B 161 -24.12 -26.69 -3.69
C ASP B 161 -23.40 -25.34 -3.80
N GLY B 162 -23.03 -24.94 -5.03
CA GLY B 162 -22.41 -23.64 -5.24
C GLY B 162 -20.92 -23.71 -5.42
N SER B 163 -20.44 -24.91 -5.67
CA SER B 163 -19.03 -25.20 -5.94
C SER B 163 -18.60 -24.92 -7.38
N LEU B 164 -19.58 -24.99 -8.28
CA LEU B 164 -19.33 -24.97 -9.71
C LEU B 164 -20.11 -23.82 -10.31
N ILE B 165 -19.53 -23.23 -11.36
CA ILE B 165 -20.19 -22.22 -12.19
C ILE B 165 -20.01 -22.62 -13.65
N VAL B 166 -21.09 -23.01 -14.30
CA VAL B 166 -21.02 -23.19 -15.73
C VAL B 166 -21.13 -21.82 -16.41
N SER B 167 -20.50 -21.67 -17.56
CA SER B 167 -20.81 -20.53 -18.39
C SER B 167 -20.74 -20.90 -19.87
N SER B 168 -21.50 -20.17 -20.67
CA SER B 168 -21.60 -20.43 -22.10
C SER B 168 -21.18 -19.18 -22.84
N SER B 169 -20.92 -19.34 -24.12
CA SER B 169 -20.47 -18.20 -24.90
C SER B 169 -20.74 -18.44 -26.36
N TYR B 170 -20.73 -17.37 -27.12
CA TYR B 170 -20.92 -17.46 -28.55
C TYR B 170 -19.73 -18.18 -29.23
N ASP B 171 -18.59 -18.24 -28.54
CA ASP B 171 -17.41 -18.87 -29.15
C ASP B 171 -17.59 -20.38 -29.35
N GLY B 172 -18.68 -20.90 -28.78
CA GLY B 172 -19.05 -22.30 -28.92
C GLY B 172 -18.86 -23.10 -27.64
N LEU B 173 -18.25 -22.46 -26.66
CA LEU B 173 -17.71 -23.15 -25.49
C LEU B 173 -18.64 -23.24 -24.28
N CYS B 174 -18.54 -24.34 -23.53
CA CYS B 174 -19.10 -24.33 -22.19
C CYS B 174 -18.01 -24.61 -21.20
N ARG B 175 -17.61 -23.58 -20.45
CA ARG B 175 -16.57 -23.74 -19.42
C ARG B 175 -17.20 -23.87 -18.02
N ILE B 176 -16.72 -24.86 -17.27
CA ILE B 176 -17.17 -25.07 -15.89
C ILE B 176 -16.04 -24.68 -14.94
N TRP B 177 -16.37 -23.85 -13.95
CA TRP B 177 -15.36 -23.18 -13.16
C TRP B 177 -15.40 -23.61 -11.74
N ASP B 178 -14.27 -23.47 -11.05
CA ASP B 178 -14.21 -23.76 -9.64
C ASP B 178 -14.41 -22.47 -8.83
N THR B 179 -15.56 -22.40 -8.15
CA THR B 179 -16.01 -21.19 -7.45
C THR B 179 -14.98 -20.58 -6.47
N ALA B 180 -14.33 -21.44 -5.67
CA ALA B 180 -13.36 -20.96 -4.67
C ALA B 180 -11.95 -20.67 -5.26
N SER B 181 -11.51 -21.50 -6.19
CA SER B 181 -10.18 -21.34 -6.78
C SER B 181 -10.19 -20.26 -7.84
N GLY B 182 -11.04 -20.46 -8.84
CA GLY B 182 -11.03 -19.64 -10.03
C GLY B 182 -10.56 -20.44 -11.24
N GLN B 183 -10.29 -21.71 -11.04
CA GLN B 183 -9.80 -22.55 -12.14
C GLN B 183 -10.90 -23.09 -13.02
N CYS B 184 -10.62 -23.20 -14.30
CA CYS B 184 -11.55 -23.88 -15.20
C CYS B 184 -11.30 -25.38 -15.05
N LEU B 185 -12.37 -26.12 -14.85
CA LEU B 185 -12.29 -27.53 -14.48
C LEU B 185 -12.57 -28.41 -15.67
N LYS B 186 -13.75 -28.26 -16.25
CA LYS B 186 -14.04 -28.95 -17.49
C LYS B 186 -14.46 -27.99 -18.59
N THR B 187 -14.47 -28.50 -19.81
CA THR B 187 -14.87 -27.76 -21.00
C THR B 187 -15.64 -28.70 -21.93
N LEU B 188 -16.76 -28.23 -22.49
CA LEU B 188 -17.65 -29.10 -23.24
C LEU B 188 -17.66 -28.65 -24.68
N ILE B 189 -17.03 -29.46 -25.53
CA ILE B 189 -16.77 -29.08 -26.91
C ILE B 189 -17.37 -30.07 -27.93
N ASP B 190 -16.69 -31.22 -28.07
CA ASP B 190 -17.18 -32.40 -28.81
C ASP B 190 -17.79 -32.14 -30.22
N ASP B 191 -16.96 -31.82 -31.22
CA ASP B 191 -17.38 -31.47 -32.59
C ASP B 191 -18.32 -30.28 -32.67
N ASP B 192 -19.34 -30.34 -33.51
CA ASP B 192 -20.27 -29.18 -33.56
C ASP B 192 -19.52 -27.88 -33.79
N ASN B 193 -19.44 -27.18 -32.66
CA ASN B 193 -19.07 -25.78 -32.52
C ASN B 193 -20.08 -24.74 -33.02
N PRO B 194 -21.32 -24.87 -32.51
CA PRO B 194 -22.35 -23.85 -32.62
C PRO B 194 -22.10 -22.80 -31.53
N PRO B 195 -22.66 -21.59 -31.68
CA PRO B 195 -22.73 -20.65 -30.54
C PRO B 195 -23.71 -21.13 -29.45
N VAL B 196 -23.29 -21.04 -28.20
CA VAL B 196 -24.11 -21.52 -27.09
C VAL B 196 -24.79 -20.36 -26.33
N SER B 197 -26.11 -20.23 -26.47
CA SER B 197 -26.87 -19.12 -25.92
C SER B 197 -27.41 -19.27 -24.47
N PHE B 198 -27.33 -20.47 -23.90
CA PHE B 198 -27.70 -20.61 -22.49
C PHE B 198 -27.13 -21.87 -21.88
N VAL B 199 -26.95 -21.85 -20.55
CA VAL B 199 -26.71 -23.06 -19.76
C VAL B 199 -27.21 -22.87 -18.31
N LYS B 200 -27.78 -23.93 -17.74
CA LYS B 200 -27.82 -24.08 -16.28
C LYS B 200 -27.63 -25.53 -15.89
N PHE B 201 -27.00 -25.72 -14.74
CA PHE B 201 -26.90 -27.04 -14.14
C PHE B 201 -28.31 -27.53 -13.87
N SER B 202 -28.45 -28.85 -13.78
CA SER B 202 -29.70 -29.47 -13.38
C SER B 202 -29.83 -29.42 -11.86
N PRO B 203 -31.07 -29.59 -11.35
CA PRO B 203 -31.39 -29.56 -9.92
C PRO B 203 -30.60 -30.63 -9.18
N ASN B 204 -30.49 -31.79 -9.81
CA ASN B 204 -29.69 -32.91 -9.32
C ASN B 204 -28.22 -32.68 -9.68
N GLY B 205 -27.98 -31.61 -10.44
CA GLY B 205 -26.66 -31.05 -10.68
C GLY B 205 -25.72 -31.83 -11.57
N LYS B 206 -26.10 -33.04 -11.92
CA LYS B 206 -25.21 -33.94 -12.60
C LYS B 206 -25.16 -33.73 -14.10
N TYR B 207 -26.24 -33.18 -14.64
CA TYR B 207 -26.26 -32.85 -16.05
C TYR B 207 -26.47 -31.35 -16.22
N ILE B 208 -25.87 -30.80 -17.28
CA ILE B 208 -26.01 -29.38 -17.55
C ILE B 208 -26.62 -29.15 -18.94
N LEU B 209 -27.54 -28.18 -19.01
CA LEU B 209 -28.34 -27.95 -20.23
C LEU B 209 -27.80 -26.77 -21.03
N ALA B 210 -27.80 -26.94 -22.35
CA ALA B 210 -27.18 -25.99 -23.24
C ALA B 210 -28.03 -25.70 -24.47
N ALA B 211 -28.28 -24.41 -24.69
CA ALA B 211 -29.03 -23.95 -25.84
C ALA B 211 -28.05 -23.53 -26.90
N THR B 212 -28.39 -23.77 -28.17
CA THR B 212 -27.48 -23.43 -29.24
C THR B 212 -28.22 -22.81 -30.39
N LEU B 213 -27.45 -22.11 -31.24
CA LEU B 213 -28.04 -21.30 -32.30
C LEU B 213 -28.21 -22.08 -33.60
N ASP B 214 -27.97 -23.38 -33.52
CA ASP B 214 -28.36 -24.33 -34.58
C ASP B 214 -29.80 -24.88 -34.42
N ASN B 215 -30.59 -24.22 -33.56
CA ASN B 215 -31.98 -24.60 -33.32
C ASN B 215 -32.04 -25.89 -32.52
N THR B 216 -31.13 -25.97 -31.57
CA THR B 216 -30.89 -27.18 -30.82
C THR B 216 -31.06 -26.93 -29.32
N LEU B 217 -31.28 -27.99 -28.56
CA LEU B 217 -31.16 -27.97 -27.11
C LEU B 217 -30.50 -29.25 -26.61
N LYS B 218 -29.35 -29.14 -25.96
CA LYS B 218 -28.56 -30.34 -25.67
C LYS B 218 -28.34 -30.57 -24.18
N LEU B 219 -28.44 -31.83 -23.77
CA LEU B 219 -28.19 -32.15 -22.38
C LEU B 219 -26.90 -32.93 -22.29
N TRP B 220 -26.16 -32.67 -21.21
CA TRP B 220 -24.78 -33.12 -21.06
C TRP B 220 -24.56 -33.70 -19.70
N ASP B 221 -23.82 -34.80 -19.63
CA ASP B 221 -23.27 -35.24 -18.35
C ASP B 221 -21.84 -34.78 -18.37
N TYR B 222 -21.54 -33.78 -17.56
CA TYR B 222 -20.28 -33.07 -17.68
C TYR B 222 -19.12 -33.83 -17.04
N SER B 223 -19.39 -34.51 -15.94
CA SER B 223 -18.37 -35.38 -15.37
C SER B 223 -17.82 -36.27 -16.47
N LYS B 224 -18.72 -36.93 -17.20
CA LYS B 224 -18.37 -37.78 -18.35
C LYS B 224 -18.04 -36.99 -19.61
N GLY B 225 -18.27 -35.67 -19.58
CA GLY B 225 -18.01 -34.83 -20.73
C GLY B 225 -18.59 -35.41 -22.01
N LYS B 226 -19.90 -35.70 -22.02
CA LYS B 226 -20.60 -36.01 -23.27
C LYS B 226 -22.11 -35.70 -23.28
N CYS B 227 -22.59 -35.32 -24.46
CA CYS B 227 -24.02 -35.10 -24.71
C CYS B 227 -24.80 -36.40 -24.53
N LEU B 228 -25.98 -36.32 -23.92
CA LEU B 228 -26.86 -37.48 -23.80
C LEU B 228 -27.95 -37.40 -24.85
N LYS B 229 -28.80 -36.39 -24.73
CA LYS B 229 -29.96 -36.27 -25.59
C LYS B 229 -30.03 -34.85 -26.17
N THR B 230 -30.77 -34.71 -27.27
CA THR B 230 -30.89 -33.43 -27.92
C THR B 230 -32.33 -33.22 -28.41
N TYR B 231 -32.82 -32.01 -28.25
CA TYR B 231 -34.20 -31.66 -28.57
C TYR B 231 -34.26 -30.60 -29.68
N THR B 232 -35.18 -30.78 -30.64
CA THR B 232 -35.32 -29.80 -31.72
C THR B 232 -36.75 -29.39 -32.03
N GLY B 233 -36.86 -28.62 -33.11
CA GLY B 233 -38.12 -28.13 -33.65
C GLY B 233 -38.44 -26.66 -33.38
N HIS B 234 -37.90 -26.13 -32.29
CA HIS B 234 -38.08 -24.71 -31.99
C HIS B 234 -37.11 -23.93 -32.84
N LYS B 235 -37.39 -22.65 -33.08
CA LYS B 235 -36.48 -21.81 -33.83
C LYS B 235 -35.66 -20.92 -32.93
N ASN B 236 -34.37 -21.24 -32.86
CA ASN B 236 -33.40 -20.44 -32.13
C ASN B 236 -32.21 -20.24 -33.03
N GLU B 237 -32.07 -19.03 -33.55
CA GLU B 237 -30.93 -18.67 -34.40
C GLU B 237 -30.29 -17.38 -33.94
N LYS B 238 -31.12 -16.35 -33.86
CA LYS B 238 -30.71 -15.02 -33.43
C LYS B 238 -30.58 -14.85 -31.89
N TYR B 239 -31.69 -14.98 -31.17
CA TYR B 239 -31.77 -14.61 -29.76
C TYR B 239 -31.24 -15.64 -28.78
N CYS B 240 -30.69 -15.20 -27.64
CA CYS B 240 -30.28 -16.14 -26.59
C CYS B 240 -31.46 -16.32 -25.66
N ILE B 241 -32.09 -17.48 -25.74
CA ILE B 241 -33.42 -17.64 -25.16
C ILE B 241 -33.37 -18.67 -24.04
N PHE B 242 -33.90 -18.30 -22.89
CA PHE B 242 -33.78 -19.12 -21.67
C PHE B 242 -34.35 -20.50 -21.87
N ALA B 243 -33.73 -21.42 -21.15
CA ALA B 243 -34.11 -22.82 -21.19
C ALA B 243 -34.34 -23.31 -19.75
N ASN B 244 -35.51 -23.90 -19.52
CA ASN B 244 -35.87 -24.36 -18.19
C ASN B 244 -36.05 -25.88 -18.03
N PHE B 245 -35.73 -26.38 -16.84
CA PHE B 245 -36.17 -27.70 -16.39
C PHE B 245 -37.56 -27.56 -15.74
N SER B 246 -38.51 -28.45 -16.04
CA SER B 246 -39.78 -28.47 -15.28
C SER B 246 -39.88 -29.70 -14.38
N VAL B 247 -39.75 -29.47 -13.08
CA VAL B 247 -39.71 -30.55 -12.12
C VAL B 247 -41.06 -30.85 -11.48
N THR B 248 -42.06 -30.02 -11.71
CA THR B 248 -43.20 -30.03 -10.78
C THR B 248 -44.16 -31.19 -11.05
N GLY B 249 -45.07 -31.07 -12.01
CA GLY B 249 -45.88 -32.21 -12.35
C GLY B 249 -45.16 -33.26 -13.19
N GLY B 250 -44.84 -32.89 -14.41
CA GLY B 250 -44.16 -33.79 -15.31
C GLY B 250 -42.75 -33.32 -15.42
N LYS B 251 -41.89 -34.13 -16.02
CA LYS B 251 -40.50 -33.73 -16.14
C LYS B 251 -40.17 -33.35 -17.59
N TRP B 252 -40.03 -32.05 -17.83
CA TRP B 252 -39.98 -31.52 -19.18
C TRP B 252 -38.78 -30.63 -19.43
N ILE B 253 -38.55 -30.35 -20.70
CA ILE B 253 -37.70 -29.24 -21.12
C ILE B 253 -38.64 -28.15 -21.60
N VAL B 254 -38.46 -26.93 -21.08
CA VAL B 254 -39.28 -25.78 -21.51
C VAL B 254 -38.43 -24.62 -22.06
N SER B 255 -38.72 -24.18 -23.28
CA SER B 255 -37.96 -23.08 -23.87
C SER B 255 -38.84 -22.12 -24.66
N GLY B 256 -38.35 -20.90 -24.87
CA GLY B 256 -39.00 -19.96 -25.78
C GLY B 256 -38.64 -20.34 -27.21
N SER B 257 -39.10 -19.55 -28.17
CA SER B 257 -38.80 -19.84 -29.57
C SER B 257 -38.93 -18.60 -30.43
N GLU B 258 -38.30 -18.60 -31.61
CA GLU B 258 -38.31 -17.43 -32.54
C GLU B 258 -39.44 -17.49 -33.60
N ASP B 259 -40.22 -18.56 -33.55
CA ASP B 259 -41.48 -18.68 -34.27
C ASP B 259 -42.70 -18.28 -33.39
N ASN B 260 -42.42 -17.71 -32.23
CA ASN B 260 -43.44 -17.23 -31.28
C ASN B 260 -44.21 -18.32 -30.49
N LEU B 261 -43.59 -19.47 -30.29
CA LEU B 261 -44.24 -20.50 -29.49
C LEU B 261 -43.39 -20.88 -28.28
N VAL B 262 -44.04 -21.42 -27.26
CA VAL B 262 -43.34 -21.99 -26.11
C VAL B 262 -43.25 -23.51 -26.28
N TYR B 263 -42.04 -24.05 -26.24
CA TYR B 263 -41.81 -25.47 -26.49
C TYR B 263 -41.57 -26.32 -25.25
N ILE B 264 -42.27 -27.45 -25.17
CA ILE B 264 -42.11 -28.41 -24.08
C ILE B 264 -41.80 -29.80 -24.62
N TRP B 265 -40.64 -30.35 -24.24
CA TRP B 265 -40.24 -31.67 -24.67
C TRP B 265 -40.33 -32.69 -23.56
N ASN B 266 -40.64 -33.92 -23.93
CA ASN B 266 -40.41 -35.02 -23.04
C ASN B 266 -38.92 -35.05 -22.81
N LEU B 267 -38.51 -35.07 -21.55
CA LEU B 267 -37.09 -35.08 -21.22
C LEU B 267 -36.43 -36.41 -21.60
N GLN B 268 -37.14 -37.52 -21.44
CA GLN B 268 -36.63 -38.81 -21.90
C GLN B 268 -36.74 -39.02 -23.42
N THR B 269 -37.94 -38.86 -23.99
CA THR B 269 -38.18 -39.22 -25.38
C THR B 269 -37.88 -38.12 -26.38
N LYS B 270 -37.49 -36.96 -25.87
CA LYS B 270 -36.83 -35.94 -26.69
C LYS B 270 -37.71 -35.29 -27.74
N GLU B 271 -38.87 -35.88 -28.00
CA GLU B 271 -39.80 -35.26 -28.93
C GLU B 271 -40.86 -34.48 -28.19
N ILE B 272 -41.45 -33.48 -28.86
CA ILE B 272 -42.30 -32.48 -28.22
C ILE B 272 -43.67 -32.96 -27.70
N VAL B 273 -43.95 -32.68 -26.44
CA VAL B 273 -45.24 -32.99 -25.86
C VAL B 273 -46.31 -31.91 -26.13
N GLN B 274 -45.95 -30.64 -25.98
CA GLN B 274 -46.92 -29.57 -26.24
C GLN B 274 -46.28 -28.23 -26.60
N LYS B 275 -46.96 -27.43 -27.42
CA LYS B 275 -46.56 -26.03 -27.69
C LYS B 275 -47.69 -24.99 -27.45
N LEU B 276 -47.33 -23.82 -26.90
CA LEU B 276 -48.31 -22.81 -26.52
C LEU B 276 -48.26 -21.61 -27.44
N GLN B 277 -49.43 -21.12 -27.84
CA GLN B 277 -49.53 -20.01 -28.80
C GLN B 277 -50.32 -18.85 -28.21
N GLY B 278 -50.39 -17.74 -28.95
CA GLY B 278 -51.04 -16.54 -28.50
C GLY B 278 -50.05 -15.43 -28.24
N HIS B 279 -48.77 -15.76 -28.36
CA HIS B 279 -47.73 -14.74 -28.29
C HIS B 279 -47.49 -14.17 -29.67
N THR B 280 -47.54 -12.84 -29.76
CA THR B 280 -47.57 -12.15 -31.04
C THR B 280 -46.17 -11.81 -31.51
N ASP B 281 -45.17 -12.24 -30.75
CA ASP B 281 -43.77 -12.06 -31.11
C ASP B 281 -42.89 -13.23 -30.65
N VAL B 282 -41.59 -13.05 -30.68
CA VAL B 282 -40.66 -14.09 -30.29
C VAL B 282 -40.62 -14.22 -28.76
N VAL B 283 -40.34 -15.44 -28.27
CA VAL B 283 -40.28 -15.69 -26.82
C VAL B 283 -38.84 -15.76 -26.37
N ILE B 284 -38.42 -14.73 -25.62
CA ILE B 284 -37.06 -14.65 -25.08
C ILE B 284 -36.78 -15.36 -23.75
N SER B 285 -37.81 -15.47 -22.91
CA SER B 285 -37.62 -16.02 -21.57
C SER B 285 -38.81 -16.81 -21.06
N THR B 286 -38.50 -17.91 -20.40
CA THR B 286 -39.50 -18.72 -19.73
C THR B 286 -39.05 -19.01 -18.30
N ALA B 287 -39.99 -19.27 -17.40
CA ALA B 287 -39.67 -19.60 -16.01
C ALA B 287 -40.75 -20.51 -15.43
N CYS B 288 -40.34 -21.45 -14.58
CA CYS B 288 -41.31 -22.35 -14.01
C CYS B 288 -41.52 -22.10 -12.53
N HIS B 289 -42.76 -22.28 -12.08
CA HIS B 289 -43.07 -22.09 -10.68
C HIS B 289 -42.37 -23.18 -9.89
N PRO B 290 -41.91 -22.83 -8.66
CA PRO B 290 -41.23 -23.80 -7.78
C PRO B 290 -42.18 -24.90 -7.29
N THR B 291 -43.42 -24.51 -7.04
CA THR B 291 -44.37 -25.39 -6.36
C THR B 291 -45.45 -25.91 -7.29
N GLU B 292 -46.29 -25.02 -7.84
CA GLU B 292 -47.37 -25.44 -8.73
C GLU B 292 -46.84 -25.64 -10.15
N ASN B 293 -47.72 -25.95 -11.09
CA ASN B 293 -47.30 -26.01 -12.48
C ASN B 293 -47.69 -24.74 -13.22
N ILE B 294 -46.72 -23.86 -13.38
CA ILE B 294 -46.93 -22.63 -14.12
C ILE B 294 -45.72 -22.29 -14.95
N ILE B 295 -45.95 -22.10 -16.24
CA ILE B 295 -44.97 -21.47 -17.07
C ILE B 295 -45.30 -20.00 -17.18
N ALA B 296 -44.30 -19.15 -17.00
CA ALA B 296 -44.44 -17.75 -17.34
C ALA B 296 -43.60 -17.54 -18.60
N SER B 297 -44.07 -16.73 -19.55
CA SER B 297 -43.25 -16.45 -20.73
C SER B 297 -43.34 -14.97 -21.12
N ALA B 298 -42.24 -14.41 -21.60
CA ALA B 298 -42.25 -13.02 -22.10
C ALA B 298 -41.76 -12.93 -23.53
N ALA B 299 -42.19 -11.88 -24.23
CA ALA B 299 -41.92 -11.74 -25.66
C ALA B 299 -41.40 -10.34 -26.05
N LEU B 300 -40.89 -10.22 -27.27
CA LEU B 300 -40.18 -9.01 -27.64
C LEU B 300 -41.16 -7.90 -28.03
N GLU B 301 -40.65 -6.77 -28.48
CA GLU B 301 -41.44 -5.53 -28.50
C GLU B 301 -42.71 -5.52 -29.34
N ASN B 302 -42.91 -6.52 -30.18
CA ASN B 302 -44.16 -6.59 -30.92
C ASN B 302 -45.24 -7.22 -30.08
N ASP B 303 -44.88 -7.52 -28.85
CA ASP B 303 -45.79 -8.14 -27.89
C ASP B 303 -45.78 -7.34 -26.60
N LYS B 304 -44.61 -7.32 -25.94
CA LYS B 304 -44.42 -6.67 -24.64
C LYS B 304 -45.23 -7.27 -23.48
N THR B 305 -45.67 -8.52 -23.63
CA THR B 305 -46.47 -9.17 -22.59
C THR B 305 -45.88 -10.46 -22.05
N ILE B 306 -46.03 -10.63 -20.75
CA ILE B 306 -45.71 -11.87 -20.05
C ILE B 306 -47.00 -12.66 -19.92
N LYS B 307 -47.06 -13.83 -20.56
CA LYS B 307 -48.20 -14.73 -20.41
C LYS B 307 -47.95 -15.86 -19.38
N LEU B 308 -48.99 -16.18 -18.61
CA LEU B 308 -48.94 -17.13 -17.49
C LEU B 308 -49.73 -18.36 -17.83
N TRP B 309 -49.20 -19.52 -17.51
CA TRP B 309 -49.79 -20.79 -17.98
C TRP B 309 -49.87 -21.85 -16.91
N LYS B 310 -51.03 -22.47 -16.74
CA LYS B 310 -51.15 -23.50 -15.72
C LYS B 310 -51.52 -24.86 -16.30
N SER B 311 -51.07 -25.92 -15.65
CA SER B 311 -51.39 -27.29 -16.07
C SER B 311 -51.72 -28.21 -14.89
N ASP B 312 -52.44 -29.29 -15.19
CA ASP B 312 -52.71 -30.34 -14.22
C ASP B 312 -51.59 -31.40 -14.09
N CYS B 313 -50.83 -31.59 -15.18
CA CYS B 313 -49.57 -32.34 -15.14
C CYS B 313 -48.42 -31.47 -15.66
N VAL C 10 16.48 -26.38 -52.58
CA VAL C 10 15.43 -27.33 -52.93
C VAL C 10 15.30 -28.47 -51.89
N LYS C 11 16.43 -28.99 -51.43
CA LYS C 11 16.44 -29.82 -50.21
C LYS C 11 17.73 -29.57 -49.44
N PRO C 12 17.63 -29.51 -48.11
CA PRO C 12 18.78 -29.33 -47.24
C PRO C 12 19.50 -30.65 -47.01
N ASN C 13 20.81 -30.60 -46.85
CA ASN C 13 21.52 -31.77 -46.38
C ASN C 13 22.13 -31.48 -45.01
N TYR C 14 21.59 -32.09 -43.97
CA TYR C 14 22.17 -31.88 -42.65
C TYR C 14 23.17 -32.96 -42.26
N ALA C 15 24.31 -32.50 -41.76
CA ALA C 15 25.41 -33.38 -41.39
C ALA C 15 25.61 -33.36 -39.89
N LEU C 16 25.67 -34.54 -39.27
CA LEU C 16 26.04 -34.57 -37.86
C LEU C 16 27.45 -34.01 -37.77
N LYS C 17 27.63 -33.02 -36.90
CA LYS C 17 28.95 -32.44 -36.64
C LYS C 17 29.45 -32.85 -35.23
N PHE C 18 28.68 -32.43 -34.22
CA PHE C 18 29.00 -32.76 -32.84
C PHE C 18 27.88 -33.51 -32.09
N THR C 19 28.32 -34.38 -31.19
CA THR C 19 27.45 -35.02 -30.22
C THR C 19 28.03 -34.64 -28.87
N LEU C 20 27.19 -34.11 -27.99
CA LEU C 20 27.65 -33.65 -26.68
C LEU C 20 26.89 -34.31 -25.53
N ALA C 21 27.62 -34.79 -24.54
CA ALA C 21 26.96 -35.31 -23.35
C ALA C 21 27.74 -34.89 -22.11
N GLY C 22 27.17 -35.16 -20.94
CA GLY C 22 27.47 -34.55 -19.67
C GLY C 22 26.21 -34.46 -18.85
N HIS C 23 25.07 -34.81 -19.46
CA HIS C 23 23.80 -34.80 -18.74
C HIS C 23 23.45 -36.16 -18.12
N THR C 24 23.41 -36.21 -16.78
CA THR C 24 23.16 -37.45 -16.04
C THR C 24 21.81 -38.10 -16.38
N LYS C 25 20.73 -37.40 -16.03
CA LYS C 25 19.35 -37.83 -16.30
C LYS C 25 18.92 -37.28 -17.70
N ALA C 26 17.67 -37.54 -18.12
CA ALA C 26 17.24 -37.21 -19.49
C ALA C 26 17.03 -35.70 -19.80
N VAL C 27 17.29 -35.31 -21.05
CA VAL C 27 17.15 -33.91 -21.46
C VAL C 27 15.72 -33.50 -21.85
N SER C 28 15.35 -32.27 -21.50
CA SER C 28 13.99 -31.79 -21.77
C SER C 28 13.90 -30.79 -22.94
N SER C 29 14.61 -29.67 -22.82
CA SER C 29 14.63 -28.67 -23.89
C SER C 29 16.02 -28.36 -24.32
N VAL C 30 16.15 -27.82 -25.52
CA VAL C 30 17.35 -27.07 -25.93
C VAL C 30 16.96 -25.86 -26.78
N LYS C 31 17.51 -24.69 -26.43
CA LYS C 31 17.22 -23.48 -27.17
C LYS C 31 18.54 -22.73 -27.40
N PHE C 32 18.70 -22.22 -28.61
CA PHE C 32 19.87 -21.44 -29.04
C PHE C 32 19.77 -19.99 -28.59
N SER C 33 20.86 -19.42 -28.06
CA SER C 33 20.84 -18.00 -27.70
C SER C 33 20.79 -17.08 -28.94
N PRO C 34 19.98 -16.00 -28.87
CA PRO C 34 19.72 -15.09 -30.00
C PRO C 34 20.97 -14.54 -30.69
N ASN C 35 22.10 -14.53 -29.99
CA ASN C 35 23.38 -14.09 -30.55
C ASN C 35 24.11 -15.19 -31.37
N GLY C 36 23.50 -16.37 -31.44
CA GLY C 36 24.05 -17.47 -32.23
C GLY C 36 25.46 -17.74 -31.80
N GLU C 37 25.61 -18.02 -30.52
CA GLU C 37 26.89 -18.36 -29.88
C GLU C 37 26.77 -19.63 -29.06
N TRP C 38 25.80 -19.62 -28.16
CA TRP C 38 25.60 -20.68 -27.19
C TRP C 38 24.32 -21.46 -27.40
N LEU C 39 24.31 -22.66 -26.86
CA LEU C 39 23.14 -23.52 -26.74
C LEU C 39 22.94 -23.76 -25.24
N ALA C 40 21.72 -23.53 -24.76
CA ALA C 40 21.36 -23.85 -23.37
C ALA C 40 20.51 -25.11 -23.37
N SER C 41 20.74 -25.98 -22.39
CA SER C 41 19.98 -27.22 -22.27
C SER C 41 19.49 -27.50 -20.84
N SER C 42 18.28 -28.06 -20.74
CA SER C 42 17.69 -28.39 -19.45
C SER C 42 17.49 -29.89 -19.37
N SER C 43 17.46 -30.45 -18.16
CA SER C 43 17.32 -31.87 -18.03
C SER C 43 16.79 -32.29 -16.67
N ALA C 44 16.32 -33.53 -16.61
CA ALA C 44 15.76 -34.19 -15.43
C ALA C 44 16.81 -34.27 -14.33
N ASP C 45 18.03 -33.83 -14.66
CA ASP C 45 19.13 -33.81 -13.70
C ASP C 45 19.14 -32.50 -12.88
N LYS C 46 18.07 -31.72 -13.02
CA LYS C 46 17.89 -30.50 -12.23
C LYS C 46 18.92 -29.44 -12.64
N LEU C 47 19.42 -29.55 -13.88
CA LEU C 47 20.57 -28.76 -14.31
C LEU C 47 20.36 -28.06 -15.64
N ILE C 48 21.15 -27.00 -15.83
CA ILE C 48 21.21 -26.29 -17.11
C ILE C 48 22.66 -26.26 -17.58
N LYS C 49 22.93 -26.89 -18.72
CA LYS C 49 24.30 -26.87 -19.23
C LYS C 49 24.41 -26.07 -20.51
N ILE C 50 25.53 -25.38 -20.66
CA ILE C 50 25.71 -24.41 -21.74
C ILE C 50 26.83 -24.82 -22.69
N TRP C 51 26.55 -24.81 -23.99
CA TRP C 51 27.49 -25.33 -24.98
C TRP C 51 27.84 -24.32 -26.07
N GLY C 52 29.11 -24.20 -26.41
CA GLY C 52 29.49 -23.34 -27.52
C GLY C 52 28.78 -23.81 -28.78
N ALA C 53 27.98 -22.94 -29.39
CA ALA C 53 27.17 -23.33 -30.53
C ALA C 53 28.03 -23.79 -31.68
N TYR C 54 29.18 -23.14 -31.84
CA TYR C 54 30.09 -23.45 -32.94
C TYR C 54 30.93 -24.68 -32.68
N ASP C 55 31.70 -24.62 -31.59
CA ASP C 55 32.67 -25.65 -31.23
C ASP C 55 32.04 -26.90 -30.58
N GLY C 56 30.79 -26.78 -30.13
CA GLY C 56 30.13 -27.90 -29.47
C GLY C 56 30.64 -28.17 -28.06
N LYS C 57 31.48 -27.27 -27.54
CA LYS C 57 32.11 -27.47 -26.24
C LYS C 57 31.27 -27.03 -25.01
N PHE C 58 31.28 -27.87 -23.98
CA PHE C 58 30.65 -27.52 -22.71
C PHE C 58 31.27 -26.27 -22.08
N GLU C 59 30.41 -25.29 -21.77
CA GLU C 59 30.80 -24.00 -21.21
C GLU C 59 30.65 -23.97 -19.66
N LYS C 60 29.42 -24.01 -19.17
CA LYS C 60 29.19 -24.06 -17.71
C LYS C 60 27.88 -24.73 -17.30
N THR C 61 27.87 -25.26 -16.07
CA THR C 61 26.66 -25.78 -15.43
C THR C 61 25.95 -24.65 -14.68
N ILE C 62 24.62 -24.67 -14.75
CA ILE C 62 23.81 -23.79 -13.94
C ILE C 62 22.86 -24.68 -13.12
N SER C 63 22.81 -24.46 -11.81
CA SER C 63 21.99 -25.32 -10.96
C SER C 63 21.50 -24.62 -9.71
N GLY C 64 20.84 -25.37 -8.84
CA GLY C 64 20.15 -24.78 -7.70
C GLY C 64 18.63 -24.81 -7.81
N HIS C 65 18.13 -25.51 -8.80
CA HIS C 65 16.71 -25.89 -8.83
C HIS C 65 16.52 -27.13 -7.97
N LYS C 66 15.34 -27.26 -7.35
CA LYS C 66 15.11 -28.40 -6.48
C LYS C 66 14.65 -29.62 -7.25
N LEU C 67 14.16 -29.42 -8.45
CA LEU C 67 13.64 -30.53 -9.22
C LEU C 67 13.89 -30.40 -10.72
N GLY C 68 13.46 -31.41 -11.47
CA GLY C 68 13.75 -31.44 -12.89
C GLY C 68 13.25 -30.22 -13.65
N ILE C 69 14.10 -29.67 -14.48
CA ILE C 69 13.67 -28.57 -15.31
C ILE C 69 13.08 -29.10 -16.60
N SER C 70 11.82 -28.71 -16.84
CA SER C 70 11.07 -29.09 -18.04
C SER C 70 11.40 -28.23 -19.27
N ASP C 71 11.69 -26.94 -19.06
CA ASP C 71 11.96 -26.01 -20.16
C ASP C 71 12.95 -24.86 -19.77
N VAL C 72 13.50 -24.21 -20.79
CA VAL C 72 14.30 -23.02 -20.59
C VAL C 72 14.29 -22.17 -21.87
N ALA C 73 14.32 -20.85 -21.71
CA ALA C 73 14.45 -19.97 -22.88
C ALA C 73 15.34 -18.77 -22.59
N TRP C 74 16.01 -18.26 -23.63
CA TRP C 74 16.88 -17.10 -23.51
C TRP C 74 16.13 -15.76 -23.50
N SER C 75 16.72 -14.75 -22.86
CA SER C 75 16.28 -13.36 -23.03
C SER C 75 16.84 -12.84 -24.35
N SER C 76 16.26 -11.74 -24.86
CA SER C 76 16.72 -11.12 -26.12
C SER C 76 18.13 -10.54 -26.09
N ASP C 77 18.49 -9.92 -24.96
CA ASP C 77 19.79 -9.27 -24.77
C ASP C 77 20.83 -10.32 -24.41
N SER C 78 20.42 -11.59 -24.51
CA SER C 78 21.31 -12.72 -24.32
C SER C 78 22.08 -12.52 -23.02
N ASN C 79 21.40 -11.85 -22.09
CA ASN C 79 21.83 -11.73 -20.72
C ASN C 79 21.46 -12.95 -19.87
N LEU C 80 20.26 -13.46 -20.10
CA LEU C 80 19.53 -14.19 -19.07
C LEU C 80 18.82 -15.47 -19.55
N LEU C 81 18.73 -16.42 -18.63
CA LEU C 81 17.94 -17.62 -18.83
C LEU C 81 16.76 -17.70 -17.85
N VAL C 82 15.65 -18.23 -18.34
CA VAL C 82 14.53 -18.49 -17.47
C VAL C 82 14.35 -19.99 -17.59
N SER C 83 14.19 -20.64 -16.43
CA SER C 83 14.01 -22.08 -16.34
C SER C 83 12.73 -22.45 -15.55
N ALA C 84 11.90 -23.28 -16.17
CA ALA C 84 10.64 -23.76 -15.58
C ALA C 84 10.76 -25.17 -15.04
N SER C 85 10.53 -25.36 -13.76
CA SER C 85 10.85 -26.66 -13.16
C SER C 85 9.70 -27.38 -12.46
N ASP C 86 9.99 -28.59 -12.01
CA ASP C 86 9.03 -29.44 -11.34
C ASP C 86 8.86 -28.96 -9.92
N ASP C 87 9.66 -27.99 -9.54
CA ASP C 87 9.69 -27.54 -8.15
C ASP C 87 8.67 -26.44 -7.87
N LYS C 88 7.77 -26.22 -8.84
CA LYS C 88 6.69 -25.25 -8.70
C LYS C 88 7.14 -23.84 -9.10
N THR C 89 8.42 -23.70 -9.43
CA THR C 89 9.00 -22.38 -9.65
C THR C 89 9.76 -22.18 -10.96
N LEU C 90 9.95 -20.90 -11.29
CA LEU C 90 10.79 -20.48 -12.40
C LEU C 90 12.02 -19.78 -11.83
N LYS C 91 13.15 -19.88 -12.53
CA LYS C 91 14.32 -19.12 -12.12
C LYS C 91 14.88 -18.19 -13.22
N ILE C 92 15.37 -17.02 -12.82
CA ILE C 92 15.98 -16.11 -13.76
C ILE C 92 17.48 -16.03 -13.54
N TRP C 93 18.25 -16.52 -14.49
CA TRP C 93 19.68 -16.68 -14.29
C TRP C 93 20.47 -15.65 -15.06
N ASP C 94 21.38 -14.95 -14.40
CA ASP C 94 22.32 -14.14 -15.15
C ASP C 94 23.34 -15.13 -15.66
N VAL C 95 23.37 -15.30 -16.96
CA VAL C 95 24.11 -16.40 -17.57
C VAL C 95 25.62 -16.13 -17.54
N SER C 96 26.01 -14.87 -17.36
CA SER C 96 27.43 -14.56 -17.32
C SER C 96 28.08 -15.15 -16.09
N SER C 97 27.56 -14.79 -14.93
CA SER C 97 28.05 -15.36 -13.68
C SER C 97 27.66 -16.83 -13.62
N GLY C 98 26.39 -17.08 -13.91
CA GLY C 98 25.79 -18.39 -13.78
C GLY C 98 24.88 -18.43 -12.57
N LYS C 99 24.65 -17.26 -11.96
CA LYS C 99 23.90 -17.21 -10.70
C LYS C 99 22.43 -16.81 -10.85
N CYS C 100 21.59 -17.35 -9.98
CA CYS C 100 20.14 -17.06 -10.00
C CYS C 100 19.79 -15.67 -9.48
N LEU C 101 19.11 -14.89 -10.30
CA LEU C 101 18.74 -13.53 -9.93
C LEU C 101 17.47 -13.51 -9.11
N LYS C 102 16.33 -13.75 -9.74
CA LYS C 102 15.09 -13.88 -8.98
C LYS C 102 14.54 -15.31 -9.06
N THR C 103 13.75 -15.68 -8.06
CA THR C 103 12.97 -16.90 -8.15
C THR C 103 11.48 -16.57 -8.08
N LEU C 104 10.72 -17.10 -9.03
CA LEU C 104 9.34 -16.71 -9.22
C LEU C 104 8.41 -17.76 -8.70
N LYS C 105 7.64 -17.40 -7.68
CA LYS C 105 6.77 -18.36 -7.01
C LYS C 105 5.28 -17.98 -7.12
N GLY C 106 4.56 -18.72 -7.94
CA GLY C 106 3.10 -18.67 -8.02
C GLY C 106 2.28 -19.91 -8.24
N HIS C 107 2.89 -21.08 -8.44
CA HIS C 107 2.13 -22.16 -9.08
C HIS C 107 1.65 -23.31 -8.15
N SER C 108 0.45 -23.84 -8.47
CA SER C 108 -0.15 -24.99 -7.80
C SER C 108 0.76 -26.19 -8.05
N ASN C 109 1.46 -26.19 -9.18
CA ASN C 109 2.08 -27.43 -9.66
C ASN C 109 3.33 -27.19 -10.49
N TYR C 110 3.80 -28.23 -11.19
CA TYR C 110 4.99 -28.10 -12.02
C TYR C 110 4.83 -26.92 -12.96
N VAL C 111 5.96 -26.32 -13.30
CA VAL C 111 6.03 -25.31 -14.34
C VAL C 111 6.58 -25.94 -15.62
N PHE C 112 5.73 -26.07 -16.64
CA PHE C 112 6.06 -26.79 -17.86
C PHE C 112 6.82 -26.01 -18.93
N CYS C 113 6.43 -24.77 -19.16
CA CYS C 113 6.93 -24.02 -20.30
C CYS C 113 7.15 -22.54 -19.99
N CYS C 114 8.17 -21.97 -20.61
CA CYS C 114 8.48 -20.57 -20.39
C CYS C 114 9.05 -19.97 -21.64
N ASN C 115 8.73 -18.70 -21.87
CA ASN C 115 9.32 -17.91 -22.93
C ASN C 115 9.33 -16.49 -22.44
N PHE C 116 10.36 -15.74 -22.85
CA PHE C 116 10.47 -14.31 -22.61
C PHE C 116 9.64 -13.56 -23.65
N ASN C 117 9.22 -12.33 -23.35
CA ASN C 117 8.59 -11.48 -24.36
C ASN C 117 9.65 -10.83 -25.25
N PRO C 118 9.25 -10.34 -26.44
CA PRO C 118 10.32 -9.93 -27.35
C PRO C 118 11.16 -8.86 -26.68
N GLN C 119 10.45 -7.97 -26.00
CA GLN C 119 11.00 -6.78 -25.37
C GLN C 119 11.80 -7.23 -24.16
N SER C 120 11.48 -8.44 -23.72
CA SER C 120 12.20 -9.14 -22.67
C SER C 120 12.16 -8.55 -21.25
N ASN C 121 11.14 -7.77 -20.93
CA ASN C 121 10.99 -7.36 -19.53
C ASN C 121 10.02 -8.30 -18.80
N LEU C 122 9.38 -9.19 -19.56
CA LEU C 122 8.33 -10.03 -18.99
C LEU C 122 8.53 -11.51 -19.31
N ILE C 123 7.94 -12.38 -18.49
CA ILE C 123 7.91 -13.82 -18.78
C ILE C 123 6.54 -14.42 -18.64
N VAL C 124 6.21 -15.27 -19.60
CA VAL C 124 4.97 -16.03 -19.59
C VAL C 124 5.28 -17.49 -19.21
N SER C 125 4.51 -18.05 -18.29
CA SER C 125 4.76 -19.41 -17.79
C SER C 125 3.53 -20.34 -17.78
N GLY C 126 3.62 -21.47 -18.49
CA GLY C 126 2.59 -22.49 -18.48
C GLY C 126 2.80 -23.48 -17.35
N SER C 127 1.70 -23.97 -16.74
CA SER C 127 1.77 -24.85 -15.55
C SER C 127 0.73 -25.98 -15.46
N PHE C 128 1.09 -27.07 -14.82
CA PHE C 128 0.18 -28.21 -14.69
C PHE C 128 -1.06 -27.89 -13.84
N ASP C 129 -1.07 -26.67 -13.29
CA ASP C 129 -2.27 -26.11 -12.66
C ASP C 129 -3.12 -25.31 -13.67
N GLU C 130 -2.75 -25.43 -14.93
CA GLU C 130 -3.59 -24.98 -16.02
C GLU C 130 -3.72 -23.48 -16.02
N SER C 131 -2.71 -22.80 -15.48
CA SER C 131 -2.65 -21.35 -15.58
C SER C 131 -1.51 -20.89 -16.47
N VAL C 132 -1.71 -19.74 -17.10
CA VAL C 132 -0.65 -19.01 -17.76
C VAL C 132 -0.43 -17.74 -16.96
N ARG C 133 0.74 -17.60 -16.34
CA ARG C 133 1.03 -16.45 -15.48
C ARG C 133 2.03 -15.50 -16.14
N ILE C 134 1.97 -14.22 -15.80
CA ILE C 134 2.91 -13.27 -16.37
C ILE C 134 3.75 -12.56 -15.32
N TRP C 135 5.05 -12.43 -15.59
CA TRP C 135 6.02 -12.07 -14.57
C TRP C 135 6.93 -10.90 -14.95
N ASP C 136 7.04 -9.94 -14.02
CA ASP C 136 7.92 -8.79 -14.19
C ASP C 136 9.38 -9.16 -13.87
N VAL C 137 10.24 -9.08 -14.88
CA VAL C 137 11.63 -9.56 -14.81
C VAL C 137 12.51 -8.82 -13.79
N LYS C 138 12.10 -7.61 -13.47
CA LYS C 138 12.84 -6.73 -12.58
C LYS C 138 12.41 -7.05 -11.15
N THR C 139 11.16 -6.69 -10.83
CA THR C 139 10.61 -6.91 -9.48
C THR C 139 10.59 -8.40 -9.18
N GLY C 140 10.03 -9.17 -10.11
CA GLY C 140 9.95 -10.61 -9.96
C GLY C 140 8.55 -11.08 -9.54
N LYS C 141 7.68 -10.12 -9.29
CA LYS C 141 6.35 -10.48 -8.86
C LYS C 141 5.49 -10.88 -10.06
N CYS C 142 4.46 -11.68 -9.78
CA CYS C 142 3.57 -12.19 -10.81
C CYS C 142 2.49 -11.16 -11.09
N LEU C 143 2.48 -10.68 -12.33
CA LEU C 143 1.60 -9.59 -12.70
C LEU C 143 0.19 -10.10 -12.82
N LYS C 144 -0.06 -10.93 -13.82
CA LYS C 144 -1.40 -11.46 -14.01
C LYS C 144 -1.38 -12.98 -14.13
N THR C 145 -2.55 -13.57 -13.88
CA THR C 145 -2.75 -15.01 -13.89
C THR C 145 -3.99 -15.36 -14.65
N LEU C 146 -3.82 -16.16 -15.69
CA LEU C 146 -4.92 -16.57 -16.53
C LEU C 146 -5.29 -18.02 -16.31
N PRO C 147 -6.52 -18.27 -15.87
CA PRO C 147 -7.02 -19.66 -15.86
C PRO C 147 -7.29 -20.07 -17.30
N ALA C 148 -6.21 -20.38 -18.02
CA ALA C 148 -6.26 -20.57 -19.47
C ALA C 148 -7.11 -21.76 -19.89
N HIS C 149 -6.86 -22.92 -19.29
CA HIS C 149 -7.47 -24.17 -19.76
C HIS C 149 -8.11 -24.97 -18.64
N SER C 150 -8.87 -25.98 -19.05
CA SER C 150 -9.39 -27.00 -18.17
C SER C 150 -8.29 -28.03 -17.95
N ASP C 151 -7.18 -27.83 -18.66
CA ASP C 151 -6.08 -28.78 -18.63
C ASP C 151 -4.71 -28.13 -18.54
N PRO C 152 -3.69 -28.91 -18.12
CA PRO C 152 -2.28 -28.52 -18.01
C PRO C 152 -1.72 -27.88 -19.29
N VAL C 153 -0.85 -26.89 -19.15
CA VAL C 153 -0.34 -26.12 -20.28
C VAL C 153 0.96 -26.70 -20.85
N SER C 154 0.95 -27.06 -22.13
CA SER C 154 2.14 -27.56 -22.82
C SER C 154 3.10 -26.48 -23.43
N ALA C 155 2.57 -25.29 -23.69
CA ALA C 155 3.41 -24.24 -24.28
C ALA C 155 2.85 -22.82 -24.05
N VAL C 156 3.75 -21.85 -24.13
CA VAL C 156 3.38 -20.44 -24.13
C VAL C 156 4.39 -19.70 -24.97
N HIS C 157 3.92 -18.75 -25.76
CA HIS C 157 4.85 -17.90 -26.50
C HIS C 157 4.21 -16.53 -26.76
N PHE C 158 5.04 -15.52 -26.97
CA PHE C 158 4.60 -14.21 -27.42
C PHE C 158 4.65 -14.10 -28.94
N ASN C 159 4.20 -12.98 -29.48
CA ASN C 159 4.33 -12.77 -30.90
C ASN C 159 5.47 -11.77 -31.17
N ARG C 160 5.69 -11.44 -32.43
CA ARG C 160 6.80 -10.57 -32.84
C ARG C 160 6.92 -9.32 -31.97
N ASP C 161 5.80 -8.63 -31.76
CA ASP C 161 5.76 -7.45 -30.89
C ASP C 161 5.58 -7.69 -29.37
N GLY C 162 4.92 -8.78 -28.98
CA GLY C 162 4.71 -9.05 -27.56
C GLY C 162 3.33 -8.72 -27.02
N SER C 163 2.41 -8.48 -27.95
CA SER C 163 1.02 -8.16 -27.66
C SER C 163 0.18 -9.38 -27.37
N LEU C 164 0.61 -10.52 -27.93
CA LEU C 164 -0.19 -11.73 -27.94
C LEU C 164 0.58 -12.80 -27.27
N ILE C 165 -0.15 -13.69 -26.59
CA ILE C 165 0.41 -14.91 -26.02
C ILE C 165 -0.46 -16.07 -26.44
N VAL C 166 0.09 -16.95 -27.29
CA VAL C 166 -0.58 -18.21 -27.57
C VAL C 166 -0.29 -19.19 -26.43
N SER C 167 -1.26 -20.06 -26.17
CA SER C 167 -0.98 -21.20 -25.32
C SER C 167 -1.76 -22.41 -25.78
N SER C 168 -1.17 -23.58 -25.54
CA SER C 168 -1.73 -24.85 -25.93
C SER C 168 -1.96 -25.72 -24.70
N SER C 169 -2.75 -26.77 -24.85
CA SER C 169 -3.08 -27.58 -23.72
C SER C 169 -3.54 -28.94 -24.19
N TYR C 170 -3.50 -29.88 -23.27
CA TYR C 170 -3.92 -31.21 -23.57
C TYR C 170 -5.44 -31.25 -23.81
N ASP C 171 -6.17 -30.24 -23.32
CA ASP C 171 -7.64 -30.24 -23.48
C ASP C 171 -8.07 -30.10 -24.95
N GLY C 172 -7.10 -29.83 -25.82
CA GLY C 172 -7.31 -29.73 -27.25
C GLY C 172 -7.25 -28.31 -27.77
N LEU C 173 -7.17 -27.37 -26.84
CA LEU C 173 -7.37 -25.94 -27.12
C LEU C 173 -6.12 -25.13 -27.45
N CYS C 174 -6.25 -24.16 -28.35
CA CYS C 174 -5.23 -23.12 -28.43
C CYS C 174 -5.87 -21.78 -28.12
N ARG C 175 -5.55 -21.21 -26.97
CA ARG C 175 -6.08 -19.90 -26.65
C ARG C 175 -5.03 -18.81 -26.88
N ILE C 176 -5.46 -17.72 -27.51
CA ILE C 176 -4.59 -16.58 -27.73
C ILE C 176 -5.03 -15.44 -26.82
N TRP C 177 -4.05 -14.89 -26.10
CA TRP C 177 -4.35 -13.98 -25.02
C TRP C 177 -3.87 -12.55 -25.29
N ASP C 178 -4.51 -11.61 -24.63
CA ASP C 178 -4.07 -10.22 -24.72
C ASP C 178 -3.14 -9.90 -23.56
N THR C 179 -1.88 -9.65 -23.91
CA THR C 179 -0.78 -9.44 -22.97
C THR C 179 -1.02 -8.35 -21.90
N ALA C 180 -1.56 -7.22 -22.31
CA ALA C 180 -1.85 -6.11 -21.38
C ALA C 180 -3.18 -6.23 -20.62
N SER C 181 -4.21 -6.70 -21.30
CA SER C 181 -5.50 -6.87 -20.63
C SER C 181 -5.57 -8.13 -19.74
N GLY C 182 -5.23 -9.27 -20.34
CA GLY C 182 -5.47 -10.57 -19.73
C GLY C 182 -6.67 -11.29 -20.37
N GLN C 183 -7.31 -10.68 -21.37
CA GLN C 183 -8.44 -11.28 -22.06
C GLN C 183 -8.04 -12.31 -23.12
N CYS C 184 -8.85 -13.36 -23.22
CA CYS C 184 -8.66 -14.35 -24.29
C CYS C 184 -9.30 -13.75 -25.54
N LEU C 185 -8.52 -13.75 -26.62
CA LEU C 185 -8.92 -13.05 -27.81
C LEU C 185 -9.47 -14.02 -28.83
N LYS C 186 -8.65 -14.98 -29.24
CA LYS C 186 -9.15 -16.02 -30.12
C LYS C 186 -8.93 -17.38 -29.53
N THR C 187 -9.60 -18.36 -30.12
CA THR C 187 -9.50 -19.76 -29.74
C THR C 187 -9.56 -20.64 -31.00
N LEU C 188 -8.67 -21.63 -31.07
CA LEU C 188 -8.52 -22.40 -32.30
C LEU C 188 -8.96 -23.82 -32.05
N ILE C 189 -10.11 -24.18 -32.60
CA ILE C 189 -10.77 -25.44 -32.29
C ILE C 189 -11.00 -26.31 -33.51
N ASP C 190 -12.02 -25.94 -34.30
CA ASP C 190 -12.31 -26.51 -35.63
C ASP C 190 -12.28 -28.05 -35.78
N ASP C 191 -13.28 -28.76 -35.23
CA ASP C 191 -13.36 -30.23 -35.23
C ASP C 191 -12.16 -30.91 -34.55
N ASP C 192 -11.67 -32.01 -35.10
CA ASP C 192 -10.52 -32.65 -34.43
C ASP C 192 -10.80 -32.92 -32.96
N ASN C 193 -10.16 -32.05 -32.20
CA ASN C 193 -9.94 -32.15 -30.76
C ASN C 193 -8.94 -33.19 -30.29
N PRO C 194 -7.73 -33.12 -30.85
CA PRO C 194 -6.54 -33.83 -30.36
C PRO C 194 -5.93 -33.01 -29.23
N PRO C 195 -5.10 -33.63 -28.38
CA PRO C 195 -4.31 -32.85 -27.42
C PRO C 195 -3.20 -32.06 -28.14
N VAL C 196 -3.02 -30.80 -27.77
CA VAL C 196 -2.03 -29.95 -28.43
C VAL C 196 -0.75 -29.77 -27.57
N SER C 197 0.36 -30.36 -28.01
CA SER C 197 1.61 -30.42 -27.25
C SER C 197 2.62 -29.27 -27.48
N PHE C 198 2.38 -28.42 -28.48
CA PHE C 198 3.21 -27.22 -28.60
C PHE C 198 2.56 -26.17 -29.48
N VAL C 199 2.94 -24.91 -29.25
CA VAL C 199 2.65 -23.80 -30.16
C VAL C 199 3.71 -22.69 -30.08
N LYS C 200 4.07 -22.11 -31.21
CA LYS C 200 4.66 -20.77 -31.23
C LYS C 200 4.14 -19.98 -32.43
N PHE C 201 4.01 -18.67 -32.23
CA PHE C 201 3.72 -17.78 -33.32
C PHE C 201 4.87 -17.88 -34.30
N SER C 202 4.59 -17.54 -35.55
CA SER C 202 5.61 -17.43 -36.58
C SER C 202 6.38 -16.12 -36.41
N PRO C 203 7.54 -16.02 -37.08
CA PRO C 203 8.41 -14.83 -37.05
C PRO C 203 7.70 -13.62 -37.63
N ASN C 204 6.94 -13.87 -38.69
CA ASN C 204 6.08 -12.89 -39.32
C ASN C 204 4.75 -12.79 -38.56
N GLY C 205 4.60 -13.67 -37.57
CA GLY C 205 3.59 -13.57 -36.53
C GLY C 205 2.17 -13.89 -36.93
N LYS C 206 1.96 -14.03 -38.23
CA LYS C 206 0.61 -14.11 -38.74
C LYS C 206 0.02 -15.51 -38.68
N TYR C 207 0.91 -16.49 -38.66
CA TYR C 207 0.47 -17.87 -38.51
C TYR C 207 1.08 -18.48 -37.25
N ILE C 208 0.33 -19.36 -36.62
CA ILE C 208 0.81 -20.01 -35.43
C ILE C 208 0.86 -21.54 -35.62
N LEU C 209 1.92 -22.15 -35.10
CA LEU C 209 2.17 -23.56 -35.36
C LEU C 209 1.81 -24.39 -34.14
N ALA C 210 1.20 -25.54 -34.39
CA ALA C 210 0.66 -26.39 -33.34
C ALA C 210 0.96 -27.86 -33.55
N ALA C 211 1.52 -28.47 -32.50
CA ALA C 211 1.84 -29.88 -32.50
C ALA C 211 0.70 -30.60 -31.85
N THR C 212 0.40 -31.79 -32.34
CA THR C 212 -0.70 -32.56 -31.77
C THR C 212 -0.34 -34.04 -31.58
N LEU C 213 -1.10 -34.71 -30.72
CA LEU C 213 -0.75 -36.08 -30.33
C LEU C 213 -1.39 -37.13 -31.24
N ASP C 214 -1.99 -36.66 -32.32
CA ASP C 214 -2.41 -37.50 -33.45
C ASP C 214 -1.30 -37.69 -34.52
N ASN C 215 -0.07 -37.34 -34.18
CA ASN C 215 1.09 -37.50 -35.07
C ASN C 215 1.01 -36.50 -36.18
N THR C 216 0.60 -35.30 -35.78
CA THR C 216 0.29 -34.24 -36.71
C THR C 216 1.13 -33.00 -36.41
N LEU C 217 1.26 -32.12 -37.40
CA LEU C 217 1.77 -30.78 -37.18
C LEU C 217 0.97 -29.79 -38.02
N LYS C 218 0.29 -28.85 -37.38
CA LYS C 218 -0.65 -27.99 -38.10
C LYS C 218 -0.28 -26.52 -38.08
N LEU C 219 -0.45 -25.87 -39.23
CA LEU C 219 -0.25 -24.43 -39.28
C LEU C 219 -1.58 -23.72 -39.40
N TRP C 220 -1.67 -22.57 -38.76
CA TRP C 220 -2.92 -21.83 -38.63
C TRP C 220 -2.75 -20.36 -38.94
N ASP C 221 -3.72 -19.77 -39.62
CA ASP C 221 -3.80 -18.32 -39.70
C ASP C 221 -4.85 -17.98 -38.69
N TYR C 222 -4.43 -17.39 -37.57
CA TYR C 222 -5.34 -17.24 -36.43
C TYR C 222 -6.33 -16.13 -36.61
N SER C 223 -5.88 -15.05 -37.23
CA SER C 223 -6.80 -13.97 -37.56
C SER C 223 -8.02 -14.55 -38.22
N LYS C 224 -7.75 -15.34 -39.23
CA LYS C 224 -8.77 -16.06 -40.01
C LYS C 224 -9.35 -17.29 -39.27
N GLY C 225 -8.71 -17.68 -38.18
CA GLY C 225 -9.12 -18.83 -37.41
C GLY C 225 -9.31 -20.05 -38.29
N LYS C 226 -8.32 -20.43 -39.09
CA LYS C 226 -8.37 -21.73 -39.78
C LYS C 226 -6.99 -22.32 -40.09
N CYS C 227 -6.93 -23.66 -40.09
CA CYS C 227 -5.74 -24.41 -40.48
C CYS C 227 -5.45 -24.19 -41.97
N LEU C 228 -4.17 -24.06 -42.31
CA LEU C 228 -3.75 -23.96 -43.71
C LEU C 228 -3.23 -25.29 -44.19
N LYS C 229 -2.10 -25.69 -43.61
CA LYS C 229 -1.44 -26.90 -44.05
C LYS C 229 -1.14 -27.81 -42.86
N THR C 230 -0.93 -29.10 -43.14
CA THR C 230 -0.64 -30.07 -42.09
C THR C 230 0.45 -31.05 -42.53
N TYR C 231 1.35 -31.37 -41.60
CA TYR C 231 2.50 -32.20 -41.90
C TYR C 231 2.46 -33.48 -41.07
N THR C 232 2.79 -34.62 -41.68
CA THR C 232 2.78 -35.90 -40.96
C THR C 232 4.01 -36.78 -41.20
N GLY C 233 3.93 -37.98 -40.62
CA GLY C 233 4.92 -39.03 -40.76
C GLY C 233 5.82 -39.24 -39.55
N HIS C 234 6.02 -38.19 -38.75
CA HIS C 234 6.77 -38.33 -37.50
C HIS C 234 5.87 -38.99 -36.47
N LYS C 235 6.44 -39.62 -35.47
CA LYS C 235 5.62 -40.22 -34.41
C LYS C 235 5.58 -39.32 -33.17
N ASN C 236 4.42 -38.73 -32.93
CA ASN C 236 4.19 -37.95 -31.73
C ASN C 236 2.88 -38.40 -31.12
N GLU C 237 2.96 -39.12 -30.01
CA GLU C 237 1.77 -39.62 -29.34
C GLU C 237 1.82 -39.32 -27.86
N LYS C 238 2.91 -39.78 -27.22
CA LYS C 238 3.19 -39.56 -25.81
C LYS C 238 3.75 -38.18 -25.45
N TYR C 239 4.93 -37.86 -25.97
CA TYR C 239 5.69 -36.69 -25.53
C TYR C 239 5.29 -35.36 -26.19
N CYS C 240 5.44 -34.25 -25.45
CA CYS C 240 5.19 -32.92 -26.02
C CYS C 240 6.51 -32.44 -26.58
N ILE C 241 6.61 -32.43 -27.90
CA ILE C 241 7.91 -32.32 -28.53
C ILE C 241 8.01 -31.03 -29.34
N PHE C 242 9.09 -30.27 -29.11
CA PHE C 242 9.20 -28.93 -29.66
C PHE C 242 9.07 -28.94 -31.16
N ALA C 243 8.54 -27.83 -31.68
CA ALA C 243 8.38 -27.63 -33.12
C ALA C 243 9.01 -26.29 -33.53
N ASN C 244 9.91 -26.33 -34.51
CA ASN C 244 10.62 -25.12 -34.96
C ASN C 244 10.30 -24.66 -36.38
N PHE C 245 10.36 -23.34 -36.58
CA PHE C 245 10.48 -22.75 -37.92
C PHE C 245 11.98 -22.67 -38.31
N SER C 246 12.35 -23.06 -39.55
CA SER C 246 13.71 -22.80 -40.00
C SER C 246 13.73 -21.70 -41.06
N VAL C 247 14.24 -20.53 -40.68
CA VAL C 247 14.23 -19.38 -41.55
C VAL C 247 15.54 -19.19 -42.31
N THR C 248 16.58 -19.95 -41.98
CA THR C 248 17.91 -19.49 -42.37
C THR C 248 18.22 -19.76 -43.85
N GLY C 249 18.63 -20.98 -44.19
CA GLY C 249 18.82 -21.27 -45.59
C GLY C 249 17.52 -21.51 -46.33
N GLY C 250 16.87 -22.61 -45.97
CA GLY C 250 15.64 -23.00 -46.61
C GLY C 250 14.56 -22.71 -45.61
N LYS C 251 13.30 -22.75 -46.05
CA LYS C 251 12.20 -22.50 -45.15
C LYS C 251 11.46 -23.81 -44.82
N TRP C 252 11.67 -24.30 -43.59
CA TRP C 252 11.28 -25.67 -43.24
C TRP C 252 10.46 -25.69 -41.97
N ILE C 253 9.83 -26.85 -41.75
CA ILE C 253 9.33 -27.21 -40.42
C ILE C 253 10.29 -28.24 -39.84
N VAL C 254 10.74 -28.01 -38.60
CA VAL C 254 11.67 -28.94 -37.95
C VAL C 254 11.14 -29.44 -36.59
N SER C 255 11.05 -30.75 -36.42
CA SER C 255 10.51 -31.33 -35.19
C SER C 255 11.24 -32.60 -34.75
N GLY C 256 11.19 -32.89 -33.46
CA GLY C 256 11.67 -34.18 -32.98
C GLY C 256 10.64 -35.25 -33.32
N SER C 257 10.88 -36.49 -32.88
CA SER C 257 9.95 -37.58 -33.15
C SER C 257 10.15 -38.72 -32.16
N GLU C 258 9.14 -39.58 -32.01
CA GLU C 258 9.19 -40.69 -31.05
C GLU C 258 9.68 -42.00 -31.67
N ASP C 259 10.01 -41.94 -32.96
CA ASP C 259 10.74 -43.01 -33.64
C ASP C 259 12.28 -42.78 -33.69
N ASN C 260 12.73 -41.76 -32.95
CA ASN C 260 14.15 -41.36 -32.86
C ASN C 260 14.75 -40.61 -34.07
N LEU C 261 13.91 -39.93 -34.83
CA LEU C 261 14.40 -39.16 -35.97
C LEU C 261 14.04 -37.67 -35.86
N VAL C 262 14.84 -36.83 -36.48
CA VAL C 262 14.50 -35.43 -36.58
C VAL C 262 13.86 -35.18 -37.94
N TYR C 263 12.66 -34.62 -37.95
CA TYR C 263 11.91 -34.42 -39.19
C TYR C 263 11.93 -32.99 -39.75
N ILE C 264 12.16 -32.88 -41.05
CA ILE C 264 12.15 -31.59 -41.74
C ILE C 264 11.19 -31.62 -42.93
N TRP C 265 10.18 -30.76 -42.93
CA TRP C 265 9.19 -30.70 -44.01
C TRP C 265 9.35 -29.46 -44.84
N ASN C 266 9.07 -29.60 -46.12
CA ASN C 266 8.87 -28.43 -46.94
C ASN C 266 7.69 -27.71 -46.32
N LEU C 267 7.86 -26.43 -46.03
CA LEU C 267 6.79 -25.65 -45.44
C LEU C 267 5.63 -25.45 -46.42
N GLN C 268 5.93 -25.27 -47.70
CA GLN C 268 4.88 -25.20 -48.71
C GLN C 268 4.28 -26.57 -49.08
N THR C 269 5.11 -27.50 -49.54
CA THR C 269 4.63 -28.76 -50.08
C THR C 269 4.33 -29.84 -49.04
N LYS C 270 4.58 -29.52 -47.78
CA LYS C 270 4.06 -30.30 -46.65
C LYS C 270 4.62 -31.71 -46.53
N GLU C 271 5.19 -32.23 -47.61
CA GLU C 271 5.86 -33.51 -47.51
C GLU C 271 7.36 -33.38 -47.11
N ILE C 272 7.91 -34.44 -46.53
CA ILE C 272 9.24 -34.40 -45.91
C ILE C 272 10.42 -34.28 -46.87
N VAL C 273 11.27 -33.29 -46.61
CA VAL C 273 12.55 -33.13 -47.34
C VAL C 273 13.72 -33.99 -46.83
N GLN C 274 13.90 -34.06 -45.51
CA GLN C 274 14.97 -34.88 -44.98
C GLN C 274 14.73 -35.33 -43.53
N LYS C 275 15.22 -36.52 -43.17
CA LYS C 275 15.25 -36.94 -41.77
C LYS C 275 16.65 -37.37 -41.28
N LEU C 276 16.95 -37.05 -40.01
CA LEU C 276 18.30 -37.28 -39.43
C LEU C 276 18.30 -38.40 -38.41
N GLN C 277 19.30 -39.28 -38.49
CA GLN C 277 19.37 -40.44 -37.60
C GLN C 277 20.67 -40.47 -36.78
N GLY C 278 20.79 -41.48 -35.92
CA GLY C 278 21.95 -41.56 -35.05
C GLY C 278 21.56 -41.25 -33.62
N HIS C 279 20.32 -40.82 -33.42
CA HIS C 279 19.80 -40.70 -32.08
C HIS C 279 19.24 -42.03 -31.57
N THR C 280 19.70 -42.44 -30.39
CA THR C 280 19.45 -43.78 -29.90
C THR C 280 18.19 -43.82 -29.06
N ASP C 281 17.51 -42.68 -28.97
CA ASP C 281 16.22 -42.57 -28.27
C ASP C 281 15.28 -41.57 -28.94
N VAL C 282 14.21 -41.23 -28.24
CA VAL C 282 13.22 -40.30 -28.76
C VAL C 282 13.79 -38.87 -28.74
N VAL C 283 13.35 -38.03 -29.67
CA VAL C 283 13.79 -36.63 -29.71
C VAL C 283 12.74 -35.71 -29.12
N ILE C 284 13.03 -35.15 -27.94
CA ILE C 284 12.11 -34.23 -27.26
C ILE C 284 12.18 -32.74 -27.63
N SER C 285 13.34 -32.29 -28.11
CA SER C 285 13.58 -30.87 -28.40
C SER C 285 14.52 -30.60 -29.59
N THR C 286 14.14 -29.63 -30.40
CA THR C 286 14.99 -29.19 -31.49
C THR C 286 15.09 -27.67 -31.40
N ALA C 287 16.15 -27.10 -31.96
CA ALA C 287 16.33 -25.66 -31.98
C ALA C 287 17.17 -25.26 -33.19
N CYS C 288 16.86 -24.11 -33.80
CA CYS C 288 17.62 -23.68 -34.97
C CYS C 288 18.47 -22.46 -34.69
N HIS C 289 19.65 -22.42 -35.30
CA HIS C 289 20.55 -21.30 -35.11
C HIS C 289 19.90 -20.07 -35.71
N PRO C 290 20.16 -18.91 -35.11
CA PRO C 290 19.61 -17.64 -35.60
C PRO C 290 20.23 -17.24 -36.93
N THR C 291 21.51 -17.54 -37.07
CA THR C 291 22.30 -17.02 -38.19
C THR C 291 22.64 -18.11 -39.20
N GLU C 292 23.48 -19.08 -38.80
CA GLU C 292 23.88 -20.17 -39.70
C GLU C 292 22.77 -21.22 -39.80
N ASN C 293 23.06 -22.32 -40.51
CA ASN C 293 22.09 -23.41 -40.55
C ASN C 293 22.55 -24.51 -39.62
N ILE C 294 21.96 -24.55 -38.44
CA ILE C 294 22.25 -25.60 -37.49
C ILE C 294 20.97 -26.02 -36.77
N ILE C 295 20.71 -27.31 -36.83
CA ILE C 295 19.75 -27.89 -35.93
C ILE C 295 20.51 -28.47 -34.75
N ALA C 296 20.03 -28.19 -33.55
CA ALA C 296 20.46 -28.94 -32.37
C ALA C 296 19.29 -29.83 -31.97
N SER C 297 19.59 -31.04 -31.55
CA SER C 297 18.52 -31.90 -31.05
C SER C 297 18.95 -32.65 -29.78
N ALA C 298 18.00 -32.87 -28.86
CA ALA C 298 18.27 -33.63 -27.65
C ALA C 298 17.30 -34.80 -27.48
N ALA C 299 17.76 -35.87 -26.81
CA ALA C 299 16.99 -37.12 -26.69
C ALA C 299 16.86 -37.60 -25.26
N LEU C 300 15.96 -38.55 -25.05
CA LEU C 300 15.63 -38.96 -23.70
C LEU C 300 16.68 -39.94 -23.13
N GLU C 301 16.44 -40.46 -21.93
CA GLU C 301 17.53 -41.05 -21.12
C GLU C 301 18.28 -42.24 -21.72
N ASN C 302 17.75 -42.83 -22.79
CA ASN C 302 18.47 -43.91 -23.44
C ASN C 302 19.51 -43.34 -24.38
N ASP C 303 19.61 -42.02 -24.38
CA ASP C 303 20.57 -41.33 -25.22
C ASP C 303 21.37 -40.35 -24.36
N LYS C 304 20.65 -39.36 -23.81
CA LYS C 304 21.22 -38.29 -23.01
C LYS C 304 22.20 -37.38 -23.78
N THR C 305 22.09 -37.34 -25.11
CA THR C 305 22.97 -36.50 -25.91
C THR C 305 22.24 -35.45 -26.76
N ILE C 306 22.86 -34.28 -26.86
CA ILE C 306 22.47 -33.23 -27.81
C ILE C 306 23.34 -33.39 -29.05
N LYS C 307 22.72 -33.66 -30.20
CA LYS C 307 23.44 -33.68 -31.48
C LYS C 307 23.26 -32.38 -32.27
N LEU C 308 24.34 -31.97 -32.92
CA LEU C 308 24.42 -30.70 -33.64
C LEU C 308 24.54 -30.97 -35.13
N TRP C 309 23.80 -30.22 -35.95
CA TRP C 309 23.70 -30.53 -37.38
C TRP C 309 23.82 -29.31 -38.27
N LYS C 310 24.68 -29.39 -39.29
CA LYS C 310 24.88 -28.25 -40.18
C LYS C 310 24.50 -28.59 -41.62
N SER C 311 23.99 -27.59 -42.33
CA SER C 311 23.64 -27.72 -43.74
C SER C 311 24.08 -26.52 -44.61
N ASP C 312 24.20 -26.77 -45.91
CA ASP C 312 24.47 -25.71 -46.89
C ASP C 312 23.23 -24.96 -47.36
N CYS C 313 22.08 -25.64 -47.33
CA CYS C 313 20.77 -24.98 -47.50
C CYS C 313 19.87 -25.29 -46.30
N VAL D 10 6.49 15.38 -18.81
CA VAL D 10 7.32 16.57 -18.55
C VAL D 10 8.78 16.37 -18.92
N LYS D 11 9.31 15.19 -18.62
CA LYS D 11 10.57 14.75 -19.23
C LYS D 11 10.55 13.25 -19.46
N PRO D 12 11.07 12.81 -20.62
CA PRO D 12 11.17 11.38 -20.93
C PRO D 12 12.37 10.74 -20.24
N ASN D 13 12.27 9.46 -19.88
CA ASN D 13 13.45 8.73 -19.47
C ASN D 13 13.71 7.61 -20.46
N TYR D 14 14.75 7.74 -21.26
CA TYR D 14 15.06 6.67 -22.20
C TYR D 14 16.07 5.68 -21.64
N ALA D 15 15.77 4.40 -21.83
CA ALA D 15 16.62 3.36 -21.31
C ALA D 15 17.23 2.60 -22.46
N LEU D 16 18.53 2.37 -22.39
CA LEU D 16 19.13 1.45 -23.34
C LEU D 16 18.56 0.05 -23.09
N LYS D 17 18.02 -0.55 -24.14
CA LYS D 17 17.45 -1.89 -24.07
C LYS D 17 18.33 -2.85 -24.85
N PHE D 18 18.47 -2.60 -26.16
CA PHE D 18 19.33 -3.43 -26.99
C PHE D 18 20.46 -2.66 -27.70
N THR D 19 21.59 -3.35 -27.89
CA THR D 19 22.66 -2.90 -28.75
C THR D 19 22.83 -3.99 -29.78
N LEU D 20 22.89 -3.62 -31.06
CA LEU D 20 22.96 -4.61 -32.12
C LEU D 20 24.11 -4.33 -33.07
N ALA D 21 24.94 -5.33 -33.34
CA ALA D 21 26.01 -5.18 -34.33
C ALA D 21 26.15 -6.42 -35.23
N GLY D 22 26.06 -6.23 -36.53
CA GLY D 22 26.56 -7.14 -37.55
C GLY D 22 27.29 -6.39 -38.64
N HIS D 23 27.44 -5.08 -38.46
CA HIS D 23 27.82 -4.21 -39.56
C HIS D 23 29.33 -4.01 -39.61
N THR D 24 29.95 -4.53 -40.68
CA THR D 24 31.41 -4.47 -40.85
C THR D 24 31.96 -3.06 -40.83
N LYS D 25 31.59 -2.28 -41.86
CA LYS D 25 32.00 -0.88 -41.99
C LYS D 25 30.97 0.02 -41.29
N ALA D 26 31.16 1.34 -41.32
CA ALA D 26 30.31 2.27 -40.54
C ALA D 26 28.85 2.45 -41.03
N VAL D 27 27.94 2.69 -40.08
CA VAL D 27 26.52 2.86 -40.39
C VAL D 27 26.08 4.28 -40.81
N SER D 28 25.19 4.36 -41.81
CA SER D 28 24.82 5.66 -42.35
C SER D 28 23.43 6.12 -41.88
N SER D 29 22.41 5.34 -42.20
CA SER D 29 21.06 5.69 -41.75
C SER D 29 20.42 4.53 -41.00
N VAL D 30 19.41 4.84 -40.19
CA VAL D 30 18.45 3.85 -39.69
C VAL D 30 17.04 4.45 -39.70
N LYS D 31 16.10 3.73 -40.30
CA LYS D 31 14.70 4.17 -40.33
C LYS D 31 13.78 3.01 -39.94
N PHE D 32 12.77 3.35 -39.13
CA PHE D 32 11.78 2.39 -38.62
C PHE D 32 10.69 2.16 -39.65
N SER D 33 10.30 0.91 -39.87
CA SER D 33 9.18 0.65 -40.78
C SER D 33 7.83 1.11 -40.21
N PRO D 34 6.98 1.73 -41.06
CA PRO D 34 5.69 2.35 -40.67
C PRO D 34 4.79 1.44 -39.84
N ASN D 35 4.98 0.12 -39.93
CA ASN D 35 4.19 -0.86 -39.17
C ASN D 35 4.71 -1.07 -37.76
N GLY D 36 5.81 -0.39 -37.40
CA GLY D 36 6.38 -0.53 -36.07
C GLY D 36 6.71 -1.99 -35.75
N GLU D 37 7.51 -2.59 -36.62
CA GLU D 37 7.93 -3.98 -36.46
C GLU D 37 9.43 -4.06 -36.63
N TRP D 38 9.92 -3.56 -37.75
CA TRP D 38 11.31 -3.71 -38.14
C TRP D 38 12.06 -2.38 -38.15
N LEU D 39 13.38 -2.49 -38.08
CA LEU D 39 14.29 -1.37 -38.25
C LEU D 39 15.17 -1.73 -39.43
N ALA D 40 15.31 -0.85 -40.41
CA ALA D 40 16.25 -1.09 -41.50
C ALA D 40 17.45 -0.19 -41.32
N SER D 41 18.61 -0.67 -41.73
CA SER D 41 19.86 0.10 -41.59
C SER D 41 20.77 0.01 -42.83
N SER D 42 21.47 1.09 -43.09
CA SER D 42 22.40 1.12 -44.22
C SER D 42 23.80 1.42 -43.70
N SER D 43 24.79 1.02 -44.48
CA SER D 43 26.17 1.16 -44.05
C SER D 43 27.20 1.13 -45.17
N ALA D 44 28.38 1.65 -44.84
CA ALA D 44 29.53 1.70 -45.73
C ALA D 44 29.97 0.29 -46.14
N ASP D 45 29.28 -0.70 -45.60
CA ASP D 45 29.55 -2.09 -45.94
C ASP D 45 28.73 -2.54 -47.17
N LYS D 46 28.08 -1.58 -47.83
CA LYS D 46 27.35 -1.84 -49.06
C LYS D 46 26.13 -2.72 -48.78
N LEU D 47 25.68 -2.69 -47.53
CA LEU D 47 24.61 -3.58 -47.05
C LEU D 47 23.41 -2.89 -46.40
N ILE D 48 22.30 -3.62 -46.38
CA ILE D 48 21.12 -3.24 -45.63
C ILE D 48 20.79 -4.37 -44.67
N LYS D 49 20.87 -4.11 -43.37
CA LYS D 49 20.44 -5.12 -42.40
C LYS D 49 19.14 -4.79 -41.64
N ILE D 50 18.33 -5.82 -41.41
CA ILE D 50 16.97 -5.63 -40.89
C ILE D 50 16.83 -6.23 -39.50
N TRP D 51 16.31 -5.45 -38.56
CA TRP D 51 16.25 -5.86 -37.16
C TRP D 51 14.84 -5.82 -36.59
N GLY D 52 14.42 -6.86 -35.90
CA GLY D 52 13.15 -6.81 -35.21
C GLY D 52 13.13 -5.62 -34.26
N ALA D 53 12.15 -4.74 -34.44
CA ALA D 53 12.08 -3.50 -33.65
C ALA D 53 11.90 -3.81 -32.19
N TYR D 54 11.17 -4.88 -31.91
CA TYR D 54 10.85 -5.19 -30.54
C TYR D 54 11.98 -5.95 -29.88
N ASP D 55 12.31 -7.08 -30.47
CA ASP D 55 13.31 -8.02 -29.94
C ASP D 55 14.76 -7.60 -30.17
N GLY D 56 14.99 -6.69 -31.10
CA GLY D 56 16.35 -6.27 -31.38
C GLY D 56 17.15 -7.26 -32.21
N LYS D 57 16.46 -8.29 -32.70
CA LYS D 57 17.12 -9.39 -33.39
C LYS D 57 17.35 -9.17 -34.89
N PHE D 58 18.56 -9.48 -35.37
CA PHE D 58 18.84 -9.46 -36.81
C PHE D 58 17.93 -10.39 -37.62
N GLU D 59 17.30 -9.84 -38.66
CA GLU D 59 16.32 -10.54 -39.49
C GLU D 59 16.95 -11.04 -40.80
N LYS D 60 17.35 -10.12 -41.66
CA LYS D 60 18.05 -10.51 -42.90
C LYS D 60 19.00 -9.44 -43.45
N THR D 61 19.97 -9.87 -44.27
CA THR D 61 20.82 -8.97 -45.04
C THR D 61 20.22 -8.71 -46.41
N ILE D 62 20.30 -7.46 -46.87
CA ILE D 62 19.95 -7.10 -48.24
C ILE D 62 21.15 -6.45 -48.94
N SER D 63 21.54 -6.99 -50.09
CA SER D 63 22.79 -6.52 -50.71
C SER D 63 22.77 -6.62 -52.23
N GLY D 64 23.89 -6.30 -52.86
CA GLY D 64 23.93 -6.20 -54.31
C GLY D 64 24.07 -4.77 -54.81
N HIS D 65 24.32 -3.86 -53.87
CA HIS D 65 24.79 -2.54 -54.25
C HIS D 65 26.29 -2.61 -54.48
N LYS D 66 26.80 -1.79 -55.39
CA LYS D 66 28.22 -1.84 -55.70
C LYS D 66 29.03 -1.00 -54.73
N LEU D 67 28.39 -0.06 -54.05
CA LEU D 67 29.12 0.84 -53.17
C LEU D 67 28.30 1.24 -51.97
N GLY D 68 28.94 2.03 -51.10
CA GLY D 68 28.35 2.33 -49.81
C GLY D 68 26.98 2.96 -49.90
N ILE D 69 26.04 2.47 -49.11
CA ILE D 69 24.75 3.08 -49.07
C ILE D 69 24.72 4.20 -48.04
N SER D 70 24.42 5.41 -48.50
CA SER D 70 24.32 6.60 -47.66
C SER D 70 22.97 6.71 -46.92
N ASP D 71 21.89 6.26 -47.56
CA ASP D 71 20.55 6.38 -46.96
C ASP D 71 19.62 5.22 -47.37
N VAL D 72 18.51 5.07 -46.63
CA VAL D 72 17.44 4.18 -47.02
C VAL D 72 16.13 4.64 -46.39
N ALA D 73 15.02 4.45 -47.09
CA ALA D 73 13.70 4.68 -46.45
C ALA D 73 12.64 3.66 -46.86
N TRP D 74 11.67 3.45 -45.95
CA TRP D 74 10.59 2.50 -46.17
C TRP D 74 9.47 3.07 -47.05
N SER D 75 8.79 2.19 -47.79
CA SER D 75 7.52 2.53 -48.42
C SER D 75 6.42 2.50 -47.36
N SER D 76 5.27 3.11 -47.64
CA SER D 76 4.14 3.15 -46.70
C SER D 76 3.50 1.80 -46.41
N ASP D 77 3.37 0.99 -47.46
CA ASP D 77 2.72 -0.33 -47.37
C ASP D 77 3.70 -1.34 -46.79
N SER D 78 4.84 -0.83 -46.34
CA SER D 78 5.88 -1.61 -45.65
C SER D 78 6.18 -2.85 -46.47
N ASN D 79 6.03 -2.67 -47.78
CA ASN D 79 6.46 -3.62 -48.79
C ASN D 79 7.97 -3.51 -49.09
N LEU D 80 8.44 -2.27 -49.16
CA LEU D 80 9.62 -1.96 -49.95
C LEU D 80 10.60 -1.01 -49.29
N LEU D 81 11.87 -1.19 -49.66
CA LEU D 81 12.97 -0.31 -49.27
C LEU D 81 13.58 0.34 -50.48
N VAL D 82 13.94 1.62 -50.32
CA VAL D 82 14.67 2.32 -51.36
C VAL D 82 15.99 2.70 -50.71
N SER D 83 17.09 2.40 -51.41
CA SER D 83 18.45 2.66 -50.93
C SER D 83 19.22 3.53 -51.90
N ALA D 84 19.80 4.60 -51.37
CA ALA D 84 20.61 5.55 -52.15
C ALA D 84 22.11 5.34 -51.91
N SER D 85 22.88 5.06 -52.96
CA SER D 85 24.26 4.64 -52.75
C SER D 85 25.33 5.46 -53.48
N ASP D 86 26.58 5.13 -53.20
CA ASP D 86 27.72 5.84 -53.77
C ASP D 86 27.91 5.37 -55.17
N ASP D 87 27.14 4.37 -55.58
CA ASP D 87 27.30 3.75 -56.89
C ASP D 87 26.51 4.47 -58.00
N LYS D 88 25.98 5.64 -57.66
CA LYS D 88 25.33 6.48 -58.66
C LYS D 88 23.88 6.08 -58.78
N THR D 89 23.50 5.03 -58.05
CA THR D 89 22.14 4.50 -58.21
C THR D 89 21.31 4.36 -56.93
N LEU D 90 20.00 4.20 -57.13
CA LEU D 90 19.07 3.84 -56.08
C LEU D 90 18.57 2.43 -56.35
N LYS D 91 18.22 1.70 -55.31
CA LYS D 91 17.58 0.41 -55.53
C LYS D 91 16.20 0.27 -54.83
N ILE D 92 15.28 -0.45 -55.47
CA ILE D 92 13.99 -0.72 -54.85
C ILE D 92 13.84 -2.19 -54.45
N TRP D 93 13.81 -2.46 -53.15
CA TRP D 93 13.90 -3.81 -52.68
C TRP D 93 12.55 -4.28 -52.19
N ASP D 94 12.10 -5.44 -52.66
CA ASP D 94 10.95 -6.08 -52.04
C ASP D 94 11.52 -6.71 -50.79
N VAL D 95 11.09 -6.18 -49.65
CA VAL D 95 11.73 -6.54 -48.39
C VAL D 95 11.37 -7.97 -47.94
N SER D 96 10.26 -8.50 -48.44
CA SER D 96 9.87 -9.86 -48.06
C SER D 96 10.89 -10.87 -48.54
N SER D 97 11.12 -10.89 -49.85
CA SER D 97 12.10 -11.80 -50.40
C SER D 97 13.46 -11.34 -49.95
N GLY D 98 13.71 -10.05 -50.13
CA GLY D 98 15.02 -9.45 -49.93
C GLY D 98 15.67 -9.13 -51.25
N LYS D 99 14.92 -9.27 -52.33
CA LYS D 99 15.49 -9.10 -53.67
C LYS D 99 15.20 -7.73 -54.28
N CYS D 100 16.13 -7.26 -55.12
CA CYS D 100 16.03 -5.96 -55.79
C CYS D 100 15.03 -5.97 -56.96
N LEU D 101 14.05 -5.08 -56.90
CA LEU D 101 13.04 -5.00 -57.94
C LEU D 101 13.53 -4.17 -59.12
N LYS D 102 13.59 -2.85 -58.96
CA LYS D 102 14.16 -2.03 -60.03
C LYS D 102 15.45 -1.37 -59.53
N THR D 103 16.31 -1.00 -60.50
CA THR D 103 17.45 -0.14 -60.23
C THR D 103 17.31 1.14 -61.03
N LEU D 104 17.47 2.26 -60.32
CA LEU D 104 17.16 3.57 -60.89
C LEU D 104 18.44 4.30 -61.23
N LYS D 105 18.65 4.53 -62.53
CA LYS D 105 19.89 5.16 -63.01
C LYS D 105 19.64 6.51 -63.65
N GLY D 106 20.04 7.55 -62.93
CA GLY D 106 20.10 8.91 -63.45
C GLY D 106 21.21 9.86 -63.08
N HIS D 107 22.12 9.49 -62.18
CA HIS D 107 22.89 10.54 -61.51
C HIS D 107 24.37 10.71 -61.98
N SER D 108 24.82 11.97 -61.99
CA SER D 108 26.22 12.34 -62.22
C SER D 108 27.10 11.69 -61.14
N ASN D 109 26.55 11.51 -59.95
CA ASN D 109 27.40 11.25 -58.78
C ASN D 109 26.68 10.47 -57.71
N TYR D 110 27.26 10.42 -56.51
CA TYR D 110 26.64 9.67 -55.42
C TYR D 110 25.19 10.10 -55.23
N VAL D 111 24.38 9.16 -54.79
CA VAL D 111 23.04 9.43 -54.34
C VAL D 111 23.00 9.46 -52.80
N PHE D 112 22.75 10.64 -52.25
CA PHE D 112 22.86 10.90 -50.82
C PHE D 112 21.62 10.55 -50.00
N CYS D 113 20.45 10.90 -50.52
CA CYS D 113 19.24 10.84 -49.71
C CYS D 113 18.03 10.38 -50.52
N CYS D 114 17.13 9.65 -49.87
CA CYS D 114 15.94 9.17 -50.53
C CYS D 114 14.79 9.12 -49.54
N ASN D 115 13.58 9.35 -50.04
CA ASN D 115 12.37 9.18 -49.26
C ASN D 115 11.28 8.86 -50.26
N PHE D 116 10.33 8.02 -49.87
CA PHE D 116 9.14 7.72 -50.67
C PHE D 116 8.11 8.80 -50.48
N ASN D 117 7.18 8.93 -51.43
CA ASN D 117 6.08 9.86 -51.23
C ASN D 117 5.03 9.21 -50.35
N PRO D 118 4.09 10.01 -49.78
CA PRO D 118 3.20 9.38 -48.80
C PRO D 118 2.44 8.24 -49.47
N GLN D 119 1.96 8.56 -50.66
CA GLN D 119 1.14 7.69 -51.48
C GLN D 119 1.99 6.51 -51.93
N SER D 120 3.30 6.72 -51.90
CA SER D 120 4.34 5.71 -52.16
C SER D 120 4.43 5.13 -53.59
N ASN D 121 3.99 5.87 -54.59
CA ASN D 121 4.21 5.42 -55.97
C ASN D 121 5.40 6.12 -56.55
N LEU D 122 5.94 7.08 -55.80
CA LEU D 122 7.08 7.84 -56.28
C LEU D 122 8.27 7.87 -55.30
N ILE D 123 9.45 8.15 -55.84
CA ILE D 123 10.61 8.46 -55.00
C ILE D 123 11.33 9.75 -55.40
N VAL D 124 11.75 10.49 -54.39
CA VAL D 124 12.57 11.66 -54.56
C VAL D 124 13.99 11.35 -54.09
N SER D 125 14.98 11.73 -54.89
CA SER D 125 16.40 11.42 -54.60
C SER D 125 17.36 12.61 -54.70
N GLY D 126 18.05 12.91 -53.60
CA GLY D 126 19.09 13.95 -53.60
C GLY D 126 20.45 13.39 -54.00
N SER D 127 21.26 14.19 -54.70
CA SER D 127 22.55 13.71 -55.24
C SER D 127 23.72 14.72 -55.26
N PHE D 128 24.94 14.21 -55.16
CA PHE D 128 26.10 15.09 -55.13
C PHE D 128 26.28 15.86 -56.45
N ASP D 129 25.43 15.56 -57.42
CA ASP D 129 25.36 16.33 -58.67
C ASP D 129 24.33 17.45 -58.55
N GLU D 130 23.85 17.63 -57.32
CA GLU D 130 23.04 18.79 -56.98
C GLU D 130 21.69 18.78 -57.66
N SER D 131 21.18 17.58 -57.94
CA SER D 131 19.86 17.45 -58.52
C SER D 131 18.94 16.74 -57.56
N VAL D 132 17.67 17.10 -57.63
CA VAL D 132 16.61 16.32 -57.00
C VAL D 132 15.81 15.68 -58.14
N ARG D 133 15.82 14.34 -58.19
CA ARG D 133 15.13 13.63 -59.28
C ARG D 133 13.88 12.93 -58.75
N ILE D 134 12.90 12.71 -59.62
CA ILE D 134 11.69 12.02 -59.21
C ILE D 134 11.42 10.75 -60.00
N TRP D 135 11.06 9.67 -59.31
CA TRP D 135 11.06 8.36 -59.92
C TRP D 135 9.75 7.60 -59.77
N ASP D 136 9.28 7.04 -60.88
CA ASP D 136 8.09 6.19 -60.88
C ASP D 136 8.40 4.75 -60.36
N VAL D 137 7.81 4.39 -59.23
CA VAL D 137 8.11 3.13 -58.55
C VAL D 137 7.78 1.88 -59.38
N LYS D 138 6.85 2.02 -60.33
CA LYS D 138 6.43 0.89 -61.15
C LYS D 138 7.37 0.74 -62.34
N THR D 139 7.29 1.69 -63.25
CA THR D 139 8.15 1.68 -64.42
C THR D 139 9.64 1.67 -64.03
N GLY D 140 10.01 2.62 -63.18
CA GLY D 140 11.38 2.74 -62.72
C GLY D 140 12.11 3.87 -63.41
N LYS D 141 11.43 4.51 -64.35
CA LYS D 141 12.06 5.62 -65.06
C LYS D 141 12.01 6.93 -64.25
N CYS D 142 12.97 7.80 -64.52
CA CYS D 142 13.05 9.06 -63.82
C CYS D 142 12.12 10.08 -64.49
N LEU D 143 11.16 10.54 -63.72
CA LEU D 143 10.12 11.38 -64.24
C LEU D 143 10.69 12.77 -64.52
N LYS D 144 11.02 13.47 -63.45
CA LYS D 144 11.56 14.83 -63.60
C LYS D 144 12.88 14.97 -62.84
N THR D 145 13.63 16.01 -63.22
CA THR D 145 14.94 16.26 -62.65
C THR D 145 15.08 17.74 -62.38
N LEU D 146 15.37 18.07 -61.14
CA LEU D 146 15.44 19.46 -60.74
C LEU D 146 16.85 19.86 -60.42
N PRO D 147 17.40 20.81 -61.16
CA PRO D 147 18.67 21.40 -60.77
C PRO D 147 18.46 22.25 -59.51
N ALA D 148 18.31 21.58 -58.37
CA ALA D 148 17.89 22.22 -57.14
C ALA D 148 18.86 23.27 -56.59
N HIS D 149 20.13 22.89 -56.47
CA HIS D 149 21.10 23.77 -55.82
C HIS D 149 22.40 23.94 -56.62
N SER D 150 23.20 24.90 -56.15
CA SER D 150 24.55 25.13 -56.65
C SER D 150 25.42 24.15 -55.91
N ASP D 151 24.82 23.38 -55.02
CA ASP D 151 25.60 22.45 -54.20
C ASP D 151 24.90 21.10 -54.01
N PRO D 152 25.66 20.07 -53.59
CA PRO D 152 25.21 18.70 -53.29
C PRO D 152 24.04 18.64 -52.32
N VAL D 153 23.14 17.68 -52.50
CA VAL D 153 21.90 17.65 -51.72
C VAL D 153 22.03 16.76 -50.49
N SER D 154 21.82 17.31 -49.30
CA SER D 154 21.81 16.55 -48.05
C SER D 154 20.49 15.82 -47.66
N ALA D 155 19.37 16.32 -48.17
CA ALA D 155 18.07 15.72 -47.84
C ALA D 155 16.97 15.97 -48.87
N VAL D 156 15.97 15.11 -48.85
CA VAL D 156 14.76 15.31 -49.61
C VAL D 156 13.61 14.67 -48.83
N HIS D 157 12.46 15.34 -48.79
CA HIS D 157 11.27 14.75 -48.18
C HIS D 157 10.00 15.29 -48.82
N PHE D 158 8.92 14.52 -48.75
CA PHE D 158 7.60 14.99 -49.17
C PHE D 158 6.83 15.53 -47.98
N ASN D 159 5.65 16.05 -48.22
CA ASN D 159 4.85 16.52 -47.10
C ASN D 159 3.73 15.50 -46.83
N ARG D 160 2.87 15.77 -45.86
CA ARG D 160 1.79 14.84 -45.49
C ARG D 160 1.02 14.27 -46.71
N ASP D 161 0.64 15.15 -47.61
CA ASP D 161 -0.08 14.75 -48.84
C ASP D 161 0.78 14.33 -50.06
N GLY D 162 2.00 14.89 -50.17
CA GLY D 162 2.90 14.51 -51.25
C GLY D 162 2.96 15.51 -52.37
N SER D 163 2.43 16.69 -52.10
CA SER D 163 2.41 17.82 -53.02
C SER D 163 3.73 18.59 -53.05
N LEU D 164 4.46 18.53 -51.95
CA LEU D 164 5.65 19.34 -51.71
C LEU D 164 6.84 18.45 -51.46
N ILE D 165 8.01 18.90 -51.90
CA ILE D 165 9.28 18.26 -51.60
C ILE D 165 10.25 19.31 -51.09
N VAL D 166 10.61 19.26 -49.82
CA VAL D 166 11.68 20.13 -49.34
C VAL D 166 12.99 19.51 -49.73
N SER D 167 14.01 20.33 -49.95
CA SER D 167 15.35 19.79 -50.00
C SER D 167 16.36 20.79 -49.43
N SER D 168 17.44 20.27 -48.90
CA SER D 168 18.47 21.08 -48.25
C SER D 168 19.78 20.87 -48.97
N SER D 169 20.73 21.75 -48.72
CA SER D 169 22.00 21.67 -49.41
C SER D 169 23.06 22.39 -48.64
N TYR D 170 24.30 22.09 -48.95
CA TYR D 170 25.42 22.69 -48.28
C TYR D 170 25.51 24.17 -48.67
N ASP D 171 24.87 24.56 -49.78
CA ASP D 171 24.97 25.95 -50.25
C ASP D 171 24.27 26.93 -49.32
N GLY D 172 23.55 26.38 -48.33
CA GLY D 172 22.86 27.14 -47.31
C GLY D 172 21.36 27.14 -47.48
N LEU D 173 20.90 26.62 -48.62
CA LEU D 173 19.52 26.78 -49.07
C LEU D 173 18.52 25.73 -48.62
N CYS D 174 17.27 26.12 -48.38
CA CYS D 174 16.20 25.14 -48.37
C CYS D 174 15.18 25.46 -49.42
N ARG D 175 15.14 24.67 -50.48
CA ARG D 175 14.18 24.89 -51.57
C ARG D 175 13.00 23.92 -51.44
N ILE D 176 11.79 24.47 -51.57
CA ILE D 176 10.55 23.68 -51.53
C ILE D 176 9.94 23.61 -52.93
N TRP D 177 9.64 22.39 -53.36
CA TRP D 177 9.35 22.14 -54.76
C TRP D 177 7.94 21.69 -54.95
N ASP D 178 7.42 21.94 -56.14
CA ASP D 178 6.10 21.48 -56.51
C ASP D 178 6.18 20.13 -57.23
N THR D 179 5.69 19.09 -56.56
CA THR D 179 5.84 17.69 -56.97
C THR D 179 5.37 17.41 -58.42
N ALA D 180 4.21 17.95 -58.78
CA ALA D 180 3.64 17.73 -60.11
C ALA D 180 4.23 18.65 -61.21
N SER D 181 4.46 19.92 -60.89
CA SER D 181 5.02 20.84 -61.89
C SER D 181 6.52 20.65 -62.10
N GLY D 182 7.24 20.72 -60.97
CA GLY D 182 8.68 20.80 -60.99
C GLY D 182 9.18 22.16 -60.59
N GLN D 183 8.28 23.06 -60.25
CA GLN D 183 8.69 24.42 -59.94
C GLN D 183 9.15 24.59 -58.50
N CYS D 184 10.12 25.48 -58.28
CA CYS D 184 10.47 25.83 -56.91
C CYS D 184 9.50 26.88 -56.41
N LEU D 185 8.92 26.62 -55.24
CA LEU D 185 7.79 27.40 -54.71
C LEU D 185 8.27 28.38 -53.67
N LYS D 186 8.84 27.88 -52.60
CA LYS D 186 9.51 28.76 -51.65
C LYS D 186 10.99 28.42 -51.43
N THR D 187 11.68 29.36 -50.79
CA THR D 187 13.09 29.23 -50.48
C THR D 187 13.36 29.87 -49.12
N LEU D 188 14.09 29.17 -48.26
CA LEU D 188 14.25 29.61 -46.88
C LEU D 188 15.70 30.01 -46.63
N ILE D 189 15.90 31.32 -46.49
CA ILE D 189 17.24 31.90 -46.46
C ILE D 189 17.50 32.70 -45.18
N ASP D 190 16.93 33.91 -45.12
CA ASP D 190 16.88 34.75 -43.91
C ASP D 190 18.20 34.92 -43.11
N ASP D 191 19.16 35.67 -43.65
CA ASP D 191 20.51 35.88 -43.04
C ASP D 191 21.31 34.60 -42.83
N ASP D 192 21.98 34.47 -41.70
CA ASP D 192 22.71 33.21 -41.49
C ASP D 192 23.60 32.88 -42.67
N ASN D 193 23.09 31.91 -43.42
CA ASN D 193 23.78 31.14 -44.46
C ASN D 193 24.82 30.12 -43.99
N PRO D 194 24.38 29.25 -43.08
CA PRO D 194 25.09 28.04 -42.71
C PRO D 194 24.80 26.96 -43.76
N PRO D 195 25.64 25.91 -43.85
CA PRO D 195 25.26 24.71 -44.62
C PRO D 195 24.13 23.94 -43.93
N VAL D 196 23.13 23.51 -44.70
CA VAL D 196 22.00 22.80 -44.14
C VAL D 196 22.09 21.27 -44.40
N SER D 197 22.33 20.49 -43.35
CA SER D 197 22.55 19.05 -43.47
C SER D 197 21.31 18.14 -43.37
N PHE D 198 20.14 18.68 -43.03
CA PHE D 198 18.93 17.88 -43.10
C PHE D 198 17.66 18.72 -43.12
N VAL D 199 16.59 18.17 -43.69
CA VAL D 199 15.23 18.71 -43.53
C VAL D 199 14.19 17.59 -43.65
N LYS D 200 13.12 17.68 -42.86
CA LYS D 200 11.86 17.04 -43.20
C LYS D 200 10.70 17.89 -42.75
N PHE D 201 9.62 17.84 -43.53
CA PHE D 201 8.37 18.46 -43.17
C PHE D 201 7.91 17.82 -41.87
N SER D 202 7.10 18.56 -41.12
CA SER D 202 6.45 18.05 -39.92
C SER D 202 5.24 17.21 -40.33
N PRO D 203 4.76 16.35 -39.39
CA PRO D 203 3.61 15.46 -39.58
C PRO D 203 2.36 16.25 -39.93
N ASN D 204 2.20 17.38 -39.24
CA ASN D 204 1.14 18.33 -39.51
C ASN D 204 1.53 19.21 -40.70
N GLY D 205 2.76 19.01 -41.18
CA GLY D 205 3.23 19.52 -42.47
C GLY D 205 3.46 21.00 -42.57
N LYS D 206 3.06 21.74 -41.54
CA LYS D 206 3.07 23.18 -41.64
C LYS D 206 4.40 23.83 -41.31
N TYR D 207 5.21 23.10 -40.57
CA TYR D 207 6.54 23.56 -40.26
C TYR D 207 7.56 22.56 -40.78
N ILE D 208 8.72 23.06 -41.19
CA ILE D 208 9.76 22.17 -41.69
C ILE D 208 11.04 22.34 -40.86
N LEU D 209 11.68 21.21 -40.55
CA LEU D 209 12.85 21.19 -39.66
C LEU D 209 14.16 21.13 -40.43
N ALA D 210 15.13 21.91 -39.95
CA ALA D 210 16.40 22.04 -40.65
C ALA D 210 17.60 21.97 -39.72
N ALA D 211 18.52 21.09 -40.08
CA ALA D 211 19.77 20.92 -39.35
C ALA D 211 20.85 21.75 -40.01
N THR D 212 21.75 22.32 -39.23
CA THR D 212 22.78 23.15 -39.79
C THR D 212 24.11 22.89 -39.12
N LEU D 213 25.18 23.27 -39.83
CA LEU D 213 26.53 22.91 -39.43
C LEU D 213 27.15 23.97 -38.52
N ASP D 214 26.33 24.93 -38.10
CA ASP D 214 26.65 25.83 -36.98
C ASP D 214 26.25 25.27 -35.59
N ASN D 215 25.95 23.98 -35.54
CA ASN D 215 25.60 23.30 -34.30
C ASN D 215 24.21 23.71 -33.85
N THR D 216 23.36 23.82 -34.85
CA THR D 216 22.05 24.40 -34.69
C THR D 216 20.97 23.41 -35.14
N LEU D 217 19.73 23.59 -34.66
CA LEU D 217 18.56 22.95 -35.22
C LEU D 217 17.38 23.91 -35.26
N LYS D 218 16.88 24.19 -36.47
CA LYS D 218 15.92 25.28 -36.62
C LYS D 218 14.57 24.82 -37.16
N LEU D 219 13.50 25.38 -36.59
CA LEU D 219 12.19 25.07 -37.07
C LEU D 219 11.62 26.28 -37.77
N TRP D 220 10.86 26.02 -38.84
CA TRP D 220 10.41 27.04 -39.77
C TRP D 220 8.95 26.87 -40.08
N ASP D 221 8.23 27.98 -40.17
CA ASP D 221 6.91 27.96 -40.79
C ASP D 221 7.13 28.49 -42.18
N TYR D 222 7.02 27.62 -43.17
CA TYR D 222 7.50 27.96 -44.51
C TYR D 222 6.52 28.82 -45.26
N SER D 223 5.23 28.57 -45.04
CA SER D 223 4.22 29.45 -45.62
C SER D 223 4.58 30.91 -45.30
N LYS D 224 4.83 31.17 -44.02
CA LYS D 224 5.27 32.50 -43.55
C LYS D 224 6.74 32.78 -43.83
N GLY D 225 7.48 31.77 -44.29
CA GLY D 225 8.90 31.94 -44.54
C GLY D 225 9.64 32.58 -43.38
N LYS D 226 9.52 32.01 -42.18
CA LYS D 226 10.39 32.43 -41.06
C LYS D 226 10.64 31.36 -40.00
N CYS D 227 11.84 31.40 -39.42
CA CYS D 227 12.23 30.55 -38.30
C CYS D 227 11.37 30.87 -37.06
N LEU D 228 10.96 29.83 -36.34
CA LEU D 228 10.23 30.01 -35.08
C LEU D 228 11.17 29.85 -33.90
N LYS D 229 11.68 28.64 -33.74
CA LYS D 229 12.50 28.33 -32.60
C LYS D 229 13.76 27.64 -33.06
N THR D 230 14.78 27.65 -32.20
CA THR D 230 16.07 27.06 -32.51
C THR D 230 16.63 26.32 -31.30
N TYR D 231 17.22 25.15 -31.54
CA TYR D 231 17.77 24.30 -30.50
C TYR D 231 19.26 24.13 -30.62
N THR D 232 19.95 24.18 -29.49
CA THR D 232 21.41 23.98 -29.53
C THR D 232 21.97 23.04 -28.47
N GLY D 233 23.31 22.96 -28.43
CA GLY D 233 24.09 22.19 -27.43
C GLY D 233 24.71 20.92 -27.98
N HIS D 234 24.11 20.35 -29.03
CA HIS D 234 24.68 19.17 -29.68
C HIS D 234 25.80 19.64 -30.59
N LYS D 235 26.75 18.77 -30.91
CA LYS D 235 27.82 19.13 -31.83
C LYS D 235 27.56 18.59 -33.23
N ASN D 236 27.26 19.50 -34.15
CA ASN D 236 27.08 19.17 -35.54
C ASN D 236 27.90 20.16 -36.31
N GLU D 237 29.01 19.72 -36.89
CA GLU D 237 29.86 20.58 -37.71
C GLU D 237 30.19 19.87 -39.01
N LYS D 238 30.78 18.68 -38.87
CA LYS D 238 31.17 17.82 -39.99
C LYS D 238 30.02 17.04 -40.66
N TYR D 239 29.39 16.15 -39.91
CA TYR D 239 28.48 15.16 -40.48
C TYR D 239 27.06 15.66 -40.71
N CYS D 240 26.37 15.14 -41.74
CA CYS D 240 24.95 15.49 -41.91
C CYS D 240 24.15 14.45 -41.14
N ILE D 241 23.56 14.89 -40.03
CA ILE D 241 23.02 13.95 -39.05
C ILE D 241 21.53 14.10 -38.92
N PHE D 242 20.81 12.99 -39.06
CA PHE D 242 19.34 13.01 -39.16
C PHE D 242 18.72 13.67 -37.95
N ALA D 243 17.57 14.28 -38.20
CA ALA D 243 16.80 14.99 -37.19
C ALA D 243 15.36 14.50 -37.21
N ASN D 244 14.88 14.06 -36.05
CA ASN D 244 13.54 13.50 -35.93
C ASN D 244 12.57 14.32 -35.10
N PHE D 245 11.28 14.25 -35.47
CA PHE D 245 10.17 14.62 -34.62
C PHE D 245 9.77 13.40 -33.75
N SER D 246 9.55 13.57 -32.44
CA SER D 246 8.95 12.49 -31.63
C SER D 246 7.52 12.81 -31.23
N VAL D 247 6.58 12.10 -31.85
CA VAL D 247 5.17 12.36 -31.66
C VAL D 247 4.52 11.47 -30.60
N THR D 248 5.22 10.45 -30.12
CA THR D 248 4.51 9.35 -29.48
C THR D 248 4.09 9.68 -28.06
N GLY D 249 4.98 9.55 -27.08
CA GLY D 249 4.62 9.97 -25.73
C GLY D 249 4.66 11.49 -25.56
N GLY D 250 5.87 12.03 -25.63
CA GLY D 250 6.06 13.45 -25.45
C GLY D 250 6.40 14.00 -26.80
N LYS D 251 6.39 15.32 -26.91
CA LYS D 251 6.64 15.94 -28.20
C LYS D 251 8.02 16.59 -28.18
N TRP D 252 8.97 15.95 -28.87
CA TRP D 252 10.39 16.29 -28.76
C TRP D 252 11.06 16.51 -30.08
N ILE D 253 12.27 17.06 -30.01
CA ILE D 253 13.20 17.04 -31.12
C ILE D 253 14.27 16.03 -30.77
N VAL D 254 14.55 15.10 -31.69
CA VAL D 254 15.58 14.07 -31.43
C VAL D 254 16.64 14.06 -32.53
N SER D 255 17.91 14.20 -32.13
CA SER D 255 19.00 14.22 -33.10
C SER D 255 20.23 13.47 -32.61
N GLY D 256 21.09 13.06 -33.55
CA GLY D 256 22.39 12.54 -33.18
C GLY D 256 23.32 13.70 -32.87
N SER D 257 24.58 13.39 -32.59
CA SER D 257 25.54 14.44 -32.26
C SER D 257 26.98 13.94 -32.49
N GLU D 258 27.92 14.88 -32.61
CA GLU D 258 29.35 14.57 -32.89
C GLU D 258 30.21 14.48 -31.62
N ASP D 259 29.58 14.69 -30.47
CA ASP D 259 30.16 14.39 -29.16
C ASP D 259 29.73 13.00 -28.63
N ASN D 260 29.09 12.21 -29.50
CA ASN D 260 28.61 10.85 -29.20
C ASN D 260 27.37 10.72 -28.31
N LEU D 261 26.52 11.74 -28.30
CA LEU D 261 25.31 11.66 -27.52
C LEU D 261 24.06 11.81 -28.39
N VAL D 262 22.93 11.27 -27.92
CA VAL D 262 21.65 11.49 -28.58
C VAL D 262 20.94 12.62 -27.85
N TYR D 263 20.54 13.65 -28.59
CA TYR D 263 19.92 14.84 -27.97
C TYR D 263 18.39 14.92 -28.13
N ILE D 264 17.70 15.24 -27.04
CA ILE D 264 16.25 15.40 -27.04
C ILE D 264 15.89 16.77 -26.44
N TRP D 265 15.22 17.59 -27.23
CA TRP D 265 14.78 18.91 -26.76
C TRP D 265 13.29 18.97 -26.53
N ASN D 266 12.89 19.76 -25.56
CA ASN D 266 11.51 20.19 -25.49
C ASN D 266 11.26 20.96 -26.77
N LEU D 267 10.20 20.60 -27.50
CA LEU D 267 9.88 21.26 -28.75
C LEU D 267 9.40 22.69 -28.52
N GLN D 268 8.69 22.92 -27.42
CA GLN D 268 8.28 24.27 -27.05
C GLN D 268 9.42 25.09 -26.41
N THR D 269 9.97 24.59 -25.30
CA THR D 269 10.93 25.36 -24.51
C THR D 269 12.36 25.29 -25.01
N LYS D 270 12.58 24.54 -26.06
CA LYS D 270 13.81 24.63 -26.85
C LYS D 270 15.06 24.18 -26.10
N GLU D 271 15.02 24.14 -24.78
CA GLU D 271 16.15 23.60 -24.03
C GLU D 271 16.04 22.09 -23.80
N ILE D 272 17.18 21.44 -23.60
CA ILE D 272 17.29 19.98 -23.59
C ILE D 272 16.63 19.25 -22.42
N VAL D 273 15.77 18.30 -22.72
CA VAL D 273 15.18 17.44 -21.71
C VAL D 273 16.05 16.25 -21.28
N GLN D 274 16.66 15.55 -22.23
CA GLN D 274 17.52 14.42 -21.88
C GLN D 274 18.57 14.11 -22.95
N LYS D 275 19.74 13.60 -22.53
CA LYS D 275 20.73 13.04 -23.46
C LYS D 275 21.19 11.60 -23.12
N LEU D 276 21.39 10.77 -24.15
CA LEU D 276 21.71 9.36 -23.98
C LEU D 276 23.16 9.04 -24.33
N GLN D 277 23.81 8.22 -23.50
CA GLN D 277 25.22 7.93 -23.66
C GLN D 277 25.46 6.42 -23.79
N GLY D 278 26.70 6.02 -24.00
CA GLY D 278 27.04 4.63 -24.22
C GLY D 278 27.43 4.36 -25.64
N HIS D 279 27.29 5.38 -26.49
CA HIS D 279 27.79 5.28 -27.86
C HIS D 279 29.24 5.73 -27.90
N THR D 280 30.07 4.88 -28.50
CA THR D 280 31.52 5.03 -28.41
C THR D 280 32.04 5.84 -29.58
N ASP D 281 31.13 6.34 -30.41
CA ASP D 281 31.49 7.21 -31.53
C ASP D 281 30.38 8.24 -31.81
N VAL D 282 30.48 8.90 -32.94
CA VAL D 282 29.53 9.92 -33.32
C VAL D 282 28.19 9.29 -33.75
N VAL D 283 27.09 10.00 -33.52
CA VAL D 283 25.76 9.50 -33.91
C VAL D 283 25.30 10.16 -35.20
N ILE D 284 25.27 9.37 -36.28
CA ILE D 284 24.83 9.83 -37.59
C ILE D 284 23.32 9.80 -37.87
N SER D 285 22.60 8.87 -37.24
CA SER D 285 21.19 8.69 -37.55
C SER D 285 20.35 8.26 -36.36
N THR D 286 19.16 8.84 -36.27
CA THR D 286 18.18 8.44 -35.25
C THR D 286 16.84 8.22 -35.93
N ALA D 287 15.98 7.43 -35.30
CA ALA D 287 14.65 7.15 -35.84
C ALA D 287 13.70 6.84 -34.70
N CYS D 288 12.45 7.28 -34.83
CA CYS D 288 11.49 7.01 -33.77
C CYS D 288 10.43 6.00 -34.19
N HIS D 289 10.00 5.19 -33.23
CA HIS D 289 9.00 4.20 -33.50
C HIS D 289 7.70 4.92 -33.79
N PRO D 290 6.88 4.37 -34.70
CA PRO D 290 5.59 4.97 -35.06
C PRO D 290 4.60 4.89 -33.91
N THR D 291 4.65 3.79 -33.15
CA THR D 291 3.63 3.48 -32.19
C THR D 291 4.14 3.65 -30.75
N GLU D 292 5.12 2.85 -30.35
CA GLU D 292 5.65 2.91 -28.97
C GLU D 292 6.66 4.05 -28.86
N ASN D 293 7.31 4.19 -27.71
CA ASN D 293 8.38 5.16 -27.59
C ASN D 293 9.74 4.49 -27.67
N ILE D 294 10.33 4.56 -28.84
CA ILE D 294 11.64 3.99 -29.03
C ILE D 294 12.46 4.87 -29.93
N ILE D 295 13.63 5.24 -29.45
CA ILE D 295 14.63 5.82 -30.32
C ILE D 295 15.57 4.69 -30.70
N ALA D 296 15.93 4.66 -31.98
CA ALA D 296 17.01 3.81 -32.45
C ALA D 296 18.10 4.79 -32.82
N SER D 297 19.36 4.45 -32.57
CA SER D 297 20.45 5.31 -33.02
C SER D 297 21.62 4.48 -33.54
N ALA D 298 22.31 4.97 -34.57
CA ALA D 298 23.51 4.31 -35.08
C ALA D 298 24.72 5.22 -35.07
N ALA D 299 25.91 4.63 -35.03
CA ALA D 299 27.15 5.39 -34.90
C ALA D 299 28.23 4.98 -35.90
N LEU D 300 29.28 5.78 -35.98
CA LEU D 300 30.27 5.60 -37.03
C LEU D 300 31.27 4.49 -36.64
N GLU D 301 32.27 4.26 -37.48
CA GLU D 301 33.03 3.00 -37.45
C GLU D 301 33.75 2.65 -36.15
N ASN D 302 33.89 3.61 -35.24
CA ASN D 302 34.50 3.31 -33.95
C ASN D 302 33.48 2.70 -33.03
N ASP D 303 32.28 2.51 -33.57
CA ASP D 303 31.19 1.91 -32.81
C ASP D 303 30.59 0.76 -33.61
N LYS D 304 30.02 1.10 -34.77
CA LYS D 304 29.35 0.15 -35.66
C LYS D 304 28.09 -0.49 -35.06
N THR D 305 27.50 0.16 -34.05
CA THR D 305 26.32 -0.40 -33.40
C THR D 305 25.10 0.52 -33.41
N ILE D 306 23.94 -0.09 -33.63
CA ILE D 306 22.65 0.55 -33.47
C ILE D 306 22.13 0.28 -32.08
N LYS D 307 21.96 1.32 -31.27
CA LYS D 307 21.38 1.16 -29.94
C LYS D 307 19.88 1.53 -29.90
N LEU D 308 19.11 0.76 -29.11
CA LEU D 308 17.66 0.86 -29.04
C LEU D 308 17.26 1.38 -27.69
N TRP D 309 16.28 2.28 -27.65
CA TRP D 309 15.97 3.00 -26.41
C TRP D 309 14.47 3.13 -26.18
N LYS D 310 14.01 2.81 -24.98
CA LYS D 310 12.60 2.88 -24.71
C LYS D 310 12.31 3.85 -23.54
N SER D 311 11.15 4.50 -23.59
CA SER D 311 10.70 5.40 -22.53
C SER D 311 9.22 5.22 -22.16
N ASP D 312 8.87 5.67 -20.95
CA ASP D 312 7.48 5.72 -20.53
C ASP D 312 6.71 7.00 -20.95
N CYS D 313 7.46 8.09 -21.13
CA CYS D 313 6.95 9.29 -21.81
C CYS D 313 7.84 9.64 -23.01
N VAL E 10 40.46 38.39 -41.88
CA VAL E 10 39.43 37.41 -42.27
C VAL E 10 39.30 36.26 -41.27
N LYS E 11 40.44 35.76 -40.78
CA LYS E 11 40.44 34.92 -39.58
C LYS E 11 41.71 35.17 -38.78
N PRO E 12 41.58 35.21 -37.45
CA PRO E 12 42.73 35.41 -36.57
C PRO E 12 43.46 34.09 -36.36
N ASN E 13 44.77 34.14 -36.14
CA ASN E 13 45.47 32.95 -35.68
C ASN E 13 46.06 33.21 -34.31
N TYR E 14 45.50 32.59 -33.28
CA TYR E 14 46.05 32.81 -31.96
C TYR E 14 47.07 31.76 -31.57
N ALA E 15 48.18 32.22 -31.01
CA ALA E 15 49.26 31.34 -30.63
C ALA E 15 49.42 31.34 -29.12
N LEU E 16 49.51 30.15 -28.52
CA LEU E 16 49.88 30.09 -27.12
C LEU E 16 51.30 30.62 -27.00
N LYS E 17 51.48 31.61 -26.12
CA LYS E 17 52.78 32.20 -25.83
C LYS E 17 53.22 31.83 -24.45
N PHE E 18 52.44 32.22 -23.46
CA PHE E 18 52.74 31.85 -22.07
C PHE E 18 51.63 31.06 -21.35
N THR E 19 52.05 30.19 -20.45
CA THR E 19 51.17 29.54 -19.49
C THR E 19 51.70 29.93 -18.12
N LEU E 20 50.82 30.38 -17.22
CA LEU E 20 51.28 30.85 -15.91
C LEU E 20 50.51 30.19 -14.79
N ALA E 21 51.22 29.65 -13.81
CA ALA E 21 50.55 29.09 -12.62
C ALA E 21 51.29 29.45 -11.32
N GLY E 22 50.59 30.06 -10.38
CA GLY E 22 50.94 30.10 -8.97
C GLY E 22 49.73 29.83 -8.11
N HIS E 23 48.61 29.50 -8.74
CA HIS E 23 47.33 29.54 -8.06
C HIS E 23 46.96 28.19 -7.47
N THR E 24 46.91 28.13 -6.15
CA THR E 24 46.64 26.89 -5.42
C THR E 24 45.30 26.29 -5.79
N LYS E 25 44.23 26.99 -5.45
CA LYS E 25 42.87 26.55 -5.75
C LYS E 25 42.45 27.09 -7.13
N ALA E 26 41.24 26.80 -7.57
CA ALA E 26 40.78 27.15 -8.94
C ALA E 26 40.55 28.65 -9.23
N VAL E 27 40.86 29.05 -10.47
CA VAL E 27 40.71 30.46 -10.89
C VAL E 27 39.30 30.90 -11.33
N SER E 28 38.91 32.11 -10.92
CA SER E 28 37.56 32.58 -11.20
C SER E 28 37.49 33.58 -12.34
N SER E 29 38.16 34.70 -12.19
CA SER E 29 38.20 35.71 -13.24
C SER E 29 39.62 36.05 -13.64
N VAL E 30 39.78 36.58 -14.85
CA VAL E 30 40.97 37.33 -15.25
C VAL E 30 40.57 38.57 -16.07
N LYS E 31 41.09 39.72 -15.70
CA LYS E 31 40.78 40.97 -16.41
C LYS E 31 42.10 41.73 -16.64
N PHE E 32 42.26 42.28 -17.86
CA PHE E 32 43.44 43.06 -18.28
C PHE E 32 43.33 44.51 -17.81
N SER E 33 44.42 45.07 -17.28
CA SER E 33 44.40 46.47 -16.87
C SER E 33 44.36 47.41 -18.08
N PRO E 34 43.53 48.48 -18.03
CA PRO E 34 43.27 49.42 -19.13
C PRO E 34 44.53 49.99 -19.80
N ASN E 35 45.66 49.97 -19.09
CA ASN E 35 46.94 50.44 -19.61
C ASN E 35 47.68 49.38 -20.45
N GLY E 36 47.09 48.19 -20.55
CA GLY E 36 47.70 47.13 -21.33
C GLY E 36 49.11 46.81 -20.85
N GLU E 37 49.23 46.52 -19.56
CA GLU E 37 50.49 46.18 -18.94
C GLU E 37 50.35 44.90 -18.14
N TRP E 38 49.37 44.90 -17.24
CA TRP E 38 49.20 43.81 -16.29
C TRP E 38 47.91 43.02 -16.52
N LEU E 39 47.90 41.81 -15.98
CA LEU E 39 46.74 40.96 -15.92
C LEU E 39 46.49 40.70 -14.44
N ALA E 40 45.26 40.91 -13.96
CA ALA E 40 44.91 40.53 -12.59
C ALA E 40 44.04 39.30 -12.62
N SER E 41 44.20 38.44 -11.63
CA SER E 41 43.45 37.18 -11.54
C SER E 41 42.93 36.87 -10.13
N SER E 42 41.76 36.27 -10.07
CA SER E 42 41.15 35.93 -8.80
C SER E 42 40.94 34.43 -8.73
N SER E 43 40.87 33.91 -7.52
CA SER E 43 40.79 32.47 -7.37
C SER E 43 40.24 32.01 -6.04
N ALA E 44 39.78 30.76 -6.04
CA ALA E 44 39.24 30.08 -4.86
C ALA E 44 40.29 29.99 -3.75
N ASP E 45 41.50 30.46 -4.05
CA ASP E 45 42.57 30.47 -3.08
C ASP E 45 42.56 31.79 -2.26
N LYS E 46 41.50 32.56 -2.40
CA LYS E 46 41.28 33.77 -1.61
C LYS E 46 42.29 34.84 -1.96
N LEU E 47 42.83 34.74 -3.17
CA LEU E 47 43.96 35.56 -3.61
C LEU E 47 43.73 36.31 -4.92
N ILE E 48 44.51 37.38 -5.09
CA ILE E 48 44.62 38.09 -6.36
C ILE E 48 46.08 38.09 -6.80
N LYS E 49 46.37 37.47 -7.94
CA LYS E 49 47.74 37.50 -8.45
C LYS E 49 47.88 38.33 -9.74
N ILE E 50 49.00 39.06 -9.85
CA ILE E 50 49.19 40.05 -10.90
C ILE E 50 50.33 39.64 -11.83
N TRP E 51 50.08 39.67 -13.14
CA TRP E 51 51.04 39.16 -14.11
C TRP E 51 51.38 40.18 -15.18
N GLY E 52 52.67 40.35 -15.47
CA GLY E 52 53.06 41.21 -16.58
C GLY E 52 52.37 40.72 -17.85
N ALA E 53 51.64 41.61 -18.51
CA ALA E 53 50.83 41.21 -19.64
C ALA E 53 51.72 40.78 -20.77
N TYR E 54 52.87 41.42 -20.86
CA TYR E 54 53.75 41.17 -21.98
C TYR E 54 54.58 39.96 -21.75
N ASP E 55 55.34 39.99 -20.65
CA ASP E 55 56.30 38.95 -20.26
C ASP E 55 55.66 37.70 -19.66
N GLY E 56 54.44 37.82 -19.17
CA GLY E 56 53.78 36.67 -18.58
C GLY E 56 54.25 36.39 -17.15
N LYS E 57 55.06 37.30 -16.62
CA LYS E 57 55.69 37.08 -15.32
C LYS E 57 54.85 37.48 -14.11
N PHE E 58 54.80 36.63 -13.09
CA PHE E 58 54.16 36.97 -11.82
C PHE E 58 54.77 38.21 -11.16
N GLU E 59 53.89 39.16 -10.79
CA GLU E 59 54.28 40.46 -10.25
C GLU E 59 54.12 40.49 -8.72
N LYS E 60 52.88 40.41 -8.23
CA LYS E 60 52.66 40.32 -6.78
C LYS E 60 51.36 39.62 -6.38
N THR E 61 51.30 39.11 -5.15
CA THR E 61 50.07 38.58 -4.56
C THR E 61 49.33 39.70 -3.81
N ILE E 62 48.01 39.70 -3.93
CA ILE E 62 47.16 40.56 -3.12
C ILE E 62 46.18 39.70 -2.32
N SER E 63 46.14 39.86 -1.00
CA SER E 63 45.32 38.97 -0.18
C SER E 63 44.79 39.64 1.06
N GLY E 64 44.12 38.86 1.91
CA GLY E 64 43.42 39.41 3.06
C GLY E 64 41.91 39.38 2.91
N HIS E 65 41.44 38.69 1.88
CA HIS E 65 40.04 38.31 1.83
C HIS E 65 39.84 37.06 2.68
N LYS E 66 38.67 36.92 3.28
CA LYS E 66 38.43 35.77 4.15
C LYS E 66 37.99 34.53 3.36
N LEU E 67 37.51 34.75 2.13
CA LEU E 67 36.99 33.64 1.36
C LEU E 67 37.24 33.84 -0.13
N GLY E 68 36.85 32.85 -0.90
CA GLY E 68 37.15 32.82 -2.32
C GLY E 68 36.64 34.02 -3.07
N ILE E 69 37.51 34.59 -3.89
CA ILE E 69 37.10 35.70 -4.73
C ILE E 69 36.52 35.20 -6.05
N SER E 70 35.27 35.55 -6.29
CA SER E 70 34.56 35.16 -7.50
C SER E 70 34.91 36.06 -8.70
N ASP E 71 35.16 37.35 -8.46
CA ASP E 71 35.44 38.31 -9.54
C ASP E 71 36.38 39.46 -9.11
N VAL E 72 36.95 40.14 -10.12
CA VAL E 72 37.74 41.34 -9.89
C VAL E 72 37.71 42.19 -11.14
N ALA E 73 37.71 43.52 -10.97
CA ALA E 73 37.89 44.43 -12.12
C ALA E 73 38.79 45.63 -11.81
N TRP E 74 39.48 46.13 -12.84
CA TRP E 74 40.35 47.30 -12.71
C TRP E 74 39.58 48.63 -12.70
N SER E 75 40.14 49.63 -12.03
CA SER E 75 39.70 51.02 -12.19
C SER E 75 40.29 51.57 -13.48
N SER E 76 39.73 52.68 -13.99
CA SER E 76 40.20 53.28 -15.24
C SER E 76 41.61 53.86 -15.18
N ASP E 77 41.92 54.50 -14.05
CA ASP E 77 43.22 55.16 -13.84
C ASP E 77 44.27 54.13 -13.49
N SER E 78 43.88 52.85 -13.59
CA SER E 78 44.76 51.71 -13.37
C SER E 78 45.50 51.89 -12.05
N ASN E 79 44.82 52.55 -11.14
CA ASN E 79 45.23 52.66 -9.75
C ASN E 79 44.83 51.42 -8.92
N LEU E 80 43.64 50.91 -9.20
CA LEU E 80 42.88 50.16 -8.21
C LEU E 80 42.18 48.91 -8.72
N LEU E 81 42.06 47.94 -7.82
CA LEU E 81 41.31 46.70 -8.04
C LEU E 81 40.16 46.60 -7.07
N VAL E 82 39.04 46.09 -7.57
CA VAL E 82 37.90 45.82 -6.74
C VAL E 82 37.71 44.33 -6.88
N SER E 83 37.54 43.65 -5.74
CA SER E 83 37.37 42.19 -5.67
C SER E 83 36.09 41.82 -4.92
N ALA E 84 35.29 40.99 -5.56
CA ALA E 84 34.03 40.50 -4.99
C ALA E 84 34.16 39.05 -4.46
N SER E 85 34.04 38.85 -3.16
CA SER E 85 34.47 37.62 -2.54
C SER E 85 33.28 36.80 -2.18
N ASP E 86 33.42 35.73 -1.38
CA ASP E 86 32.29 34.99 -0.89
C ASP E 86 32.08 35.32 0.49
N ASP E 87 32.86 36.19 1.02
CA ASP E 87 32.81 36.59 2.38
C ASP E 87 31.93 37.70 2.62
N LYS E 88 31.09 37.93 1.67
CA LYS E 88 30.00 38.88 1.84
C LYS E 88 30.46 40.30 1.49
N THR E 89 31.74 40.43 1.15
CA THR E 89 32.30 41.76 0.97
C THR E 89 33.04 41.98 -0.35
N LEU E 90 33.24 43.27 -0.65
CA LEU E 90 34.10 43.70 -1.74
C LEU E 90 35.32 44.40 -1.14
N LYS E 91 36.44 44.33 -1.82
CA LYS E 91 37.61 45.10 -1.38
C LYS E 91 38.17 46.06 -2.47
N ILE E 92 38.64 47.23 -2.03
CA ILE E 92 39.28 48.17 -2.95
C ILE E 92 40.78 48.26 -2.71
N TRP E 93 41.57 47.76 -3.65
CA TRP E 93 42.97 47.61 -3.41
C TRP E 93 43.76 48.65 -4.17
N ASP E 94 44.67 49.35 -3.49
CA ASP E 94 45.62 50.18 -4.21
C ASP E 94 46.65 49.20 -4.73
N VAL E 95 46.70 49.07 -6.05
CA VAL E 95 47.46 47.99 -6.66
C VAL E 95 48.96 48.27 -6.57
N SER E 96 49.35 49.52 -6.39
CA SER E 96 50.78 49.84 -6.31
C SER E 96 51.41 49.23 -5.08
N SER E 97 50.86 49.57 -3.92
CA SER E 97 51.33 48.99 -2.67
C SER E 97 50.96 47.52 -2.65
N GLY E 98 49.69 47.25 -2.94
CA GLY E 98 49.10 45.93 -2.83
C GLY E 98 48.19 45.86 -1.61
N LYS E 99 47.94 47.00 -0.99
CA LYS E 99 47.17 47.03 0.25
C LYS E 99 45.71 47.43 0.05
N CYS E 100 44.84 46.89 0.91
CA CYS E 100 43.41 47.16 0.86
C CYS E 100 43.03 48.55 1.40
N LEU E 101 42.36 49.34 0.56
CA LEU E 101 41.97 50.69 0.95
C LEU E 101 40.68 50.69 1.76
N LYS E 102 39.53 50.46 1.13
CA LYS E 102 38.29 50.31 1.88
C LYS E 102 37.77 48.88 1.75
N THR E 103 36.94 48.49 2.71
CA THR E 103 36.15 47.26 2.61
C THR E 103 34.66 47.61 2.66
N LEU E 104 33.92 47.09 1.67
CA LEU E 104 32.55 47.46 1.45
C LEU E 104 31.64 46.38 1.93
N LYS E 105 30.86 46.71 2.95
CA LYS E 105 29.97 45.71 3.58
C LYS E 105 28.49 46.08 3.46
N GLY E 106 27.78 45.39 2.59
CA GLY E 106 26.33 45.42 2.55
C GLY E 106 25.52 44.17 2.25
N HIS E 107 26.15 43.02 2.08
CA HIS E 107 25.39 41.96 1.41
C HIS E 107 24.87 40.80 2.34
N SER E 108 23.69 40.27 2.00
CA SER E 108 23.14 39.06 2.61
C SER E 108 24.07 37.87 2.38
N ASN E 109 24.78 37.85 1.27
CA ASN E 109 25.41 36.64 0.80
C ASN E 109 26.63 36.91 -0.03
N TYR E 110 27.12 35.89 -0.74
CA TYR E 110 28.32 36.06 -1.55
C TYR E 110 28.18 37.24 -2.49
N VAL E 111 29.31 37.88 -2.79
CA VAL E 111 29.39 38.88 -3.84
C VAL E 111 29.97 38.24 -5.11
N PHE E 112 29.15 38.14 -6.16
CA PHE E 112 29.51 37.43 -7.38
C PHE E 112 30.31 38.25 -8.41
N CYS E 113 29.90 39.48 -8.65
CA CYS E 113 30.43 40.25 -9.78
C CYS E 113 30.62 41.72 -9.43
N CYS E 114 31.64 42.33 -10.01
CA CYS E 114 31.92 43.73 -9.75
C CYS E 114 32.50 44.36 -11.01
N ASN E 115 32.18 45.63 -11.21
CA ASN E 115 32.78 46.42 -12.27
C ASN E 115 32.76 47.85 -11.78
N PHE E 116 33.81 48.60 -12.11
CA PHE E 116 33.88 50.04 -11.85
C PHE E 116 33.07 50.79 -12.91
N ASN E 117 32.68 52.01 -12.59
CA ASN E 117 32.05 52.85 -13.60
C ASN E 117 33.13 53.50 -14.47
N PRO E 118 32.73 54.02 -15.65
CA PRO E 118 33.80 54.46 -16.55
C PRO E 118 34.62 55.53 -15.83
N GLN E 119 33.88 56.42 -15.20
CA GLN E 119 34.42 57.59 -14.53
C GLN E 119 35.22 57.12 -13.33
N SER E 120 34.89 55.91 -12.88
CA SER E 120 35.59 55.17 -11.83
C SER E 120 35.52 55.74 -10.41
N ASN E 121 34.48 56.52 -10.09
CA ASN E 121 34.30 56.93 -8.70
C ASN E 121 33.30 56.04 -8.03
N LEU E 122 32.68 55.15 -8.81
CA LEU E 122 31.66 54.25 -8.28
C LEU E 122 31.91 52.76 -8.57
N ILE E 123 31.32 51.90 -7.76
CA ILE E 123 31.28 50.48 -8.09
C ILE E 123 29.89 49.87 -8.01
N VAL E 124 29.59 49.00 -8.97
CA VAL E 124 28.36 48.24 -8.98
C VAL E 124 28.67 46.77 -8.62
N SER E 125 27.88 46.19 -7.71
CA SER E 125 28.15 44.82 -7.24
C SER E 125 26.94 43.88 -7.25
N GLY E 126 27.05 42.77 -7.99
CA GLY E 126 26.02 41.74 -7.98
C GLY E 126 26.21 40.72 -6.87
N SER E 127 25.11 40.24 -6.27
CA SER E 127 25.16 39.37 -5.10
C SER E 127 24.12 38.22 -5.05
N PHE E 128 24.49 37.11 -4.42
CA PHE E 128 23.58 35.96 -4.31
C PHE E 128 22.33 36.27 -3.47
N ASP E 129 22.29 37.47 -2.91
CA ASP E 129 21.09 38.00 -2.27
C ASP E 129 20.24 38.78 -3.27
N GLU E 130 20.63 38.70 -4.53
CA GLU E 130 19.82 39.18 -5.64
C GLU E 130 19.67 40.67 -5.62
N SER E 131 20.68 41.35 -5.11
CA SER E 131 20.71 42.80 -5.14
C SER E 131 21.85 43.28 -6.02
N VAL E 132 21.64 44.44 -6.65
CA VAL E 132 22.70 45.22 -7.26
C VAL E 132 22.89 46.46 -6.41
N ARG E 133 24.06 46.61 -5.81
CA ARG E 133 24.34 47.74 -4.91
C ARG E 133 25.35 48.70 -5.55
N ILE E 134 25.28 49.97 -5.16
CA ILE E 134 26.20 50.95 -5.72
C ILE E 134 27.06 51.65 -4.66
N TRP E 135 28.35 51.78 -4.92
CA TRP E 135 29.29 52.14 -3.87
C TRP E 135 30.18 53.34 -4.22
N ASP E 136 30.26 54.29 -3.30
CA ASP E 136 31.16 55.43 -3.44
C ASP E 136 32.62 55.06 -3.11
N VAL E 137 33.49 55.13 -4.12
CA VAL E 137 34.88 54.68 -4.01
C VAL E 137 35.71 55.44 -2.97
N LYS E 138 35.29 56.67 -2.64
CA LYS E 138 36.01 57.49 -1.68
C LYS E 138 35.57 57.16 -0.28
N THR E 139 34.31 57.50 0.03
CA THR E 139 33.76 57.23 1.34
C THR E 139 33.76 55.72 1.65
N GLY E 140 33.23 54.96 0.71
CA GLY E 140 33.15 53.52 0.84
C GLY E 140 31.77 53.04 1.21
N LYS E 141 30.87 53.99 1.46
CA LYS E 141 29.51 53.63 1.85
C LYS E 141 28.66 53.23 0.63
N CYS E 142 27.65 52.40 0.88
CA CYS E 142 26.80 51.94 -0.19
C CYS E 142 25.70 52.96 -0.47
N LEU E 143 25.70 53.47 -1.68
CA LEU E 143 24.83 54.54 -2.05
C LEU E 143 23.41 54.04 -2.20
N LYS E 144 23.18 53.22 -3.22
CA LYS E 144 21.85 52.67 -3.43
C LYS E 144 21.91 51.15 -3.56
N THR E 145 20.74 50.54 -3.37
CA THR E 145 20.59 49.09 -3.39
C THR E 145 19.35 48.73 -4.16
N LEU E 146 19.52 47.94 -5.19
CA LEU E 146 18.42 47.56 -6.05
C LEU E 146 18.06 46.11 -5.88
N PRO E 147 16.83 45.85 -5.44
CA PRO E 147 16.33 44.48 -5.47
C PRO E 147 16.11 44.05 -6.92
N ALA E 148 17.20 43.76 -7.62
CA ALA E 148 17.17 43.58 -9.08
C ALA E 148 16.36 42.39 -9.57
N HIS E 149 16.60 41.22 -8.98
CA HIS E 149 15.98 39.99 -9.47
C HIS E 149 15.37 39.15 -8.36
N SER E 150 14.62 38.14 -8.80
CA SER E 150 14.06 37.12 -7.93
C SER E 150 15.14 36.10 -7.77
N ASP E 151 16.27 36.33 -8.42
CA ASP E 151 17.38 35.37 -8.37
C ASP E 151 18.75 36.04 -8.24
N PRO E 152 19.77 35.26 -7.81
CA PRO E 152 21.18 35.68 -7.67
C PRO E 152 21.75 36.33 -8.93
N VAL E 153 22.61 37.33 -8.76
CA VAL E 153 23.13 38.11 -9.89
C VAL E 153 24.45 37.56 -10.45
N SER E 154 24.46 37.23 -11.74
CA SER E 154 25.67 36.74 -12.42
C SER E 154 26.63 37.82 -12.99
N ALA E 155 26.08 39.01 -13.22
CA ALA E 155 26.89 40.10 -13.79
C ALA E 155 26.35 41.51 -13.53
N VAL E 156 27.25 42.47 -13.60
CA VAL E 156 26.88 43.87 -13.58
C VAL E 156 27.90 44.63 -14.42
N HIS E 157 27.44 45.60 -15.19
CA HIS E 157 28.36 46.45 -15.92
C HIS E 157 27.73 47.82 -16.18
N PHE E 158 28.57 48.83 -16.36
CA PHE E 158 28.12 50.16 -16.78
C PHE E 158 28.19 50.31 -18.29
N ASN E 159 27.73 51.43 -18.81
CA ASN E 159 27.88 51.64 -20.23
C ASN E 159 29.03 52.61 -20.48
N ARG E 160 29.27 52.98 -21.74
CA ARG E 160 30.37 53.87 -22.10
C ARG E 160 30.46 55.12 -21.20
N ASP E 161 29.33 55.78 -20.99
CA ASP E 161 29.28 56.97 -20.14
C ASP E 161 29.04 56.76 -18.64
N GLY E 162 28.40 55.65 -18.26
CA GLY E 162 28.18 55.34 -16.85
C GLY E 162 26.79 55.65 -16.32
N SER E 163 25.89 55.91 -17.27
CA SER E 163 24.49 56.20 -16.99
C SER E 163 23.65 54.95 -16.73
N LEU E 164 24.10 53.84 -17.30
CA LEU E 164 23.32 52.62 -17.34
C LEU E 164 24.10 51.52 -16.68
N ILE E 165 23.38 50.61 -16.02
CA ILE E 165 23.95 49.38 -15.48
C ILE E 165 23.09 48.21 -15.94
N VAL E 166 23.63 47.37 -16.80
CA VAL E 166 22.96 46.12 -17.09
C VAL E 166 23.23 45.13 -15.96
N SER E 167 22.27 44.24 -15.71
CA SER E 167 22.58 43.08 -14.89
C SER E 167 21.82 41.87 -15.37
N SER E 168 22.40 40.70 -15.10
CA SER E 168 21.83 39.44 -15.54
C SER E 168 21.59 38.57 -14.33
N SER E 169 20.80 37.53 -14.49
CA SER E 169 20.45 36.68 -13.38
C SER E 169 20.03 35.33 -13.88
N TYR E 170 20.06 34.37 -12.97
CA TYR E 170 19.64 33.02 -13.29
C TYR E 170 18.13 32.98 -13.56
N ASP E 171 17.38 33.98 -13.09
CA ASP E 171 15.91 33.96 -13.26
C ASP E 171 15.49 34.11 -14.73
N GLY E 172 16.48 34.41 -15.58
CA GLY E 172 16.28 34.54 -17.02
C GLY E 172 16.36 35.97 -17.51
N LEU E 173 16.42 36.91 -16.57
CA LEU E 173 16.22 38.34 -16.84
C LEU E 173 17.48 39.14 -17.17
N CYS E 174 17.34 40.13 -18.05
CA CYS E 174 18.36 41.18 -18.10
C CYS E 174 17.71 42.51 -17.81
N ARG E 175 18.00 43.08 -16.65
CA ARG E 175 17.46 44.37 -16.27
C ARG E 175 18.52 45.47 -16.45
N ILE E 176 18.09 46.56 -17.08
CA ILE E 176 18.93 47.75 -17.30
C ILE E 176 18.48 48.88 -16.40
N TRP E 177 19.43 49.44 -15.66
CA TRP E 177 19.12 50.31 -14.54
C TRP E 177 19.59 51.71 -14.78
N ASP E 178 18.93 52.64 -14.12
CA ASP E 178 19.35 54.03 -14.19
C ASP E 178 20.27 54.34 -13.00
N THR E 179 21.54 54.57 -13.32
CA THR E 179 22.60 54.77 -12.34
C THR E 179 22.34 55.84 -11.26
N ALA E 180 21.81 57.01 -11.67
CA ALA E 180 21.51 58.11 -10.75
C ALA E 180 20.16 57.97 -10.00
N SER E 181 19.13 57.49 -10.70
CA SER E 181 17.82 57.33 -10.06
C SER E 181 17.78 56.09 -9.20
N GLY E 182 18.04 54.95 -9.83
CA GLY E 182 17.83 53.64 -9.24
C GLY E 182 16.67 52.91 -9.89
N GLN E 183 16.10 53.50 -10.93
CA GLN E 183 14.98 52.87 -11.60
C GLN E 183 15.39 51.86 -12.64
N CYS E 184 14.59 50.80 -12.79
CA CYS E 184 14.81 49.86 -13.88
C CYS E 184 14.19 50.45 -15.12
N LEU E 185 14.96 50.52 -16.20
CA LEU E 185 14.57 51.24 -17.41
C LEU E 185 14.06 50.27 -18.46
N LYS E 186 14.89 49.33 -18.87
CA LYS E 186 14.41 48.27 -19.74
C LYS E 186 14.65 46.89 -19.16
N THR E 187 13.99 45.91 -19.77
CA THR E 187 14.09 44.51 -19.39
C THR E 187 14.06 43.65 -20.66
N LEU E 188 14.98 42.68 -20.75
CA LEU E 188 15.15 41.92 -21.98
C LEU E 188 14.74 40.47 -21.75
N ILE E 189 13.60 40.11 -22.33
CA ILE E 189 12.94 38.84 -22.04
C ILE E 189 12.73 37.99 -23.31
N ASP E 190 11.73 38.37 -24.09
CA ASP E 190 11.46 37.83 -25.44
C ASP E 190 11.50 36.29 -25.61
N ASP E 191 10.49 35.60 -25.08
CA ASP E 191 10.42 34.11 -25.10
C ASP E 191 11.58 33.41 -24.40
N ASP E 192 12.10 32.33 -24.98
CA ASP E 192 13.26 31.70 -24.31
C ASP E 192 12.97 31.42 -22.86
N ASN E 193 13.59 32.28 -22.05
CA ASN E 193 13.77 32.15 -20.59
C ASN E 193 14.77 31.11 -20.11
N PRO E 194 15.98 31.19 -20.66
CA PRO E 194 17.16 30.50 -20.16
C PRO E 194 17.74 31.30 -18.99
N PRO E 195 18.56 30.67 -18.12
CA PRO E 195 19.35 31.44 -17.16
C PRO E 195 20.45 32.25 -17.85
N VAL E 196 20.63 33.50 -17.47
CA VAL E 196 21.63 34.36 -18.09
C VAL E 196 22.88 34.51 -17.22
N SER E 197 24.00 33.92 -17.66
CA SER E 197 25.24 33.91 -16.88
C SER E 197 26.25 35.07 -17.09
N PHE E 198 26.01 35.94 -18.07
CA PHE E 198 26.84 37.13 -18.15
C PHE E 198 26.18 38.21 -19.01
N VAL E 199 26.54 39.47 -18.76
CA VAL E 199 26.26 40.58 -19.68
C VAL E 199 27.33 41.67 -19.57
N LYS E 200 27.69 42.29 -20.69
CA LYS E 200 28.28 43.63 -20.66
C LYS E 200 27.82 44.41 -21.87
N PHE E 201 27.66 45.72 -21.68
CA PHE E 201 27.38 46.65 -22.75
C PHE E 201 28.55 46.58 -23.73
N SER E 202 28.26 46.92 -24.98
CA SER E 202 29.30 47.06 -25.98
C SER E 202 30.03 48.39 -25.82
N PRO E 203 31.22 48.51 -26.42
CA PRO E 203 32.09 49.70 -26.36
C PRO E 203 31.37 50.92 -26.95
N ASN E 204 30.65 50.68 -28.03
CA ASN E 204 29.79 51.67 -28.65
C ASN E 204 28.45 51.73 -27.91
N GLY E 205 28.30 50.84 -26.91
CA GLY E 205 27.26 50.92 -25.91
C GLY E 205 25.84 50.62 -26.34
N LYS E 206 25.65 50.48 -27.65
CA LYS E 206 24.30 50.37 -28.18
C LYS E 206 23.72 48.97 -28.14
N TYR E 207 24.61 47.98 -28.12
CA TYR E 207 24.17 46.61 -28.01
C TYR E 207 24.78 46.00 -26.75
N ILE E 208 24.03 45.10 -26.13
CA ILE E 208 24.49 44.43 -24.93
C ILE E 208 24.56 42.91 -25.13
N LEU E 209 25.63 42.30 -24.61
CA LEU E 209 25.90 40.89 -24.87
C LEU E 209 25.50 40.03 -23.68
N ALA E 210 24.90 38.88 -23.97
CA ALA E 210 24.34 38.03 -22.95
C ALA E 210 24.67 36.55 -23.17
N ALA E 211 25.22 35.94 -22.12
CA ALA E 211 25.55 34.53 -22.11
C ALA E 211 24.41 33.76 -21.48
N THR E 212 24.13 32.57 -21.98
CA THR E 212 23.03 31.80 -21.43
C THR E 212 23.40 30.35 -21.29
N LEU E 213 22.65 29.66 -20.44
CA LEU E 213 22.98 28.28 -20.07
C LEU E 213 22.34 27.25 -20.99
N ASP E 214 21.74 27.72 -22.07
CA ASP E 214 21.36 26.88 -23.22
C ASP E 214 22.48 26.72 -24.28
N ASN E 215 23.71 27.07 -23.89
CA ASN E 215 24.88 26.94 -24.76
C ASN E 215 24.83 27.96 -25.87
N THR E 216 24.40 29.15 -25.46
CA THR E 216 24.09 30.21 -26.38
C THR E 216 24.91 31.45 -26.05
N LEU E 217 25.07 32.34 -27.03
CA LEU E 217 25.56 33.70 -26.80
C LEU E 217 24.77 34.70 -27.66
N LYS E 218 24.09 35.63 -27.01
CA LYS E 218 23.15 36.48 -27.73
C LYS E 218 23.47 37.96 -27.68
N LEU E 219 23.30 38.63 -28.81
CA LEU E 219 23.53 40.06 -28.85
C LEU E 219 22.22 40.76 -29.02
N TRP E 220 22.10 41.91 -28.36
CA TRP E 220 20.83 42.61 -28.23
C TRP E 220 21.01 44.08 -28.52
N ASP E 221 20.04 44.66 -29.21
CA ASP E 221 19.93 46.12 -29.25
C ASP E 221 18.85 46.44 -28.25
N TYR E 222 19.23 47.04 -27.14
CA TYR E 222 18.33 47.15 -26.00
C TYR E 222 17.34 48.27 -26.18
N SER E 223 17.80 49.37 -26.78
CA SER E 223 16.87 50.44 -27.10
C SER E 223 15.65 49.85 -27.83
N LYS E 224 15.90 49.07 -28.87
CA LYS E 224 14.84 48.38 -29.60
C LYS E 224 14.33 47.11 -28.88
N GLY E 225 14.98 46.73 -27.79
CA GLY E 225 14.60 45.55 -27.05
C GLY E 225 14.42 44.34 -27.95
N LYS E 226 15.43 43.99 -28.75
CA LYS E 226 15.42 42.70 -29.45
C LYS E 226 16.80 42.12 -29.77
N CYS E 227 16.87 40.80 -29.74
CA CYS E 227 18.07 40.05 -30.14
C CYS E 227 18.39 40.28 -31.62
N LEU E 228 19.66 40.43 -31.95
CA LEU E 228 20.10 40.55 -33.34
C LEU E 228 20.63 39.22 -33.82
N LYS E 229 21.75 38.81 -33.23
CA LYS E 229 22.43 37.62 -33.68
C LYS E 229 22.71 36.70 -32.49
N THR E 230 22.96 35.43 -32.77
CA THR E 230 23.23 34.45 -31.74
C THR E 230 24.33 33.50 -32.17
N TYR E 231 25.22 33.18 -31.23
CA TYR E 231 26.39 32.35 -31.50
C TYR E 231 26.35 31.04 -30.69
N THR E 232 26.69 29.92 -31.33
CA THR E 232 26.69 28.63 -30.64
C THR E 232 27.92 27.77 -30.88
N GLY E 233 27.85 26.55 -30.34
CA GLY E 233 28.87 25.53 -30.45
C GLY E 233 29.73 25.30 -29.23
N HIS E 234 29.88 26.32 -28.39
CA HIS E 234 30.63 26.18 -27.13
C HIS E 234 29.70 25.52 -26.14
N LYS E 235 30.27 24.86 -25.12
CA LYS E 235 29.43 24.26 -24.09
C LYS E 235 29.37 25.14 -22.85
N ASN E 236 28.19 25.70 -22.61
CA ASN E 236 27.93 26.48 -21.41
C ASN E 236 26.63 25.99 -20.85
N GLU E 237 26.69 25.26 -19.75
CA GLU E 237 25.49 24.78 -19.07
C GLU E 237 25.55 25.06 -17.60
N LYS E 238 26.61 24.60 -16.97
CA LYS E 238 26.88 24.78 -15.55
C LYS E 238 27.41 26.16 -15.15
N TYR E 239 28.60 26.50 -15.65
CA TYR E 239 29.36 27.65 -15.17
C TYR E 239 28.95 28.99 -15.77
N CYS E 240 29.08 30.08 -15.03
CA CYS E 240 28.83 31.42 -15.61
C CYS E 240 30.17 31.93 -16.14
N ILE E 241 30.29 31.95 -17.46
CA ILE E 241 31.61 32.08 -18.08
C ILE E 241 31.71 33.38 -18.86
N PHE E 242 32.75 34.16 -18.58
CA PHE E 242 32.85 35.51 -19.13
C PHE E 242 32.79 35.52 -20.63
N ALA E 243 32.26 36.61 -21.17
CA ALA E 243 32.13 36.81 -22.59
C ALA E 243 32.73 38.16 -22.96
N ASN E 244 33.65 38.14 -23.93
CA ASN E 244 34.35 39.35 -24.35
C ASN E 244 34.07 39.82 -25.79
N PHE E 245 34.09 41.14 -25.97
CA PHE E 245 34.22 41.75 -27.30
C PHE E 245 35.72 41.88 -27.65
N SER E 246 36.12 41.51 -28.88
CA SER E 246 37.50 41.79 -29.32
C SER E 246 37.54 42.90 -30.37
N VAL E 247 38.02 44.06 -29.97
CA VAL E 247 38.02 45.23 -30.82
C VAL E 247 39.32 45.46 -31.56
N THR E 248 40.37 44.72 -31.22
CA THR E 248 41.71 45.18 -31.58
C THR E 248 42.05 44.94 -33.05
N GLY E 249 42.48 43.73 -33.41
CA GLY E 249 42.68 43.44 -34.82
C GLY E 249 41.38 43.20 -35.57
N GLY E 250 40.74 42.09 -35.23
CA GLY E 250 39.52 41.72 -35.89
C GLY E 250 38.42 41.95 -34.91
N LYS E 251 37.18 41.89 -35.37
CA LYS E 251 36.07 42.14 -34.49
C LYS E 251 35.34 40.83 -34.19
N TRP E 252 35.53 40.32 -32.97
CA TRP E 252 35.12 38.97 -32.62
C TRP E 252 34.27 38.91 -31.37
N ILE E 253 33.67 37.74 -31.16
CA ILE E 253 33.15 37.36 -29.85
C ILE E 253 34.09 36.34 -29.27
N VAL E 254 34.52 36.55 -28.04
CA VAL E 254 35.45 35.61 -27.39
C VAL E 254 34.88 35.09 -26.06
N SER E 255 34.78 33.77 -25.91
CA SER E 255 34.27 33.20 -24.66
C SER E 255 35.02 31.94 -24.22
N GLY E 256 34.90 31.59 -22.94
CA GLY E 256 35.41 30.31 -22.47
C GLY E 256 34.41 29.22 -22.85
N SER E 257 34.68 27.99 -22.42
CA SER E 257 33.76 26.89 -22.71
C SER E 257 33.95 25.74 -21.74
N GLU E 258 32.94 24.87 -21.63
CA GLU E 258 32.96 23.72 -20.67
C GLU E 258 33.48 22.42 -21.30
N ASP E 259 33.80 22.49 -22.58
CA ASP E 259 34.58 21.46 -23.26
C ASP E 259 36.10 21.75 -23.29
N ASN E 260 36.52 22.79 -22.56
CA ASN E 260 37.93 23.11 -22.43
C ASN E 260 38.55 23.97 -23.55
N LEU E 261 37.72 24.56 -24.38
CA LEU E 261 38.22 25.36 -25.48
C LEU E 261 37.85 26.84 -25.34
N VAL E 262 38.66 27.71 -25.95
CA VAL E 262 38.32 29.13 -26.05
C VAL E 262 37.70 29.39 -27.43
N TYR E 263 36.50 29.94 -27.45
CA TYR E 263 35.76 30.14 -28.70
C TYR E 263 35.76 31.57 -29.23
N ILE E 264 36.02 31.71 -30.53
CA ILE E 264 36.02 33.01 -31.21
C ILE E 264 35.08 32.98 -32.42
N TRP E 265 34.07 33.83 -32.40
CA TRP E 265 33.11 33.90 -33.50
C TRP E 265 33.31 35.16 -34.33
N ASN E 266 33.05 35.04 -35.63
CA ASN E 266 32.82 36.22 -36.43
C ASN E 266 31.62 36.91 -35.81
N LEU E 267 31.77 38.21 -35.54
CA LEU E 267 30.68 38.98 -34.94
C LEU E 267 29.54 39.20 -35.92
N GLN E 268 29.86 39.36 -37.20
CA GLN E 268 28.82 39.44 -38.22
C GLN E 268 28.23 38.06 -38.60
N THR E 269 29.08 37.15 -39.07
CA THR E 269 28.63 35.88 -39.63
C THR E 269 28.32 34.80 -38.61
N LYS E 270 28.54 35.10 -37.33
CA LYS E 270 28.01 34.30 -36.23
C LYS E 270 28.57 32.90 -36.12
N GLU E 271 29.16 32.40 -37.20
CA GLU E 271 29.86 31.12 -37.10
C GLU E 271 31.35 31.25 -36.70
N ILE E 272 31.89 30.19 -36.12
CA ILE E 272 33.20 30.23 -35.46
C ILE E 272 34.41 30.39 -36.39
N VAL E 273 35.24 31.38 -36.10
CA VAL E 273 36.50 31.57 -36.81
C VAL E 273 37.66 30.70 -36.30
N GLN E 274 37.84 30.62 -34.98
CA GLN E 274 38.91 29.78 -34.44
C GLN E 274 38.64 29.31 -32.99
N LYS E 275 39.18 28.14 -32.63
CA LYS E 275 39.16 27.67 -31.23
C LYS E 275 40.55 27.23 -30.71
N LEU E 276 40.85 27.58 -29.46
CA LEU E 276 42.18 27.33 -28.86
C LEU E 276 42.16 26.20 -27.85
N GLN E 277 43.19 25.34 -27.91
CA GLN E 277 43.25 24.15 -27.07
C GLN E 277 44.53 24.15 -26.23
N GLY E 278 44.67 23.14 -25.37
CA GLY E 278 45.80 23.04 -24.47
C GLY E 278 45.39 23.30 -23.04
N HIS E 279 44.14 23.69 -22.84
CA HIS E 279 43.61 23.83 -21.49
C HIS E 279 43.03 22.49 -21.05
N THR E 280 43.45 22.07 -19.87
CA THR E 280 43.20 20.71 -19.40
C THR E 280 41.93 20.65 -18.58
N ASP E 281 41.24 21.78 -18.49
CA ASP E 281 39.94 21.87 -17.79
C ASP E 281 39.01 22.87 -18.47
N VAL E 282 37.94 23.22 -17.79
CA VAL E 282 36.96 24.15 -18.32
C VAL E 282 37.50 25.59 -18.25
N VAL E 283 37.07 26.44 -19.19
CA VAL E 283 37.50 27.85 -19.22
C VAL E 283 36.43 28.75 -18.65
N ILE E 284 36.69 29.30 -17.47
CA ILE E 284 35.76 30.21 -16.78
C ILE E 284 35.83 31.69 -17.16
N SER E 285 37.01 32.14 -17.58
CA SER E 285 37.21 33.57 -17.86
C SER E 285 38.16 33.85 -19.00
N THR E 286 37.80 34.85 -19.80
CA THR E 286 38.67 35.35 -20.86
C THR E 286 38.74 36.87 -20.77
N ALA E 287 39.81 37.45 -21.30
CA ALA E 287 39.98 38.89 -21.30
C ALA E 287 40.86 39.28 -22.48
N CYS E 288 40.56 40.42 -23.09
CA CYS E 288 41.33 40.87 -24.24
C CYS E 288 42.17 42.09 -23.92
N HIS E 289 43.35 42.14 -24.52
CA HIS E 289 44.23 43.26 -24.30
C HIS E 289 43.58 44.50 -24.91
N PRO E 290 43.81 45.68 -24.29
CA PRO E 290 43.25 46.94 -24.79
C PRO E 290 43.90 47.34 -26.10
N THR E 291 45.19 47.07 -26.23
CA THR E 291 46.00 47.60 -27.32
C THR E 291 46.41 46.55 -28.33
N GLU E 292 47.18 45.56 -27.92
CA GLU E 292 47.63 44.50 -28.84
C GLU E 292 46.53 43.45 -28.97
N ASN E 293 46.81 42.38 -29.71
CA ASN E 293 45.88 41.26 -29.75
C ASN E 293 46.32 40.13 -28.84
N ILE E 294 45.72 40.08 -27.67
CA ILE E 294 46.00 39.03 -26.72
C ILE E 294 44.74 38.58 -26.02
N ILE E 295 44.49 37.28 -26.08
CA ILE E 295 43.51 36.69 -25.22
C ILE E 295 44.25 36.10 -24.04
N ALA E 296 43.73 36.34 -22.85
CA ALA E 296 44.17 35.64 -21.66
C ALA E 296 43.02 34.71 -21.29
N SER E 297 43.31 33.49 -20.86
CA SER E 297 42.24 32.62 -20.40
C SER E 297 42.63 31.86 -19.13
N ALA E 298 41.67 31.63 -18.24
CA ALA E 298 41.93 30.82 -17.04
C ALA E 298 40.97 29.64 -16.92
N ALA E 299 41.40 28.60 -16.21
CA ALA E 299 40.65 27.35 -16.13
C ALA E 299 40.50 26.82 -14.71
N LEU E 300 39.63 25.83 -14.54
CA LEU E 300 39.25 25.40 -13.19
C LEU E 300 40.30 24.44 -12.62
N GLU E 301 40.06 23.91 -11.44
CA GLU E 301 41.13 23.34 -10.62
C GLU E 301 41.90 22.16 -11.23
N ASN E 302 41.40 21.58 -12.32
CA ASN E 302 42.15 20.50 -12.96
C ASN E 302 43.20 21.08 -13.87
N ASP E 303 43.28 22.40 -13.85
CA ASP E 303 44.25 23.12 -14.66
C ASP E 303 45.03 24.11 -13.78
N LYS E 304 44.29 25.09 -13.23
CA LYS E 304 44.85 26.17 -12.41
C LYS E 304 45.82 27.10 -13.14
N THR E 305 45.72 27.15 -14.47
CA THR E 305 46.63 28.00 -15.25
C THR E 305 45.92 29.00 -16.13
N ILE E 306 46.50 30.20 -16.20
CA ILE E 306 46.11 31.26 -17.13
C ILE E 306 47.01 31.17 -18.35
N LYS E 307 46.41 30.86 -19.50
CA LYS E 307 47.16 30.87 -20.76
C LYS E 307 46.98 32.17 -21.57
N LEU E 308 48.07 32.61 -22.19
CA LEU E 308 48.17 33.88 -22.90
C LEU E 308 48.30 33.62 -24.38
N TRP E 309 47.59 34.40 -25.19
CA TRP E 309 47.51 34.09 -26.63
C TRP E 309 47.65 35.33 -27.49
N LYS E 310 48.51 35.26 -28.50
CA LYS E 310 48.69 36.41 -29.37
C LYS E 310 48.32 36.10 -30.82
N SER E 311 47.83 37.12 -31.53
CA SER E 311 47.51 37.01 -32.96
C SER E 311 47.98 38.21 -33.79
N ASP E 312 48.10 37.98 -35.10
CA ASP E 312 48.39 39.05 -36.04
C ASP E 312 47.15 39.78 -36.56
N CYS E 313 46.01 39.10 -36.56
CA CYS E 313 44.70 39.75 -36.73
C CYS E 313 43.80 39.42 -35.54
N VAL F 10 -20.79 -2.95 78.06
CA VAL F 10 -19.97 -1.77 78.29
C VAL F 10 -18.50 -1.98 77.88
N LYS F 11 -17.97 -3.16 78.19
CA LYS F 11 -16.71 -3.62 77.57
C LYS F 11 -16.74 -5.13 77.37
N PRO F 12 -16.21 -5.59 76.23
CA PRO F 12 -16.15 -7.03 75.95
C PRO F 12 -14.95 -7.64 76.63
N ASN F 13 -15.05 -8.91 77.02
CA ASN F 13 -13.86 -9.65 77.42
C ASN F 13 -13.63 -10.79 76.45
N TYR F 14 -12.59 -10.68 75.63
CA TYR F 14 -12.29 -11.77 74.71
C TYR F 14 -11.26 -12.74 75.27
N ALA F 15 -11.58 -14.03 75.13
CA ALA F 15 -10.74 -15.09 75.67
C ALA F 15 -10.14 -15.90 74.53
N LEU F 16 -8.83 -16.12 74.56
CA LEU F 16 -8.25 -17.03 73.60
C LEU F 16 -8.87 -18.39 73.86
N LYS F 17 -9.41 -19.01 72.81
CA LYS F 17 -9.97 -20.35 72.92
C LYS F 17 -9.09 -21.35 72.16
N PHE F 18 -8.97 -21.12 70.86
CA PHE F 18 -8.12 -21.96 70.02
C PHE F 18 -7.00 -21.22 69.27
N THR F 19 -5.88 -21.92 69.09
CA THR F 19 -4.80 -21.49 68.22
C THR F 19 -4.65 -22.60 67.20
N LEU F 20 -4.66 -22.26 65.92
CA LEU F 20 -4.58 -23.27 64.87
C LEU F 20 -3.44 -23.01 63.90
N ALA F 21 -2.65 -24.04 63.61
CA ALA F 21 -1.60 -23.89 62.62
C ALA F 21 -1.48 -25.15 61.76
N GLY F 22 -1.56 -24.99 60.46
CA GLY F 22 -1.06 -25.91 59.46
C GLY F 22 -0.33 -25.17 58.36
N HIS F 23 -0.19 -23.86 58.50
CA HIS F 23 0.19 -23.01 57.36
C HIS F 23 1.69 -22.80 57.25
N THR F 24 2.29 -23.33 56.19
CA THR F 24 3.74 -23.32 56.03
C THR F 24 4.34 -21.91 56.04
N LYS F 25 3.97 -21.14 55.00
CA LYS F 25 4.40 -19.74 54.83
C LYS F 25 3.36 -18.82 55.53
N ALA F 26 3.53 -17.49 55.45
CA ALA F 26 2.71 -16.54 56.24
C ALA F 26 1.25 -16.38 55.79
N VAL F 27 0.35 -16.13 56.74
CA VAL F 27 -1.08 -15.95 56.42
C VAL F 27 -1.48 -14.54 55.99
N SER F 28 -2.37 -14.44 55.01
CA SER F 28 -2.78 -13.14 54.46
C SER F 28 -4.17 -12.67 54.92
N SER F 29 -5.20 -13.46 54.63
CA SER F 29 -6.55 -13.10 55.10
C SER F 29 -7.18 -14.24 55.90
N VAL F 30 -8.18 -13.89 56.71
CA VAL F 30 -9.13 -14.86 57.23
C VAL F 30 -10.54 -14.26 57.23
N LYS F 31 -11.50 -15.02 56.70
CA LYS F 31 -12.89 -14.56 56.64
C LYS F 31 -13.80 -15.71 57.07
N PHE F 32 -14.80 -15.37 57.89
CA PHE F 32 -15.79 -16.32 58.39
C PHE F 32 -16.91 -16.55 57.37
N SER F 33 -17.32 -17.81 57.15
CA SER F 33 -18.44 -18.07 56.26
C SER F 33 -19.77 -17.59 56.85
N PRO F 34 -20.63 -16.99 56.01
CA PRO F 34 -21.90 -16.36 56.42
C PRO F 34 -22.83 -17.24 57.28
N ASN F 35 -22.67 -18.57 57.19
CA ASN F 35 -23.44 -19.53 57.98
C ASN F 35 -22.86 -19.74 59.40
N GLY F 36 -21.75 -19.05 59.71
CA GLY F 36 -21.16 -19.14 61.03
C GLY F 36 -20.87 -20.57 61.40
N GLU F 37 -20.08 -21.22 60.55
CA GLU F 37 -19.65 -22.61 60.73
C GLU F 37 -18.14 -22.70 60.54
N TRP F 38 -17.70 -22.22 59.39
CA TRP F 38 -16.32 -22.35 58.96
C TRP F 38 -15.55 -21.03 58.92
N LEU F 39 -14.23 -21.15 59.00
CA LEU F 39 -13.30 -20.04 58.78
C LEU F 39 -12.43 -20.46 57.59
N ALA F 40 -12.33 -19.59 56.59
CA ALA F 40 -11.40 -19.84 55.48
C ALA F 40 -10.18 -18.96 55.66
N SER F 41 -9.01 -19.51 55.32
CA SER F 41 -7.76 -18.76 55.41
C SER F 41 -6.85 -18.89 54.18
N SER F 42 -6.20 -17.79 53.83
CA SER F 42 -5.28 -17.75 52.70
C SER F 42 -3.86 -17.47 53.21
N SER F 43 -2.87 -17.89 52.43
CA SER F 43 -1.49 -17.71 52.84
C SER F 43 -0.49 -17.76 51.70
N ALA F 44 0.71 -17.24 51.99
CA ALA F 44 1.83 -17.17 51.06
C ALA F 44 2.26 -18.59 50.66
N ASP F 45 1.61 -19.59 51.25
CA ASP F 45 1.86 -20.98 50.93
C ASP F 45 1.01 -21.46 49.73
N LYS F 46 0.38 -20.50 49.06
CA LYS F 46 -0.38 -20.78 47.83
C LYS F 46 -1.63 -21.64 48.14
N LEU F 47 -2.08 -21.57 49.39
CA LEU F 47 -3.10 -22.49 49.89
C LEU F 47 -4.28 -21.82 50.57
N ILE F 48 -5.39 -22.55 50.63
CA ILE F 48 -6.56 -22.12 51.38
C ILE F 48 -6.93 -23.20 52.35
N LYS F 49 -6.86 -22.92 53.64
CA LYS F 49 -7.23 -23.94 54.61
C LYS F 49 -8.53 -23.58 55.36
N ILE F 50 -9.32 -24.60 55.66
CA ILE F 50 -10.67 -24.40 56.21
C ILE F 50 -10.80 -24.97 57.62
N TRP F 51 -11.32 -24.18 58.54
CA TRP F 51 -11.37 -24.58 59.94
C TRP F 51 -12.77 -24.51 60.52
N GLY F 52 -13.16 -25.53 61.28
CA GLY F 52 -14.44 -25.47 61.96
C GLY F 52 -14.44 -24.27 62.87
N ALA F 53 -15.40 -23.36 62.66
CA ALA F 53 -15.46 -22.11 63.44
C ALA F 53 -15.62 -22.39 64.93
N TYR F 54 -16.36 -23.44 65.25
CA TYR F 54 -16.66 -23.76 66.62
C TYR F 54 -15.53 -24.51 67.28
N ASP F 55 -15.19 -25.66 66.69
CA ASP F 55 -14.21 -26.60 67.24
C ASP F 55 -12.76 -26.18 66.99
N GLY F 56 -12.55 -25.27 66.05
CA GLY F 56 -11.21 -24.84 65.71
C GLY F 56 -10.43 -25.85 64.89
N LYS F 57 -11.12 -26.90 64.44
CA LYS F 57 -10.46 -28.02 63.76
C LYS F 57 -10.25 -27.82 62.24
N PHE F 58 -9.05 -28.14 61.76
CA PHE F 58 -8.78 -28.15 60.34
C PHE F 58 -9.70 -29.11 59.57
N GLU F 59 -10.32 -28.57 58.52
CA GLU F 59 -11.32 -29.28 57.74
C GLU F 59 -10.74 -29.78 56.39
N LYS F 60 -10.34 -28.86 55.50
CA LYS F 60 -9.65 -29.27 54.26
C LYS F 60 -8.71 -28.21 53.65
N THR F 61 -7.73 -28.68 52.87
CA THR F 61 -6.88 -27.82 52.07
C THR F 61 -7.53 -27.55 50.69
N ILE F 62 -7.42 -26.32 50.22
CA ILE F 62 -7.78 -26.00 48.86
C ILE F 62 -6.54 -25.41 48.17
N SER F 63 -6.18 -25.92 47.00
CA SER F 63 -4.96 -25.46 46.34
C SER F 63 -5.01 -25.62 44.84
N GLY F 64 -3.90 -25.32 44.17
CA GLY F 64 -3.91 -25.24 42.72
C GLY F 64 -3.73 -23.83 42.17
N HIS F 65 -3.49 -22.88 43.08
CA HIS F 65 -3.01 -21.56 42.68
C HIS F 65 -1.51 -21.63 42.41
N LYS F 66 -1.03 -20.81 41.48
CA LYS F 66 0.39 -20.85 41.17
C LYS F 66 1.23 -20.02 42.10
N LEU F 67 0.59 -19.10 42.80
CA LEU F 67 1.33 -18.19 43.66
C LEU F 67 0.55 -17.79 44.90
N GLY F 68 1.19 -17.00 45.74
CA GLY F 68 0.63 -16.68 47.03
C GLY F 68 -0.74 -16.03 46.91
N ILE F 69 -1.68 -16.52 47.70
CA ILE F 69 -2.98 -15.88 47.76
C ILE F 69 -2.99 -14.74 48.78
N SER F 70 -3.30 -13.54 48.29
CA SER F 70 -3.37 -12.32 49.10
C SER F 70 -4.69 -12.17 49.86
N ASP F 71 -5.79 -12.64 49.27
CA ASP F 71 -7.13 -12.51 49.88
C ASP F 71 -8.11 -13.66 49.51
N VAL F 72 -9.18 -13.78 50.27
CA VAL F 72 -10.25 -14.70 49.91
C VAL F 72 -11.54 -14.25 50.57
N ALA F 73 -12.67 -14.47 49.93
CA ALA F 73 -13.98 -14.18 50.56
C ALA F 73 -15.02 -15.20 50.17
N TRP F 74 -15.98 -15.40 51.08
CA TRP F 74 -17.08 -16.34 50.86
C TRP F 74 -18.20 -15.78 49.98
N SER F 75 -18.91 -16.67 49.28
CA SER F 75 -20.18 -16.33 48.67
C SER F 75 -21.27 -16.33 49.74
N SER F 76 -22.41 -15.69 49.44
CA SER F 76 -23.54 -15.63 50.39
C SER F 76 -24.20 -16.99 50.71
N ASP F 77 -24.33 -17.83 49.69
CA ASP F 77 -24.96 -19.14 49.80
C ASP F 77 -23.98 -20.14 50.40
N SER F 78 -22.83 -19.62 50.83
CA SER F 78 -21.81 -20.39 51.52
C SER F 78 -21.54 -21.65 50.71
N ASN F 79 -21.69 -21.49 49.40
CA ASN F 79 -21.29 -22.47 48.42
C ASN F 79 -19.79 -22.39 48.10
N LEU F 80 -19.29 -21.16 47.99
CA LEU F 80 -18.13 -20.87 47.16
C LEU F 80 -17.12 -19.91 47.78
N LEU F 81 -15.86 -20.12 47.40
CA LEU F 81 -14.78 -19.23 47.77
C LEU F 81 -14.19 -18.56 46.51
N VAL F 82 -13.78 -17.30 46.67
CA VAL F 82 -13.06 -16.62 45.63
C VAL F 82 -11.73 -16.26 46.26
N SER F 83 -10.65 -16.55 45.53
CA SER F 83 -9.29 -16.30 45.99
C SER F 83 -8.49 -15.44 44.99
N ALA F 84 -7.89 -14.37 45.50
CA ALA F 84 -7.11 -13.44 44.70
C ALA F 84 -5.63 -13.66 44.92
N SER F 85 -4.89 -13.96 43.86
CA SER F 85 -3.51 -14.37 44.05
C SER F 85 -2.44 -13.56 43.34
N ASP F 86 -1.19 -13.91 43.60
CA ASP F 86 -0.05 -13.25 43.00
C ASP F 86 0.13 -13.74 41.59
N ASP F 87 -0.67 -14.72 41.21
CA ASP F 87 -0.50 -15.36 39.90
C ASP F 87 -1.27 -14.64 38.80
N LYS F 88 -1.79 -13.45 39.11
CA LYS F 88 -2.48 -12.62 38.12
C LYS F 88 -3.96 -12.99 38.02
N THR F 89 -4.36 -14.02 38.78
CA THR F 89 -5.71 -14.57 38.65
C THR F 89 -6.52 -14.72 39.94
N LEU F 90 -7.84 -14.85 39.76
CA LEU F 90 -8.76 -15.20 40.82
C LEU F 90 -9.29 -16.60 40.58
N LYS F 91 -9.58 -17.33 41.64
CA LYS F 91 -10.22 -18.63 41.47
C LYS F 91 -11.58 -18.72 42.20
N ILE F 92 -12.51 -19.44 41.58
CA ILE F 92 -13.79 -19.71 42.21
C ILE F 92 -13.93 -21.18 42.63
N TRP F 93 -13.97 -21.42 43.92
CA TRP F 93 -13.89 -22.78 44.43
C TRP F 93 -15.23 -23.26 44.97
N ASP F 94 -15.69 -24.41 44.50
CA ASP F 94 -16.84 -25.02 45.16
C ASP F 94 -16.28 -25.66 46.43
N VAL F 95 -16.69 -25.11 47.55
CA VAL F 95 -16.01 -25.42 48.79
C VAL F 95 -16.38 -26.82 49.25
N SER F 96 -17.50 -27.36 48.75
CA SER F 96 -17.91 -28.69 49.19
C SER F 96 -16.91 -29.74 48.73
N SER F 97 -16.69 -29.79 47.42
CA SER F 97 -15.72 -30.71 46.85
C SER F 97 -14.34 -30.24 47.26
N GLY F 98 -14.10 -28.95 47.07
CA GLY F 98 -12.79 -28.34 47.26
C GLY F 98 -12.13 -28.04 45.93
N LYS F 99 -12.89 -28.20 44.85
CA LYS F 99 -12.35 -28.05 43.50
C LYS F 99 -12.65 -26.70 42.86
N CYS F 100 -11.71 -26.24 42.02
CA CYS F 100 -11.83 -24.95 41.31
C CYS F 100 -12.85 -25.00 40.18
N LEU F 101 -13.82 -24.11 40.23
CA LEU F 101 -14.83 -24.05 39.19
C LEU F 101 -14.35 -23.25 37.99
N LYS F 102 -14.28 -21.93 38.13
CA LYS F 102 -13.73 -21.11 37.05
C LYS F 102 -12.42 -20.43 37.49
N THR F 103 -11.59 -20.10 36.51
CA THR F 103 -10.44 -19.25 36.77
C THR F 103 -10.57 -17.98 35.94
N LEU F 104 -10.41 -16.85 36.62
CA LEU F 104 -10.71 -15.55 36.03
C LEU F 104 -9.44 -14.83 35.69
N LYS F 105 -9.27 -14.59 34.41
CA LYS F 105 -8.04 -13.99 33.94
C LYS F 105 -8.31 -12.65 33.25
N GLY F 106 -7.39 -11.73 33.38
CA GLY F 106 -7.50 -10.32 33.00
C GLY F 106 -6.67 -9.27 33.70
N HIS F 107 -5.80 -9.64 34.63
CA HIS F 107 -4.98 -8.60 35.23
C HIS F 107 -3.50 -8.45 34.75
N SER F 108 -3.02 -7.20 34.74
CA SER F 108 -1.63 -6.84 34.44
C SER F 108 -0.74 -7.45 35.52
N ASN F 109 -1.27 -7.59 36.73
CA ASN F 109 -0.42 -7.85 37.90
C ASN F 109 -1.11 -8.65 39.00
N TYR F 110 -0.52 -8.65 40.19
CA TYR F 110 -1.11 -9.40 41.30
C TYR F 110 -2.57 -8.95 41.49
N VAL F 111 -3.38 -9.89 41.98
CA VAL F 111 -4.73 -9.60 42.43
C VAL F 111 -4.73 -9.54 43.95
N PHE F 112 -4.96 -8.35 44.49
CA PHE F 112 -4.84 -8.07 45.92
C PHE F 112 -6.07 -8.39 46.76
N CYS F 113 -7.25 -8.04 46.26
CA CYS F 113 -8.46 -8.08 47.08
C CYS F 113 -9.69 -8.55 46.30
N CYS F 114 -10.56 -9.27 46.98
CA CYS F 114 -11.76 -9.75 46.33
C CYS F 114 -12.89 -9.80 47.33
N ASN F 115 -14.10 -9.54 46.84
CA ASN F 115 -15.31 -9.69 47.62
C ASN F 115 -16.41 -10.02 46.62
N PHE F 116 -17.36 -10.86 47.05
CA PHE F 116 -18.56 -11.18 46.30
C PHE F 116 -19.57 -10.07 46.49
N ASN F 117 -20.50 -9.92 45.55
CA ASN F 117 -21.63 -9.00 45.75
C ASN F 117 -22.69 -9.63 46.65
N PRO F 118 -23.61 -8.83 47.22
CA PRO F 118 -24.49 -9.43 48.23
C PRO F 118 -25.26 -10.59 47.59
N GLN F 119 -25.71 -10.31 46.38
CA GLN F 119 -26.57 -11.17 45.60
C GLN F 119 -25.74 -12.37 45.15
N SER F 120 -24.43 -12.16 45.15
CA SER F 120 -23.43 -13.19 44.90
C SER F 120 -23.37 -13.80 43.49
N ASN F 121 -23.81 -13.08 42.47
CA ASN F 121 -23.58 -13.54 41.12
C ASN F 121 -22.35 -12.90 40.52
N LEU F 122 -21.78 -11.93 41.22
CA LEU F 122 -20.67 -11.14 40.69
C LEU F 122 -19.51 -11.07 41.65
N ILE F 123 -18.31 -10.82 41.10
CA ILE F 123 -17.14 -10.53 41.94
C ILE F 123 -16.39 -9.29 41.53
N VAL F 124 -15.99 -8.51 42.53
CA VAL F 124 -15.17 -7.33 42.32
C VAL F 124 -13.72 -7.63 42.76
N SER F 125 -12.74 -7.28 41.93
CA SER F 125 -11.33 -7.59 42.20
C SER F 125 -10.37 -6.41 42.07
N GLY F 126 -9.66 -6.08 43.16
CA GLY F 126 -8.63 -5.06 43.14
C GLY F 126 -7.28 -5.63 42.74
N SER F 127 -6.48 -4.85 42.01
CA SER F 127 -5.19 -5.35 41.45
C SER F 127 -4.01 -4.34 41.41
N PHE F 128 -2.79 -4.85 41.50
CA PHE F 128 -1.61 -3.97 41.48
C PHE F 128 -1.43 -3.22 40.14
N ASP F 129 -2.29 -3.55 39.19
CA ASP F 129 -2.40 -2.79 37.95
C ASP F 129 -3.46 -1.66 38.09
N GLU F 130 -3.92 -1.46 39.32
CA GLU F 130 -4.70 -0.30 39.66
C GLU F 130 -6.05 -0.31 38.97
N SER F 131 -6.54 -1.51 38.68
CA SER F 131 -7.89 -1.65 38.15
C SER F 131 -8.81 -2.35 39.14
N VAL F 132 -10.09 -2.00 39.07
CA VAL F 132 -11.14 -2.73 39.75
C VAL F 132 -11.95 -3.39 38.66
N ARG F 133 -11.95 -4.72 38.61
CA ARG F 133 -12.65 -5.45 37.54
C ARG F 133 -13.90 -6.16 38.08
N ILE F 134 -14.89 -6.36 37.24
CA ILE F 134 -16.09 -7.07 37.69
C ILE F 134 -16.41 -8.32 36.89
N TRP F 135 -16.76 -9.39 37.60
CA TRP F 135 -16.75 -10.74 37.03
C TRP F 135 -18.05 -11.52 37.22
N ASP F 136 -18.56 -12.08 36.13
CA ASP F 136 -19.76 -12.89 36.15
C ASP F 136 -19.45 -14.32 36.66
N VAL F 137 -20.03 -14.67 37.81
CA VAL F 137 -19.72 -15.92 38.51
C VAL F 137 -20.10 -17.20 37.74
N LYS F 138 -21.04 -17.07 36.82
CA LYS F 138 -21.46 -18.21 35.99
C LYS F 138 -20.51 -18.35 34.80
N THR F 139 -20.57 -17.40 33.88
CA THR F 139 -19.76 -17.47 32.67
C THR F 139 -18.28 -17.45 33.06
N GLY F 140 -17.92 -16.48 33.89
CA GLY F 140 -16.54 -16.34 34.32
C GLY F 140 -15.80 -15.22 33.61
N LYS F 141 -16.47 -14.61 32.64
CA LYS F 141 -15.84 -13.56 31.89
C LYS F 141 -15.89 -12.24 32.67
N CYS F 142 -14.94 -11.37 32.36
CA CYS F 142 -14.83 -10.08 33.04
C CYS F 142 -15.77 -9.08 32.38
N LEU F 143 -16.72 -8.59 33.16
CA LEU F 143 -17.77 -7.74 32.64
C LEU F 143 -17.21 -6.36 32.35
N LYS F 144 -16.88 -5.63 33.42
CA LYS F 144 -16.31 -4.30 33.24
C LYS F 144 -14.97 -4.14 33.97
N THR F 145 -14.21 -3.14 33.53
CA THR F 145 -12.89 -2.84 34.08
C THR F 145 -12.73 -1.37 34.32
N LEU F 146 -12.46 -1.01 35.57
CA LEU F 146 -12.36 0.37 35.96
C LEU F 146 -10.92 0.75 36.24
N PRO F 147 -10.42 1.72 35.48
CA PRO F 147 -9.11 2.29 35.84
C PRO F 147 -9.31 3.17 37.08
N ALA F 148 -9.43 2.52 38.23
CA ALA F 148 -9.85 3.18 39.45
C ALA F 148 -8.86 4.22 39.97
N HIS F 149 -7.58 3.84 40.08
CA HIS F 149 -6.61 4.72 40.71
C HIS F 149 -5.34 4.90 39.87
N SER F 150 -4.52 5.86 40.31
CA SER F 150 -3.17 6.05 39.82
C SER F 150 -2.27 5.08 40.55
N ASP F 151 -2.84 4.33 41.48
CA ASP F 151 -2.08 3.39 42.31
C ASP F 151 -2.79 2.04 42.52
N PRO F 152 -2.02 1.02 42.93
CA PRO F 152 -2.48 -0.34 43.27
C PRO F 152 -3.63 -0.36 44.28
N VAL F 153 -4.57 -1.31 44.11
CA VAL F 153 -5.80 -1.35 44.92
C VAL F 153 -5.65 -2.23 46.15
N SER F 154 -5.86 -1.66 47.33
CA SER F 154 -5.81 -2.39 48.61
C SER F 154 -7.14 -3.08 49.06
N ALA F 155 -8.26 -2.61 48.52
CA ALA F 155 -9.53 -3.22 48.89
C ALA F 155 -10.63 -2.96 47.85
N VAL F 156 -11.66 -3.80 47.91
CA VAL F 156 -12.88 -3.61 47.15
C VAL F 156 -14.01 -4.23 47.97
N HIS F 157 -15.17 -3.57 47.98
CA HIS F 157 -16.35 -4.15 48.61
C HIS F 157 -17.63 -3.59 47.98
N PHE F 158 -18.71 -4.36 48.07
CA PHE F 158 -20.04 -3.87 47.71
C PHE F 158 -20.78 -3.29 48.91
N ASN F 159 -21.98 -2.78 48.68
CA ASN F 159 -22.78 -2.31 49.79
C ASN F 159 -23.89 -3.32 50.07
N ARG F 160 -24.74 -3.01 51.05
CA ARG F 160 -25.81 -3.92 51.46
C ARG F 160 -26.58 -4.50 50.28
N ASP F 161 -26.99 -3.65 49.35
CA ASP F 161 -27.71 -4.08 48.15
C ASP F 161 -26.85 -4.54 46.94
N GLY F 162 -25.64 -4.00 46.81
CA GLY F 162 -24.76 -4.37 45.70
C GLY F 162 -24.69 -3.37 44.55
N SER F 163 -25.20 -2.18 44.80
CA SER F 163 -25.23 -1.08 43.85
C SER F 163 -23.92 -0.32 43.81
N LEU F 164 -23.20 -0.38 44.91
CA LEU F 164 -22.00 0.45 45.11
C LEU F 164 -20.81 -0.44 45.34
N ILE F 165 -19.65 0.01 44.86
CA ILE F 165 -18.38 -0.62 45.16
C ILE F 165 -17.41 0.44 45.62
N VAL F 166 -17.04 0.38 46.91
CA VAL F 166 -15.96 1.22 47.37
C VAL F 166 -14.63 0.59 46.98
N SER F 167 -13.62 1.42 46.75
CA SER F 167 -12.28 0.90 46.65
C SER F 167 -11.29 1.91 47.20
N SER F 168 -10.19 1.38 47.73
CA SER F 168 -9.14 2.19 48.35
C SER F 168 -7.82 1.95 47.63
N SER F 169 -6.86 2.82 47.86
CA SER F 169 -5.61 2.70 47.16
C SER F 169 -4.56 3.44 47.92
N TYR F 170 -3.32 3.11 47.60
CA TYR F 170 -2.20 3.74 48.22
C TYR F 170 -2.11 5.21 47.79
N ASP F 171 -2.75 5.59 46.67
CA ASP F 171 -2.66 6.98 46.18
C ASP F 171 -3.35 7.97 47.12
N GLY F 172 -4.06 7.41 48.12
CA GLY F 172 -4.71 8.18 49.16
C GLY F 172 -6.22 8.20 49.01
N LEU F 173 -6.69 7.65 47.90
CA LEU F 173 -8.07 7.85 47.43
C LEU F 173 -9.07 6.79 47.89
N CYS F 174 -10.31 7.20 48.13
CA CYS F 174 -11.38 6.23 48.17
C CYS F 174 -12.43 6.57 47.10
N ARG F 175 -12.51 5.75 46.07
CA ARG F 175 -13.50 6.00 45.03
C ARG F 175 -14.67 5.05 45.19
N ILE F 176 -15.87 5.58 45.08
CA ILE F 176 -17.07 4.76 45.15
C ILE F 176 -17.67 4.66 43.76
N TRP F 177 -17.97 3.43 43.36
CA TRP F 177 -18.32 3.17 41.98
C TRP F 177 -19.75 2.73 41.79
N ASP F 178 -20.27 2.96 40.60
CA ASP F 178 -21.60 2.49 40.25
C ASP F 178 -21.54 1.12 39.56
N THR F 179 -22.05 0.10 40.26
CA THR F 179 -21.93 -1.30 39.86
C THR F 179 -22.44 -1.64 38.45
N ALA F 180 -23.58 -1.08 38.07
CA ALA F 180 -24.16 -1.30 36.75
C ALA F 180 -23.59 -0.42 35.63
N SER F 181 -23.35 0.86 35.93
CA SER F 181 -22.76 1.74 34.94
C SER F 181 -21.25 1.54 34.73
N GLY F 182 -20.52 1.61 35.83
CA GLY F 182 -19.08 1.67 35.82
C GLY F 182 -18.57 3.06 36.12
N GLN F 183 -19.47 4.00 36.43
CA GLN F 183 -19.09 5.38 36.73
C GLN F 183 -18.64 5.58 38.17
N CYS F 184 -17.65 6.45 38.37
CA CYS F 184 -17.23 6.83 39.72
C CYS F 184 -18.23 7.86 40.22
N LEU F 185 -18.74 7.61 41.42
CA LEU F 185 -19.83 8.40 41.93
C LEU F 185 -19.34 9.42 42.93
N LYS F 186 -18.73 8.93 44.01
CA LYS F 186 -18.10 9.84 44.94
C LYS F 186 -16.66 9.51 45.16
N THR F 187 -15.95 10.45 45.76
CA THR F 187 -14.53 10.32 46.07
C THR F 187 -14.25 10.97 47.42
N LEU F 188 -13.48 10.29 48.26
CA LEU F 188 -13.30 10.76 49.64
C LEU F 188 -11.87 11.18 49.85
N ILE F 189 -11.67 12.48 49.96
CA ILE F 189 -10.32 13.06 49.97
C ILE F 189 -10.03 13.88 51.23
N ASP F 190 -10.60 15.10 51.29
CA ASP F 190 -10.61 15.96 52.48
C ASP F 190 -9.29 16.13 53.26
N ASP F 191 -8.32 16.87 52.70
CA ASP F 191 -6.97 17.07 53.29
C ASP F 191 -6.18 15.78 53.51
N ASP F 192 -5.48 15.67 54.63
CA ASP F 192 -4.76 14.40 54.85
C ASP F 192 -3.89 14.04 53.68
N ASN F 193 -4.41 13.07 52.94
CA ASN F 193 -3.72 12.28 51.91
C ASN F 193 -2.68 11.28 52.40
N PRO F 194 -3.11 10.40 53.32
CA PRO F 194 -2.41 9.18 53.71
C PRO F 194 -2.73 8.08 52.70
N PRO F 195 -1.91 7.03 52.62
CA PRO F 195 -2.29 5.83 51.85
C PRO F 195 -3.40 5.06 52.56
N VAL F 196 -4.42 4.63 51.81
CA VAL F 196 -5.56 3.94 52.40
C VAL F 196 -5.51 2.42 52.15
N SER F 197 -5.26 1.64 53.21
CA SER F 197 -5.03 0.19 53.15
C SER F 197 -6.27 -0.73 53.28
N PHE F 198 -7.41 -0.16 53.65
CA PHE F 198 -8.65 -0.94 53.58
C PHE F 198 -9.92 -0.08 53.58
N VAL F 199 -10.99 -0.63 53.03
CA VAL F 199 -12.35 -0.09 53.17
C VAL F 199 -13.38 -1.20 53.06
N LYS F 200 -14.44 -1.12 53.88
CA LYS F 200 -15.72 -1.77 53.57
C LYS F 200 -16.88 -0.86 53.98
N PHE F 201 -17.95 -0.92 53.21
CA PHE F 201 -19.21 -0.31 53.60
C PHE F 201 -19.65 -0.93 54.93
N SER F 202 -20.43 -0.16 55.68
CA SER F 202 -21.07 -0.65 56.89
C SER F 202 -22.27 -1.51 56.51
N PRO F 203 -22.76 -2.31 57.47
CA PRO F 203 -23.91 -3.22 57.31
C PRO F 203 -25.16 -2.45 56.98
N ASN F 204 -25.30 -1.30 57.64
CA ASN F 204 -26.36 -0.34 57.37
C ASN F 204 -25.99 0.53 56.16
N GLY F 205 -24.76 0.34 55.67
CA GLY F 205 -24.31 0.80 54.36
C GLY F 205 -24.05 2.29 54.23
N LYS F 206 -24.44 3.04 55.25
CA LYS F 206 -24.44 4.48 55.13
C LYS F 206 -23.11 5.11 55.44
N TYR F 207 -22.28 4.38 56.18
CA TYR F 207 -20.93 4.85 56.47
C TYR F 207 -19.92 3.84 55.95
N ILE F 208 -18.78 4.32 55.51
CA ILE F 208 -17.75 3.44 55.02
C ILE F 208 -16.45 3.61 55.83
N LEU F 209 -15.78 2.50 56.12
CA LEU F 209 -14.64 2.49 57.02
C LEU F 209 -13.35 2.38 56.23
N ALA F 210 -12.34 3.11 56.70
CA ALA F 210 -11.10 3.25 55.96
C ALA F 210 -9.90 3.21 56.88
N ALA F 211 -8.98 2.31 56.53
CA ALA F 211 -7.74 2.15 57.25
C ALA F 211 -6.67 2.97 56.55
N THR F 212 -5.76 3.56 57.31
CA THR F 212 -4.72 4.37 56.72
C THR F 212 -3.36 4.11 57.36
N LEU F 213 -2.31 4.48 56.63
CA LEU F 213 -0.94 4.14 57.04
C LEU F 213 -0.30 5.19 57.95
N ASP F 214 -1.12 6.14 58.38
CA ASP F 214 -0.79 7.07 59.47
C ASP F 214 -1.21 6.54 60.86
N ASN F 215 -1.49 5.24 60.94
CA ASN F 215 -1.84 4.58 62.21
C ASN F 215 -3.22 5.04 62.65
N THR F 216 -4.08 5.13 61.66
CA THR F 216 -5.39 5.72 61.86
C THR F 216 -6.47 4.72 61.43
N LEU F 217 -7.69 4.95 61.91
CA LEU F 217 -8.87 4.28 61.37
C LEU F 217 -10.03 5.26 61.30
N LYS F 218 -10.54 5.52 60.10
CA LYS F 218 -11.51 6.60 59.94
C LYS F 218 -12.88 6.14 59.44
N LEU F 219 -13.92 6.69 60.03
CA LEU F 219 -15.26 6.39 59.55
C LEU F 219 -15.82 7.58 58.81
N TRP F 220 -16.57 7.30 57.77
CA TRP F 220 -17.04 8.31 56.83
C TRP F 220 -18.52 8.17 56.54
N ASP F 221 -19.23 9.28 56.43
CA ASP F 221 -20.57 9.25 55.86
C ASP F 221 -20.35 9.74 54.46
N TYR F 222 -20.48 8.85 53.47
CA TYR F 222 -20.02 9.16 52.13
C TYR F 222 -21.01 10.01 51.38
N SER F 223 -22.29 9.78 51.62
CA SER F 223 -23.30 10.64 51.03
C SER F 223 -22.95 12.10 51.33
N LYS F 224 -22.65 12.38 52.59
CA LYS F 224 -22.23 13.70 53.05
C LYS F 224 -20.75 13.99 52.74
N GLY F 225 -20.03 12.97 52.29
CA GLY F 225 -18.63 13.14 52.00
C GLY F 225 -17.85 13.79 53.13
N LYS F 226 -17.95 13.25 54.35
CA LYS F 226 -17.07 13.68 55.45
C LYS F 226 -16.81 12.62 56.54
N CYS F 227 -15.61 12.69 57.10
CA CYS F 227 -15.21 11.87 58.24
C CYS F 227 -16.08 12.21 59.47
N LEU F 228 -16.47 11.18 60.22
CA LEU F 228 -17.18 11.40 61.47
C LEU F 228 -16.22 11.24 62.64
N LYS F 229 -15.75 10.02 62.82
CA LYS F 229 -14.90 9.70 63.95
C LYS F 229 -13.61 9.02 63.50
N THR F 230 -12.59 9.06 64.35
CA THR F 230 -11.30 8.45 64.03
C THR F 230 -10.72 7.72 65.25
N TYR F 231 -10.13 6.55 65.00
CA TYR F 231 -9.63 5.71 66.07
C TYR F 231 -8.13 5.53 65.94
N THR F 232 -7.40 5.59 67.04
CA THR F 232 -5.94 5.41 67.02
C THR F 232 -5.36 4.46 68.08
N GLY F 233 -4.03 4.40 68.08
CA GLY F 233 -3.25 3.65 69.05
C GLY F 233 -2.64 2.36 68.53
N HIS F 234 -3.26 1.76 67.51
CA HIS F 234 -2.70 0.57 66.88
C HIS F 234 -1.58 1.01 65.96
N LYS F 235 -0.65 0.13 65.64
CA LYS F 235 0.40 0.48 64.71
C LYS F 235 0.10 -0.09 63.32
N ASN F 236 -0.19 0.80 62.39
CA ASN F 236 -0.38 0.45 61.01
C ASN F 236 0.43 1.41 60.16
N GLU F 237 1.53 0.94 59.60
CA GLU F 237 2.39 1.78 58.77
C GLU F 237 2.71 1.08 57.48
N LYS F 238 3.26 -0.13 57.62
CA LYS F 238 3.63 -1.00 56.50
C LYS F 238 2.49 -1.81 55.86
N TYR F 239 1.87 -2.67 56.64
CA TYR F 239 0.92 -3.65 56.12
C TYR F 239 -0.50 -3.10 55.90
N CYS F 240 -1.21 -3.63 54.89
CA CYS F 240 -2.63 -3.31 54.72
C CYS F 240 -3.41 -4.33 55.51
N ILE F 241 -3.99 -3.88 56.60
CA ILE F 241 -4.50 -4.78 57.62
C ILE F 241 -6.01 -4.64 57.75
N PHE F 242 -6.71 -5.78 57.67
CA PHE F 242 -8.16 -5.78 57.61
C PHE F 242 -8.78 -5.04 58.78
N ALA F 243 -9.93 -4.43 58.52
CA ALA F 243 -10.69 -3.70 59.53
C ALA F 243 -12.14 -4.20 59.55
N ASN F 244 -12.61 -4.60 60.73
CA ASN F 244 -13.95 -5.15 60.85
C ASN F 244 -14.92 -4.29 61.66
N PHE F 245 -16.20 -4.37 61.31
CA PHE F 245 -17.31 -4.00 62.22
C PHE F 245 -17.71 -5.21 63.11
N SER F 246 -17.90 -5.00 64.43
CA SER F 246 -18.49 -6.07 65.26
C SER F 246 -19.93 -5.73 65.66
N VAL F 247 -20.87 -6.46 65.06
CA VAL F 247 -22.28 -6.19 65.27
C VAL F 247 -22.92 -7.07 66.36
N THR F 248 -22.20 -8.08 66.85
CA THR F 248 -22.92 -9.17 67.52
C THR F 248 -23.32 -8.80 68.95
N GLY F 249 -22.41 -8.92 69.90
CA GLY F 249 -22.74 -8.47 71.25
C GLY F 249 -22.68 -6.97 71.41
N GLY F 250 -21.47 -6.44 71.29
CA GLY F 250 -21.25 -5.03 71.45
C GLY F 250 -20.98 -4.48 70.08
N LYS F 251 -21.00 -3.16 69.95
CA LYS F 251 -20.75 -2.56 68.66
C LYS F 251 -19.35 -1.90 68.63
N TRP F 252 -18.41 -2.56 67.94
CA TRP F 252 -17.00 -2.24 68.06
C TRP F 252 -16.35 -2.03 66.72
N ILE F 253 -15.15 -1.46 66.75
CA ILE F 253 -14.21 -1.53 65.64
C ILE F 253 -13.13 -2.55 65.99
N VAL F 254 -12.87 -3.49 65.08
CA VAL F 254 -11.86 -4.53 65.33
C VAL F 254 -10.80 -4.59 64.22
N SER F 255 -9.53 -4.46 64.61
CA SER F 255 -8.45 -4.42 63.63
C SER F 255 -7.20 -5.15 64.11
N GLY F 256 -6.38 -5.61 63.17
CA GLY F 256 -5.07 -6.12 63.51
C GLY F 256 -4.15 -4.96 63.81
N SER F 257 -2.88 -5.26 64.08
CA SER F 257 -1.91 -4.22 64.38
C SER F 257 -0.47 -4.71 64.15
N GLU F 258 0.47 -3.78 63.98
CA GLU F 258 1.87 -4.12 63.69
C GLU F 258 2.75 -4.17 64.95
N ASP F 259 2.13 -3.95 66.09
CA ASP F 259 2.73 -4.23 67.41
C ASP F 259 2.33 -5.62 67.98
N ASN F 260 1.70 -6.43 67.14
CA ASN F 260 1.20 -7.78 67.48
C ASN F 260 -0.05 -7.89 68.38
N LEU F 261 -0.90 -6.87 68.36
CA LEU F 261 -2.11 -6.90 69.15
C LEU F 261 -3.35 -6.76 68.29
N VAL F 262 -4.46 -7.29 68.78
CA VAL F 262 -5.74 -7.07 68.13
C VAL F 262 -6.48 -5.95 68.86
N TYR F 263 -6.87 -4.91 68.12
CA TYR F 263 -7.48 -3.72 68.74
C TYR F 263 -9.00 -3.64 68.60
N ILE F 264 -9.66 -3.28 69.69
CA ILE F 264 -11.12 -3.12 69.69
C ILE F 264 -11.46 -1.74 70.28
N TRP F 265 -12.15 -0.91 69.48
CA TRP F 265 -12.55 0.42 69.93
C TRP F 265 -14.04 0.49 70.17
N ASN F 266 -14.43 1.29 71.15
CA ASN F 266 -15.81 1.71 71.21
C ASN F 266 -16.09 2.46 69.92
N LEU F 267 -17.15 2.07 69.23
CA LEU F 267 -17.50 2.73 67.98
C LEU F 267 -17.95 4.17 68.19
N GLN F 268 -18.67 4.43 69.27
CA GLN F 268 -19.04 5.80 69.60
C GLN F 268 -17.90 6.61 70.24
N THR F 269 -17.31 6.12 71.33
CA THR F 269 -16.36 6.92 72.10
C THR F 269 -14.92 6.87 71.59
N LYS F 270 -14.71 6.07 70.55
CA LYS F 270 -13.49 6.13 69.75
C LYS F 270 -12.23 5.69 70.49
N GLU F 271 -12.27 5.67 71.82
CA GLU F 271 -11.14 5.13 72.55
C GLU F 271 -11.25 3.62 72.79
N ILE F 272 -10.11 2.96 73.01
CA ILE F 272 -10.01 1.50 73.05
C ILE F 272 -10.63 0.80 74.27
N VAL F 273 -11.52 -0.16 73.99
CA VAL F 273 -12.11 -1.00 75.03
C VAL F 273 -11.24 -2.19 75.46
N GLN F 274 -10.66 -2.91 74.51
CA GLN F 274 -9.80 -4.04 74.86
C GLN F 274 -8.75 -4.38 73.80
N LYS F 275 -7.59 -4.88 74.22
CA LYS F 275 -6.63 -5.44 73.26
C LYS F 275 -6.19 -6.87 73.61
N LEU F 276 -5.99 -7.70 72.59
CA LEU F 276 -5.67 -9.13 72.78
C LEU F 276 -4.21 -9.47 72.43
N GLN F 277 -3.56 -10.25 73.29
CA GLN F 277 -2.15 -10.58 73.11
C GLN F 277 -1.92 -12.10 73.00
N GLY F 278 -0.67 -12.50 72.77
CA GLY F 278 -0.35 -13.89 72.58
C GLY F 278 0.02 -14.17 71.14
N HIS F 279 -0.15 -13.17 70.29
CA HIS F 279 0.33 -13.27 68.92
C HIS F 279 1.81 -12.87 68.82
N THR F 280 2.62 -13.74 68.24
CA THR F 280 4.06 -13.61 68.31
C THR F 280 4.58 -12.83 67.13
N ASP F 281 3.65 -12.34 66.30
CA ASP F 281 3.99 -11.48 65.15
C ASP F 281 2.90 -10.45 64.89
N VAL F 282 2.99 -9.81 63.73
CA VAL F 282 2.05 -8.78 63.33
C VAL F 282 0.71 -9.42 62.97
N VAL F 283 -0.40 -8.70 63.18
CA VAL F 283 -1.73 -9.20 62.81
C VAL F 283 -2.18 -8.56 61.50
N ILE F 284 -2.22 -9.36 60.43
CA ILE F 284 -2.70 -8.91 59.11
C ILE F 284 -4.20 -8.97 58.85
N SER F 285 -4.89 -9.91 59.50
CA SER F 285 -6.34 -10.11 59.24
C SER F 285 -7.18 -10.46 60.48
N THR F 286 -8.35 -9.86 60.57
CA THR F 286 -9.31 -10.20 61.61
C THR F 286 -10.67 -10.48 60.95
N ALA F 287 -11.51 -11.26 61.61
CA ALA F 287 -12.84 -11.52 61.08
C ALA F 287 -13.79 -11.79 62.23
N CYS F 288 -15.05 -11.36 62.10
CA CYS F 288 -16.02 -11.62 63.18
C CYS F 288 -17.10 -12.60 62.79
N HIS F 289 -17.49 -13.41 63.76
CA HIS F 289 -18.52 -14.42 63.52
C HIS F 289 -19.83 -13.69 63.22
N PRO F 290 -20.65 -14.28 62.35
CA PRO F 290 -21.93 -13.69 61.98
C PRO F 290 -22.89 -13.72 63.15
N THR F 291 -22.81 -14.80 63.92
CA THR F 291 -23.83 -15.08 64.92
C THR F 291 -23.32 -14.88 66.36
N GLU F 292 -22.38 -15.72 66.79
CA GLU F 292 -21.80 -15.62 68.14
C GLU F 292 -20.78 -14.47 68.19
N ASN F 293 -20.11 -14.33 69.34
CA ASN F 293 -19.06 -13.35 69.44
C ASN F 293 -17.71 -14.04 69.34
N ILE F 294 -17.13 -14.00 68.15
CA ILE F 294 -15.81 -14.56 67.95
C ILE F 294 -14.98 -13.69 67.02
N ILE F 295 -13.82 -13.32 67.50
CA ILE F 295 -12.82 -12.77 66.62
C ILE F 295 -11.89 -13.90 66.23
N ALA F 296 -11.57 -13.98 64.95
CA ALA F 296 -10.48 -14.82 64.50
C ALA F 296 -9.38 -13.86 64.06
N SER F 297 -8.13 -14.18 64.36
CA SER F 297 -7.04 -13.35 63.87
C SER F 297 -5.89 -14.22 63.35
N ALA F 298 -5.19 -13.73 62.31
CA ALA F 298 -4.02 -14.43 61.78
C ALA F 298 -2.80 -13.50 61.73
N ALA F 299 -1.60 -14.08 61.82
CA ALA F 299 -0.35 -13.32 61.93
C ALA F 299 0.69 -13.76 60.91
N LEU F 300 1.74 -12.96 60.78
CA LEU F 300 2.73 -13.17 59.71
C LEU F 300 3.74 -14.27 60.09
N GLU F 301 4.73 -14.53 59.23
CA GLU F 301 5.47 -15.79 59.30
C GLU F 301 6.22 -16.12 60.59
N ASN F 302 6.36 -15.14 61.47
CA ASN F 302 6.98 -15.42 62.76
C ASN F 302 5.97 -16.02 63.73
N ASP F 303 4.78 -16.24 63.21
CA ASP F 303 3.71 -16.81 63.99
C ASP F 303 3.07 -17.97 63.22
N LYS F 304 2.50 -17.63 62.07
CA LYS F 304 1.80 -18.59 61.21
C LYS F 304 0.57 -19.22 61.85
N THR F 305 -0.01 -18.56 62.85
CA THR F 305 -1.21 -19.10 63.51
C THR F 305 -2.43 -18.17 63.46
N ILE F 306 -3.59 -18.80 63.30
CA ILE F 306 -4.90 -18.15 63.45
C ILE F 306 -5.38 -18.39 64.88
N LYS F 307 -5.55 -17.32 65.65
CA LYS F 307 -6.12 -17.45 67.00
C LYS F 307 -7.62 -17.07 67.02
N LEU F 308 -8.37 -17.81 67.83
CA LEU F 308 -9.82 -17.69 67.91
C LEU F 308 -10.22 -17.15 69.27
N TRP F 309 -11.16 -16.22 69.31
CA TRP F 309 -11.45 -15.50 70.55
C TRP F 309 -12.94 -15.33 70.81
N LYS F 310 -13.38 -15.69 72.00
CA LYS F 310 -14.80 -15.59 72.33
C LYS F 310 -15.06 -14.60 73.47
N SER F 311 -16.20 -13.94 73.41
CA SER F 311 -16.64 -13.03 74.48
C SER F 311 -18.12 -13.19 74.86
N ASP F 312 -18.47 -12.72 76.06
CA ASP F 312 -19.85 -12.66 76.50
C ASP F 312 -20.60 -11.38 76.05
N CYS F 313 -19.87 -10.30 75.83
CA CYS F 313 -20.38 -9.10 75.15
C CYS F 313 -19.52 -8.75 73.92
N VAL G 10 10.77 42.30 28.68
CA VAL G 10 10.54 42.52 30.10
C VAL G 10 9.06 42.69 30.45
N LYS G 11 8.35 43.46 29.65
CA LYS G 11 6.89 43.43 29.67
C LYS G 11 6.31 43.60 28.27
N PRO G 12 5.24 42.86 27.94
CA PRO G 12 4.59 42.96 26.64
C PRO G 12 3.63 44.14 26.63
N ASN G 13 3.43 44.76 25.48
CA ASN G 13 2.34 45.72 25.34
C ASN G 13 1.36 45.20 24.31
N TYR G 14 0.18 44.78 24.75
CA TYR G 14 -0.81 44.31 23.81
C TYR G 14 -1.77 45.41 23.37
N ALA G 15 -2.00 45.47 22.07
CA ALA G 15 -2.86 46.49 21.50
C ALA G 15 -4.09 45.83 20.91
N LEU G 16 -5.26 46.37 21.23
CA LEU G 16 -6.45 45.94 20.54
C LEU G 16 -6.32 46.34 19.08
N LYS G 17 -6.47 45.37 18.18
CA LYS G 17 -6.40 45.59 16.75
C LYS G 17 -7.79 45.43 16.14
N PHE G 18 -8.34 44.23 16.27
CA PHE G 18 -9.68 43.96 15.78
C PHE G 18 -10.67 43.47 16.85
N THR G 19 -11.94 43.85 16.66
CA THR G 19 -13.04 43.28 17.41
C THR G 19 -13.96 42.69 16.35
N LEU G 20 -14.41 41.47 16.57
CA LEU G 20 -15.23 40.80 15.55
C LEU G 20 -16.48 40.24 16.16
N ALA G 21 -17.61 40.49 15.54
CA ALA G 21 -18.86 39.86 16.00
C ALA G 21 -19.70 39.43 14.79
N GLY G 22 -20.76 38.69 15.06
CA GLY G 22 -21.46 37.83 14.13
C GLY G 22 -22.03 36.65 14.88
N HIS G 23 -21.68 36.53 16.16
CA HIS G 23 -22.23 35.49 17.01
C HIS G 23 -23.47 35.89 17.80
N THR G 24 -24.60 35.26 17.46
CA THR G 24 -25.91 35.58 18.03
C THR G 24 -25.93 35.38 19.55
N LYS G 25 -25.76 34.13 19.98
CA LYS G 25 -25.70 33.78 21.40
C LYS G 25 -24.24 33.87 21.89
N ALA G 26 -23.98 33.59 23.16
CA ALA G 26 -22.65 33.77 23.77
C ALA G 26 -21.53 32.81 23.29
N VAL G 27 -20.30 33.30 23.23
CA VAL G 27 -19.14 32.48 22.80
C VAL G 27 -18.49 31.58 23.88
N SER G 28 -18.11 30.37 23.50
CA SER G 28 -17.56 29.42 24.46
C SER G 28 -16.05 29.28 24.37
N SER G 29 -15.54 28.86 23.21
CA SER G 29 -14.11 28.73 23.03
C SER G 29 -13.63 29.53 21.81
N VAL G 30 -12.34 29.86 21.80
CA VAL G 30 -11.63 30.24 20.57
C VAL G 30 -10.24 29.62 20.54
N LYS G 31 -9.89 29.00 19.42
CA LYS G 31 -8.58 28.37 19.29
C LYS G 31 -8.00 28.75 17.90
N PHE G 32 -6.71 29.05 17.89
CA PHE G 32 -5.98 29.43 16.68
C PHE G 32 -5.52 28.19 15.90
N SER G 33 -5.68 28.19 14.59
CA SER G 33 -5.16 27.06 13.79
C SER G 33 -3.64 27.02 13.73
N PRO G 34 -3.04 25.81 13.87
CA PRO G 34 -1.60 25.58 13.96
C PRO G 34 -0.79 26.27 12.87
N ASN G 35 -1.42 26.59 11.73
CA ASN G 35 -0.75 27.28 10.61
C ASN G 35 -0.69 28.80 10.80
N GLY G 36 -1.27 29.29 11.88
CA GLY G 36 -1.29 30.72 12.14
C GLY G 36 -1.91 31.51 10.98
N GLU G 37 -3.14 31.15 10.64
CA GLU G 37 -3.88 31.79 9.58
C GLU G 37 -5.27 32.16 10.10
N TRP G 38 -5.97 31.16 10.63
CA TRP G 38 -7.36 31.27 11.02
C TRP G 38 -7.57 31.18 12.51
N LEU G 39 -8.71 31.71 12.95
CA LEU G 39 -9.21 31.54 14.31
C LEU G 39 -10.55 30.84 14.17
N ALA G 40 -10.77 29.76 14.92
CA ALA G 40 -12.10 29.15 14.96
C ALA G 40 -12.76 29.47 16.29
N SER G 41 -14.08 29.59 16.26
CA SER G 41 -14.82 29.96 17.46
C SER G 41 -16.14 29.15 17.61
N SER G 42 -16.48 28.86 18.84
CA SER G 42 -17.71 28.14 19.12
C SER G 42 -18.59 28.99 20.01
N SER G 43 -19.90 28.70 19.95
CA SER G 43 -20.84 29.52 20.69
C SER G 43 -22.17 28.82 20.96
N ALA G 44 -22.89 29.36 21.95
CA ALA G 44 -24.22 28.91 22.35
C ALA G 44 -25.21 29.04 21.19
N ASP G 45 -24.74 29.57 20.07
CA ASP G 45 -25.57 29.72 18.88
C ASP G 45 -25.50 28.45 18.00
N LYS G 46 -24.91 27.39 18.55
CA LYS G 46 -24.86 26.10 17.86
C LYS G 46 -23.99 26.19 16.61
N LEU G 47 -23.08 27.17 16.60
CA LEU G 47 -22.27 27.49 15.41
C LEU G 47 -20.78 27.50 15.63
N ILE G 48 -20.05 27.33 14.54
CA ILE G 48 -18.60 27.55 14.49
C ILE G 48 -18.30 28.60 13.45
N LYS G 49 -17.74 29.75 13.86
CA LYS G 49 -17.36 30.76 12.87
C LYS G 49 -15.83 30.94 12.74
N ILE G 50 -15.38 31.15 11.51
CA ILE G 50 -13.94 31.13 11.21
C ILE G 50 -13.46 32.51 10.77
N TRP G 51 -12.36 32.98 11.36
CA TRP G 51 -11.91 34.33 11.12
C TRP G 51 -10.45 34.38 10.68
N GLY G 52 -10.15 35.14 9.64
CA GLY G 52 -8.77 35.34 9.25
C GLY G 52 -8.00 35.90 10.44
N ALA G 53 -6.95 35.20 10.84
CA ALA G 53 -6.19 35.56 12.03
C ALA G 53 -5.55 36.92 11.85
N TYR G 54 -5.14 37.21 10.62
CA TYR G 54 -4.41 38.43 10.35
C TYR G 54 -5.37 39.57 10.19
N ASP G 55 -6.26 39.44 9.22
CA ASP G 55 -7.20 40.49 8.83
C ASP G 55 -8.39 40.66 9.77
N GLY G 56 -8.66 39.65 10.57
CA GLY G 56 -9.79 39.73 11.48
C GLY G 56 -11.13 39.49 10.79
N LYS G 57 -11.07 39.09 9.53
CA LYS G 57 -12.28 38.98 8.71
C LYS G 57 -13.01 37.63 8.84
N PHE G 58 -14.33 37.66 8.99
CA PHE G 58 -15.14 36.45 8.95
C PHE G 58 -15.00 35.65 7.63
N GLU G 59 -14.72 34.35 7.76
CA GLU G 59 -14.42 33.48 6.64
C GLU G 59 -15.67 32.61 6.29
N LYS G 60 -16.04 31.69 7.17
CA LYS G 60 -17.28 30.94 6.97
C LYS G 60 -17.95 30.45 8.27
N THR G 61 -19.25 30.15 8.19
CA THR G 61 -20.00 29.50 9.26
C THR G 61 -19.93 27.97 9.08
N ILE G 62 -19.81 27.26 10.20
CA ILE G 62 -19.92 25.80 10.20
C ILE G 62 -20.99 25.40 11.20
N SER G 63 -21.98 24.63 10.74
CA SER G 63 -23.14 24.33 11.59
C SER G 63 -23.77 22.98 11.29
N GLY G 64 -24.88 22.68 11.96
CA GLY G 64 -25.46 21.36 11.91
C GLY G 64 -25.31 20.58 13.21
N HIS G 65 -24.85 21.28 14.24
CA HIS G 65 -24.98 20.75 15.59
C HIS G 65 -26.39 21.05 16.11
N LYS G 66 -26.92 20.17 16.95
CA LYS G 66 -28.27 20.35 17.44
C LYS G 66 -28.31 21.30 18.61
N LEU G 67 -27.17 21.48 19.29
CA LEU G 67 -27.17 22.27 20.51
C LEU G 67 -25.86 23.00 20.68
N GLY G 68 -25.79 23.78 21.76
CA GLY G 68 -24.66 24.66 21.94
C GLY G 68 -23.32 23.97 22.00
N ILE G 69 -22.35 24.49 21.27
CA ILE G 69 -21.02 23.92 21.31
C ILE G 69 -20.21 24.58 22.41
N SER G 70 -19.76 23.75 23.33
CA SER G 70 -18.95 24.19 24.47
C SER G 70 -17.47 24.39 24.12
N ASP G 71 -16.95 23.58 23.20
CA ASP G 71 -15.52 23.65 22.83
C ASP G 71 -15.25 23.26 21.36
N VAL G 72 -14.05 23.62 20.88
CA VAL G 72 -13.58 23.16 19.59
C VAL G 72 -12.05 23.20 19.55
N ALA G 73 -11.44 22.25 18.85
CA ALA G 73 -9.99 22.34 18.63
C ALA G 73 -9.58 21.90 17.21
N TRP G 74 -8.47 22.46 16.74
CA TRP G 74 -7.94 22.15 15.42
C TRP G 74 -7.15 20.83 15.37
N SER G 75 -7.15 20.18 14.21
CA SER G 75 -6.21 19.11 13.94
C SER G 75 -4.84 19.71 13.59
N SER G 76 -3.77 18.92 13.66
CA SER G 76 -2.42 19.39 13.36
C SER G 76 -2.19 19.78 11.90
N ASP G 77 -2.76 19.00 10.99
CA ASP G 77 -2.61 19.22 9.55
C ASP G 77 -3.56 20.33 9.10
N SER G 78 -4.18 20.98 10.08
CA SER G 78 -5.03 22.14 9.86
C SER G 78 -5.99 21.81 8.73
N ASN G 79 -6.35 20.53 8.70
CA ASN G 79 -7.43 20.01 7.89
C ASN G 79 -8.81 20.21 8.54
N LEU G 80 -8.86 19.97 9.85
CA LEU G 80 -10.07 19.54 10.53
C LEU G 80 -10.35 20.22 11.87
N LEU G 81 -11.65 20.34 12.17
CA LEU G 81 -12.14 20.82 13.46
C LEU G 81 -12.94 19.74 14.15
N VAL G 82 -12.77 19.66 15.47
CA VAL G 82 -13.58 18.79 16.28
C VAL G 82 -14.32 19.70 17.23
N SER G 83 -15.64 19.50 17.32
CA SER G 83 -16.52 20.32 18.16
C SER G 83 -17.29 19.46 19.16
N ALA G 84 -17.23 19.86 20.43
CA ALA G 84 -17.92 19.16 21.51
C ALA G 84 -19.17 19.93 21.95
N SER G 85 -20.34 19.28 21.89
CA SER G 85 -21.58 20.03 22.08
C SER G 85 -22.51 19.52 23.18
N ASP G 86 -23.58 20.27 23.42
CA ASP G 86 -24.58 19.94 24.41
C ASP G 86 -25.47 18.86 23.92
N ASP G 87 -25.30 18.50 22.67
CA ASP G 87 -26.16 17.51 22.03
C ASP G 87 -25.70 16.07 22.25
N LYS G 88 -24.74 15.89 23.14
CA LYS G 88 -24.28 14.55 23.49
C LYS G 88 -23.19 14.07 22.53
N THR G 89 -22.90 14.87 21.52
CA THR G 89 -21.99 14.44 20.47
C THR G 89 -20.82 15.36 20.16
N LEU G 90 -19.84 14.80 19.45
CA LEU G 90 -18.74 15.54 18.88
C LEU G 90 -18.89 15.49 17.37
N LYS G 91 -18.41 16.51 16.68
CA LYS G 91 -18.36 16.46 15.22
C LYS G 91 -16.94 16.67 14.64
N ILE G 92 -16.65 15.98 13.54
CA ILE G 92 -15.38 16.19 12.84
C ILE G 92 -15.56 16.90 11.50
N TRP G 93 -15.12 18.14 11.40
CA TRP G 93 -15.45 18.93 10.26
C TRP G 93 -14.26 19.04 9.34
N ASP G 94 -14.45 18.78 8.05
CA ASP G 94 -13.42 19.16 7.09
C ASP G 94 -13.61 20.65 6.88
N VAL G 95 -12.60 21.42 7.31
CA VAL G 95 -12.75 22.86 7.40
C VAL G 95 -12.73 23.50 6.02
N SER G 96 -12.14 22.82 5.04
CA SER G 96 -12.10 23.38 3.69
C SER G 96 -13.49 23.56 3.11
N SER G 97 -14.22 22.46 3.02
CA SER G 97 -15.58 22.50 2.53
C SER G 97 -16.42 23.24 3.56
N GLY G 98 -16.29 22.81 4.81
CA GLY G 98 -17.12 23.27 5.91
C GLY G 98 -18.11 22.21 6.33
N LYS G 99 -17.95 21.01 5.78
CA LYS G 99 -18.92 19.94 6.00
C LYS G 99 -18.47 18.92 7.05
N CYS G 100 -19.45 18.36 7.74
CA CYS G 100 -19.21 17.37 8.80
C CYS G 100 -18.83 15.99 8.25
N LEU G 101 -17.67 15.49 8.64
CA LEU G 101 -17.20 14.17 8.19
C LEU G 101 -17.83 13.04 9.01
N LYS G 102 -17.39 12.85 10.25
CA LYS G 102 -18.06 11.87 11.09
C LYS G 102 -18.73 12.58 12.26
N THR G 103 -19.72 11.89 12.84
CA THR G 103 -20.29 12.29 14.12
C THR G 103 -20.05 11.19 15.16
N LEU G 104 -19.54 11.58 16.31
CA LEU G 104 -19.11 10.62 17.31
C LEU G 104 -20.11 10.56 18.45
N LYS G 105 -20.73 9.39 18.62
CA LYS G 105 -21.76 9.21 19.63
C LYS G 105 -21.37 8.17 20.67
N GLY G 106 -21.10 8.66 21.87
CA GLY G 106 -20.89 7.86 23.06
C GLY G 106 -21.38 8.32 24.41
N HIS G 107 -21.90 9.53 24.51
CA HIS G 107 -21.98 10.11 25.86
C HIS G 107 -23.38 10.13 26.57
N SER G 108 -23.37 9.93 27.90
CA SER G 108 -24.53 10.09 28.77
C SER G 108 -25.06 11.54 28.64
N ASN G 109 -24.18 12.50 28.38
CA ASN G 109 -24.52 13.89 28.63
C ASN G 109 -23.73 14.82 27.76
N TYR G 110 -23.77 16.12 28.08
CA TYR G 110 -23.05 17.10 27.28
C TYR G 110 -21.60 16.69 27.12
N VAL G 111 -21.04 17.05 25.98
CA VAL G 111 -19.60 16.97 25.75
C VAL G 111 -18.96 18.35 25.96
N PHE G 112 -18.14 18.46 27.00
CA PHE G 112 -17.56 19.73 27.44
C PHE G 112 -16.28 20.16 26.72
N CYS G 113 -15.38 19.22 26.51
CA CYS G 113 -14.03 19.57 26.06
C CYS G 113 -13.49 18.57 25.05
N CYS G 114 -12.70 19.05 24.11
CA CYS G 114 -12.09 18.19 23.11
C CYS G 114 -10.73 18.72 22.71
N ASN G 115 -9.82 17.80 22.42
CA ASN G 115 -8.53 18.15 21.86
C ASN G 115 -8.10 16.97 21.00
N PHE G 116 -7.42 17.25 19.90
CA PHE G 116 -6.80 16.22 19.06
C PHE G 116 -5.49 15.78 19.66
N ASN G 117 -5.03 14.58 19.30
CA ASN G 117 -3.70 14.16 19.72
C ASN G 117 -2.65 14.78 18.80
N PRO G 118 -1.37 14.78 19.22
CA PRO G 118 -0.42 15.55 18.40
C PRO G 118 -0.44 14.99 16.99
N GLN G 119 -0.39 13.67 16.95
CA GLN G 119 -0.30 12.90 15.73
C GLN G 119 -1.60 13.07 14.94
N SER G 120 -2.63 13.46 15.67
CA SER G 120 -3.94 13.83 15.13
C SER G 120 -4.77 12.72 14.48
N ASN G 121 -4.54 11.46 14.83
CA ASN G 121 -5.43 10.40 14.37
C ASN G 121 -6.47 10.09 15.41
N LEU G 122 -6.30 10.67 16.59
CA LEU G 122 -7.22 10.41 17.69
C LEU G 122 -7.85 11.67 18.32
N ILE G 123 -8.99 11.50 18.98
CA ILE G 123 -9.54 12.56 19.81
C ILE G 123 -9.89 12.11 21.22
N VAL G 124 -9.60 12.97 22.18
CA VAL G 124 -9.98 12.78 23.56
C VAL G 124 -11.12 13.75 23.91
N SER G 125 -12.17 13.24 24.58
CA SER G 125 -13.36 14.03 24.88
C SER G 125 -13.87 13.96 26.34
N GLY G 126 -13.91 15.11 27.02
CA GLY G 126 -14.47 15.20 28.36
C GLY G 126 -15.97 15.43 28.36
N SER G 127 -16.69 14.85 29.32
CA SER G 127 -18.17 14.89 29.34
C SER G 127 -18.83 15.00 30.74
N PHE G 128 -19.99 15.62 30.79
CA PHE G 128 -20.69 15.78 32.05
C PHE G 128 -21.13 14.44 32.66
N ASP G 129 -20.90 13.36 31.91
CA ASP G 129 -21.07 12.01 32.45
C ASP G 129 -19.77 11.49 33.07
N GLU G 130 -18.81 12.40 33.19
CA GLU G 130 -17.61 12.13 33.95
C GLU G 130 -16.74 11.06 33.34
N SER G 131 -16.81 10.95 32.01
CA SER G 131 -15.94 10.04 31.29
C SER G 131 -14.99 10.81 30.38
N VAL G 132 -13.81 10.24 30.18
CA VAL G 132 -12.91 10.66 29.12
C VAL G 132 -12.90 9.54 28.09
N ARG G 133 -13.37 9.84 26.87
CA ARG G 133 -13.45 8.81 25.83
C ARG G 133 -12.41 9.07 24.76
N ILE G 134 -11.98 8.01 24.06
CA ILE G 134 -11.00 8.18 22.99
C ILE G 134 -11.52 7.70 21.63
N TRP G 135 -11.26 8.48 20.58
CA TRP G 135 -11.95 8.27 19.32
C TRP G 135 -11.01 8.18 18.13
N ASP G 136 -11.23 7.17 17.31
CA ASP G 136 -10.47 7.00 16.05
C ASP G 136 -11.01 7.93 14.92
N VAL G 137 -10.16 8.86 14.48
CA VAL G 137 -10.55 9.92 13.54
C VAL G 137 -11.01 9.39 12.18
N LYS G 138 -10.56 8.18 11.83
CA LYS G 138 -10.90 7.58 10.53
C LYS G 138 -12.23 6.85 10.63
N THR G 139 -12.23 5.76 11.37
CA THR G 139 -13.44 4.96 11.57
C THR G 139 -14.54 5.80 12.23
N GLY G 140 -14.19 6.44 13.34
CA GLY G 140 -15.14 7.29 14.05
C GLY G 140 -15.69 6.61 15.28
N LYS G 141 -15.30 5.35 15.48
CA LYS G 141 -15.75 4.62 16.64
C LYS G 141 -14.95 4.99 17.90
N CYS G 142 -15.59 4.81 19.06
CA CYS G 142 -14.97 5.16 20.31
C CYS G 142 -14.11 4.00 20.79
N LEU G 143 -12.82 4.26 20.91
CA LEU G 143 -11.88 3.23 21.21
C LEU G 143 -12.02 2.82 22.65
N LYS G 144 -11.64 3.71 23.56
CA LYS G 144 -11.73 3.40 24.98
C LYS G 144 -12.52 4.49 25.73
N THR G 145 -12.96 4.13 26.92
CA THR G 145 -13.77 5.00 27.76
C THR G 145 -13.30 4.91 29.19
N LEU G 146 -12.93 6.04 29.76
CA LEU G 146 -12.38 6.06 31.10
C LEU G 146 -13.35 6.73 32.05
N PRO G 147 -13.80 5.98 33.05
CA PRO G 147 -14.56 6.59 34.15
C PRO G 147 -13.59 7.44 34.99
N ALA G 148 -13.19 8.59 34.44
CA ALA G 148 -12.12 9.42 35.00
C ALA G 148 -12.39 9.97 36.40
N HIS G 149 -13.55 10.59 36.58
CA HIS G 149 -13.85 11.27 37.83
C HIS G 149 -15.23 10.93 38.40
N SER G 150 -15.42 11.35 39.65
CA SER G 150 -16.70 11.28 40.36
C SER G 150 -17.47 12.49 39.92
N ASP G 151 -16.84 13.30 39.08
CA ASP G 151 -17.47 14.54 38.64
C ASP G 151 -17.25 14.85 37.15
N PRO G 152 -18.07 15.75 36.56
CA PRO G 152 -18.02 16.21 35.16
C PRO G 152 -16.64 16.72 34.77
N VAL G 153 -16.24 16.51 33.52
CA VAL G 153 -14.87 16.84 33.06
C VAL G 153 -14.80 18.23 32.44
N SER G 154 -13.95 19.09 33.00
CA SER G 154 -13.71 20.44 32.46
C SER G 154 -12.67 20.56 31.33
N ALA G 155 -11.77 19.58 31.26
CA ALA G 155 -10.71 19.61 30.24
C ALA G 155 -10.09 18.26 29.91
N VAL G 156 -9.51 18.19 28.72
CA VAL G 156 -8.71 17.04 28.32
C VAL G 156 -7.61 17.54 27.39
N HIS G 157 -6.39 17.03 27.54
CA HIS G 157 -5.34 17.35 26.59
C HIS G 157 -4.32 16.21 26.52
N PHE G 158 -3.63 16.10 25.38
CA PHE G 158 -2.50 15.18 25.23
C PHE G 158 -1.20 15.86 25.56
N ASN G 159 -0.11 15.13 25.52
CA ASN G 159 1.18 15.77 25.74
C ASN G 159 1.90 15.94 24.39
N ARG G 160 3.13 16.45 24.42
CA ARG G 160 3.91 16.67 23.19
C ARG G 160 3.90 15.48 22.22
N ASP G 161 4.16 14.29 22.75
CA ASP G 161 4.12 13.04 21.94
C ASP G 161 2.78 12.30 21.80
N GLY G 162 1.85 12.49 22.75
CA GLY G 162 0.52 11.89 22.65
C GLY G 162 0.35 10.62 23.46
N SER G 163 1.29 10.41 24.37
CA SER G 163 1.30 9.27 25.29
C SER G 163 0.40 9.48 26.50
N LEU G 164 0.19 10.74 26.84
CA LEU G 164 -0.46 11.10 28.09
C LEU G 164 -1.67 11.95 27.78
N ILE G 165 -2.69 11.81 28.61
CA ILE G 165 -3.87 12.67 28.59
C ILE G 165 -4.15 13.18 29.99
N VAL G 166 -3.96 14.46 30.23
CA VAL G 166 -4.38 15.01 31.50
C VAL G 166 -5.88 15.26 31.42
N SER G 167 -6.56 15.19 32.54
CA SER G 167 -7.91 15.72 32.60
C SER G 167 -8.19 16.31 33.97
N SER G 168 -9.10 17.27 33.99
CA SER G 168 -9.46 17.96 35.22
C SER G 168 -10.93 17.79 35.45
N SER G 169 -11.36 18.11 36.66
CA SER G 169 -12.75 17.93 37.03
C SER G 169 -13.11 18.79 38.21
N TYR G 170 -14.41 18.99 38.38
CA TYR G 170 -14.89 19.79 39.47
C TYR G 170 -14.63 19.07 40.81
N ASP G 171 -14.39 17.76 40.77
CA ASP G 171 -14.23 17.00 42.02
C ASP G 171 -12.91 17.39 42.74
N GLY G 172 -12.10 18.19 42.06
CA GLY G 172 -10.86 18.70 42.60
C GLY G 172 -9.64 18.06 41.97
N LEU G 173 -9.87 17.00 41.19
CA LEU G 173 -8.83 16.09 40.73
C LEU G 173 -8.13 16.48 39.42
N CYS G 174 -6.83 16.18 39.31
CA CYS G 174 -6.22 16.08 37.99
C CYS G 174 -5.66 14.71 37.77
N ARG G 175 -6.32 13.93 36.91
CA ARG G 175 -5.85 12.59 36.60
C ARG G 175 -5.11 12.57 35.25
N ILE G 176 -3.93 11.93 35.24
CA ILE G 176 -3.13 11.77 34.01
C ILE G 176 -3.21 10.32 33.55
N TRP G 177 -3.52 10.14 32.27
CA TRP G 177 -3.90 8.83 31.77
C TRP G 177 -2.91 8.31 30.77
N ASP G 178 -2.85 6.99 30.65
CA ASP G 178 -2.03 6.35 29.64
C ASP G 178 -2.85 6.09 28.38
N THR G 179 -2.52 6.82 27.33
CA THR G 179 -3.27 6.84 26.07
C THR G 179 -3.52 5.46 25.43
N ALA G 180 -2.49 4.59 25.43
CA ALA G 180 -2.61 3.24 24.86
C ALA G 180 -3.23 2.17 25.78
N SER G 181 -2.93 2.24 27.07
CA SER G 181 -3.47 1.28 28.04
C SER G 181 -4.90 1.62 28.43
N GLY G 182 -5.05 2.84 28.95
CA GLY G 182 -6.28 3.28 29.57
C GLY G 182 -6.09 3.44 31.05
N GLN G 183 -4.87 3.25 31.53
CA GLN G 183 -4.65 3.31 32.97
C GLN G 183 -4.39 4.72 33.46
N CYS G 184 -4.87 5.05 34.66
CA CYS G 184 -4.50 6.30 35.30
C CYS G 184 -3.12 6.16 35.91
N LEU G 185 -2.26 7.09 35.58
CA LEU G 185 -0.84 6.99 35.91
C LEU G 185 -0.51 7.83 37.13
N LYS G 186 -0.75 9.13 37.04
CA LYS G 186 -0.63 9.96 38.22
C LYS G 186 -1.91 10.73 38.55
N THR G 187 -1.94 11.27 39.75
CA THR G 187 -3.06 12.08 40.21
C THR G 187 -2.51 13.24 41.04
N LEU G 188 -3.05 14.43 40.81
CA LEU G 188 -2.50 15.63 41.43
C LEU G 188 -3.49 16.24 42.40
N ILE G 189 -3.19 16.09 43.69
CA ILE G 189 -4.13 16.41 44.74
C ILE G 189 -3.59 17.44 45.73
N ASP G 190 -2.68 17.00 46.60
CA ASP G 190 -1.89 17.85 47.51
C ASP G 190 -2.63 18.96 48.28
N ASP G 191 -3.43 18.59 49.29
CA ASP G 191 -4.27 19.52 50.09
C ASP G 191 -5.29 20.31 49.28
N ASP G 192 -5.46 21.59 49.56
CA ASP G 192 -6.42 22.35 48.74
C ASP G 192 -7.76 21.65 48.65
N ASN G 193 -7.95 21.05 47.48
CA ASN G 193 -9.20 20.53 46.93
C ASN G 193 -10.23 21.56 46.48
N PRO G 194 -9.78 22.47 45.61
CA PRO G 194 -10.64 23.36 44.84
C PRO G 194 -11.16 22.60 43.63
N PRO G 195 -12.26 23.06 43.00
CA PRO G 195 -12.63 22.56 41.66
C PRO G 195 -11.64 23.02 40.58
N VAL G 196 -11.23 22.11 39.71
CA VAL G 196 -10.26 22.43 38.68
C VAL G 196 -10.92 22.62 37.29
N SER G 197 -10.96 23.86 36.80
CA SER G 197 -11.67 24.21 35.56
C SER G 197 -10.87 24.12 34.24
N PHE G 198 -9.56 23.92 34.31
CA PHE G 198 -8.82 23.65 33.08
C PHE G 198 -7.45 23.00 33.33
N VAL G 199 -6.96 22.27 32.34
CA VAL G 199 -5.56 21.83 32.31
C VAL G 199 -5.08 21.67 30.86
N LYS G 200 -3.83 22.04 30.60
CA LYS G 200 -3.08 21.49 29.47
C LYS G 200 -1.63 21.26 29.86
N PHE G 201 -1.05 20.22 29.29
CA PHE G 201 0.37 19.98 29.38
C PHE G 201 1.08 21.19 28.78
N SER G 202 2.31 21.43 29.22
CA SER G 202 3.19 22.42 28.62
C SER G 202 3.78 21.88 27.32
N PRO G 203 4.28 22.80 26.46
CA PRO G 203 4.91 22.48 25.16
C PRO G 203 6.10 21.57 25.32
N ASN G 204 6.87 21.84 26.38
CA ASN G 204 7.98 20.99 26.80
C ASN G 204 7.47 19.79 27.60
N GLY G 205 6.16 19.81 27.86
CA GLY G 205 5.41 18.66 28.36
C GLY G 205 5.65 18.25 29.80
N LYS G 206 6.64 18.89 30.43
CA LYS G 206 7.07 18.42 31.72
C LYS G 206 6.28 19.01 32.88
N TYR G 207 5.64 20.14 32.63
CA TYR G 207 4.77 20.73 33.62
C TYR G 207 3.36 20.86 33.06
N ILE G 208 2.37 20.70 33.93
CA ILE G 208 1.00 20.81 33.49
C ILE G 208 0.28 21.94 34.26
N LEU G 209 -0.53 22.73 33.53
CA LEU G 209 -1.16 23.92 34.08
C LEU G 209 -2.61 23.66 34.47
N ALA G 210 -3.00 24.21 35.60
CA ALA G 210 -4.31 23.95 36.14
C ALA G 210 -5.00 25.22 36.66
N ALA G 211 -6.21 25.43 36.19
CA ALA G 211 -7.04 26.54 36.63
C ALA G 211 -7.96 26.08 37.73
N THR G 212 -8.23 26.93 38.71
CA THR G 212 -9.07 26.53 39.81
C THR G 212 -10.05 27.63 40.18
N LEU G 213 -11.11 27.23 40.88
CA LEU G 213 -12.22 28.14 41.16
C LEU G 213 -12.04 28.91 42.46
N ASP G 214 -10.85 28.78 43.05
CA ASP G 214 -10.39 29.65 44.12
C ASP G 214 -9.68 30.93 43.62
N ASN G 215 -9.83 31.22 42.33
CA ASN G 215 -9.25 32.41 41.71
C ASN G 215 -7.76 32.25 41.59
N THR G 216 -7.37 31.03 41.23
CA THR G 216 -5.99 30.62 41.24
C THR G 216 -5.57 30.11 39.86
N LEU G 217 -4.26 30.09 39.59
CA LEU G 217 -3.69 29.37 38.46
C LEU G 217 -2.40 28.68 38.87
N LYS G 218 -2.35 27.35 38.79
CA LYS G 218 -1.23 26.61 39.37
C LYS G 218 -0.43 25.80 38.37
N LEU G 219 0.87 25.84 38.50
CA LEU G 219 1.71 25.05 37.63
C LEU G 219 2.32 23.91 38.40
N TRP G 220 2.45 22.76 37.74
CA TRP G 220 2.78 21.51 38.39
C TRP G 220 3.86 20.80 37.62
N ASP G 221 4.80 20.19 38.33
CA ASP G 221 5.68 19.21 37.71
C ASP G 221 5.10 17.88 38.12
N TYR G 222 4.50 17.18 37.16
CA TYR G 222 3.67 16.03 37.49
C TYR G 222 4.51 14.80 37.79
N SER G 223 5.61 14.63 37.07
CA SER G 223 6.53 13.54 37.41
C SER G 223 6.83 13.57 38.91
N LYS G 224 7.21 14.76 39.40
CA LYS G 224 7.47 14.98 40.83
C LYS G 224 6.18 15.15 41.65
N GLY G 225 5.04 15.23 40.98
CA GLY G 225 3.78 15.41 41.68
C GLY G 225 3.81 16.54 42.70
N LYS G 226 4.21 17.73 42.30
CA LYS G 226 4.05 18.92 43.14
C LYS G 226 3.93 20.26 42.38
N CYS G 227 3.13 21.17 42.97
CA CYS G 227 2.97 22.53 42.48
C CYS G 227 4.32 23.28 42.57
N LEU G 228 4.62 24.08 41.54
CA LEU G 228 5.81 24.93 41.56
C LEU G 228 5.43 26.35 41.92
N LYS G 229 4.66 26.97 41.04
CA LYS G 229 4.30 28.36 41.23
C LYS G 229 2.80 28.55 41.07
N THR G 230 2.29 29.67 41.58
CA THR G 230 0.87 29.96 41.52
C THR G 230 0.63 31.43 41.23
N TYR G 231 -0.35 31.69 40.37
CA TYR G 231 -0.68 33.04 39.91
C TYR G 231 -2.08 33.47 40.34
N THR G 232 -2.23 34.72 40.81
CA THR G 232 -3.54 35.22 41.22
C THR G 232 -3.88 36.62 40.72
N GLY G 233 -5.02 37.10 41.20
CA GLY G 233 -5.54 38.42 40.91
C GLY G 233 -6.71 38.47 39.93
N HIS G 234 -6.80 37.49 39.05
CA HIS G 234 -7.95 37.37 38.15
C HIS G 234 -9.13 36.79 38.92
N LYS G 235 -10.35 37.05 38.47
CA LYS G 235 -11.51 36.46 39.11
C LYS G 235 -12.02 35.25 38.33
N ASN G 236 -11.83 34.09 38.94
CA ASN G 236 -12.35 32.84 38.42
C ASN G 236 -13.04 32.14 39.55
N GLU G 237 -14.37 32.11 39.51
CA GLU G 237 -15.16 31.42 40.53
C GLU G 237 -16.21 30.52 39.90
N LYS G 238 -17.05 31.12 39.06
CA LYS G 238 -18.11 30.45 38.31
C LYS G 238 -17.65 29.68 37.06
N TYR G 239 -17.08 30.38 36.10
CA TYR G 239 -16.84 29.83 34.75
C TYR G 239 -15.56 29.02 34.63
N CYS G 240 -15.55 28.03 33.73
CA CYS G 240 -14.29 27.30 33.46
C CYS G 240 -13.61 28.02 32.28
N ILE G 241 -12.52 28.71 32.57
CA ILE G 241 -12.00 29.68 31.63
C ILE G 241 -10.63 29.26 31.18
N PHE G 242 -10.42 29.20 29.87
CA PHE G 242 -9.20 28.64 29.30
C PHE G 242 -7.97 29.35 29.80
N ALA G 243 -6.89 28.59 29.88
CA ALA G 243 -5.60 29.09 30.31
C ALA G 243 -4.53 28.72 29.27
N ASN G 244 -3.79 29.73 28.82
CA ASN G 244 -2.77 29.56 27.79
C ASN G 244 -1.33 29.80 28.23
N PHE G 245 -0.41 29.04 27.62
CA PHE G 245 1.00 29.36 27.62
C PHE G 245 1.30 30.33 26.43
N SER G 246 2.08 31.40 26.68
CA SER G 246 2.57 32.22 25.55
C SER G 246 4.06 32.02 25.31
N VAL G 247 4.37 31.33 24.23
CA VAL G 247 5.74 30.99 23.89
C VAL G 247 6.42 31.97 22.93
N THR G 248 5.68 32.90 22.34
CA THR G 248 6.20 33.54 21.14
C THR G 248 7.23 34.62 21.44
N GLY G 249 6.82 35.83 21.79
CA GLY G 249 7.81 36.81 22.21
C GLY G 249 8.33 36.58 23.61
N GLY G 250 7.45 36.78 24.58
CA GLY G 250 7.82 36.65 25.97
C GLY G 250 7.18 35.39 26.44
N LYS G 251 7.57 34.94 27.63
CA LYS G 251 7.02 33.68 28.13
C LYS G 251 6.06 33.99 29.27
N TRP G 252 4.77 33.83 28.99
CA TRP G 252 3.71 34.32 29.88
C TRP G 252 2.69 33.27 30.20
N ILE G 253 1.87 33.57 31.20
CA ILE G 253 0.61 32.88 31.42
C ILE G 253 -0.49 33.80 30.97
N VAL G 254 -1.39 33.30 30.13
CA VAL G 254 -2.51 34.14 29.65
C VAL G 254 -3.88 33.51 29.95
N SER G 255 -4.77 34.24 30.60
CA SER G 255 -6.09 33.70 30.94
C SER G 255 -7.19 34.75 30.83
N GLY G 256 -8.43 34.29 30.69
CA GLY G 256 -9.57 35.19 30.77
C GLY G 256 -9.86 35.47 32.22
N SER G 257 -10.92 36.22 32.49
CA SER G 257 -11.27 36.54 33.87
C SER G 257 -12.74 36.93 33.98
N GLU G 258 -13.30 36.85 35.20
CA GLU G 258 -14.72 37.17 35.45
C GLU G 258 -14.98 38.64 35.86
N ASP G 259 -13.90 39.42 35.93
CA ASP G 259 -13.99 40.87 36.05
C ASP G 259 -13.86 41.57 34.67
N ASN G 260 -13.93 40.77 33.60
CA ASN G 260 -13.85 41.25 32.21
C ASN G 260 -12.47 41.69 31.70
N LEU G 261 -11.40 41.15 32.28
CA LEU G 261 -10.07 41.49 31.82
C LEU G 261 -9.31 40.26 31.36
N VAL G 262 -8.33 40.47 30.47
CA VAL G 262 -7.42 39.39 30.07
C VAL G 262 -6.12 39.52 30.88
N TYR G 263 -5.75 38.46 31.59
CA TYR G 263 -4.59 38.51 32.48
C TYR G 263 -3.33 37.83 31.93
N ILE G 264 -2.19 38.52 32.07
CA ILE G 264 -0.91 38.01 31.63
C ILE G 264 0.09 38.08 32.79
N TRP G 265 0.62 36.92 33.20
CA TRP G 265 1.60 36.87 34.26
C TRP G 265 2.98 36.57 33.74
N ASN G 266 3.99 37.13 34.42
CA ASN G 266 5.33 36.64 34.26
C ASN G 266 5.29 35.19 34.71
N LEU G 267 5.80 34.28 33.88
CA LEU G 267 5.78 32.87 34.22
C LEU G 267 6.76 32.54 35.35
N GLN G 268 7.88 33.24 35.40
CA GLN G 268 8.81 33.08 36.50
C GLN G 268 8.37 33.82 37.78
N THR G 269 8.19 35.14 37.68
CA THR G 269 7.93 35.98 38.86
C THR G 269 6.46 36.01 39.33
N LYS G 270 5.60 35.33 38.59
CA LYS G 270 4.26 35.00 39.07
C LYS G 270 3.34 36.19 39.27
N GLU G 271 3.91 37.39 39.36
CA GLU G 271 3.05 38.58 39.41
C GLU G 271 2.73 39.14 38.01
N ILE G 272 1.63 39.87 37.91
CA ILE G 272 1.07 40.29 36.62
C ILE G 272 1.87 41.34 35.85
N VAL G 273 2.18 41.03 34.59
CA VAL G 273 2.83 41.99 33.68
C VAL G 273 1.86 42.98 32.98
N GLN G 274 0.73 42.49 32.47
CA GLN G 274 -0.23 43.37 31.84
C GLN G 274 -1.66 42.82 31.86
N LYS G 275 -2.66 43.71 31.90
CA LYS G 275 -4.07 43.34 31.69
C LYS G 275 -4.79 44.17 30.59
N LEU G 276 -5.66 43.51 29.82
CA LEU G 276 -6.33 44.14 28.68
C LEU G 276 -7.80 44.39 28.94
N GLN G 277 -8.29 45.57 28.56
CA GLN G 277 -9.67 45.96 28.83
C GLN G 277 -10.40 46.31 27.54
N GLY G 278 -11.70 46.62 27.66
CA GLY G 278 -12.53 46.91 26.51
C GLY G 278 -13.54 45.81 26.27
N HIS G 279 -13.42 44.74 27.03
CA HIS G 279 -14.42 43.66 26.98
C HIS G 279 -15.53 43.97 27.96
N THR G 280 -16.76 43.93 27.45
CA THR G 280 -17.92 44.44 28.17
C THR G 280 -18.56 43.34 29.00
N ASP G 281 -17.95 42.16 28.99
CA ASP G 281 -18.41 41.03 29.78
C ASP G 281 -17.25 40.14 30.26
N VAL G 282 -17.58 38.97 30.76
CA VAL G 282 -16.58 38.05 31.25
C VAL G 282 -15.81 37.41 30.08
N VAL G 283 -14.54 37.06 30.31
CA VAL G 283 -13.73 36.40 29.28
C VAL G 283 -13.63 34.91 29.55
N ILE G 284 -14.30 34.12 28.71
CA ILE G 284 -14.29 32.66 28.81
C ILE G 284 -13.13 31.93 28.13
N SER G 285 -12.57 32.50 27.06
CA SER G 285 -11.55 31.82 26.29
C SER G 285 -10.48 32.73 25.72
N THR G 286 -9.24 32.29 25.77
CA THR G 286 -8.13 32.99 25.14
C THR G 286 -7.32 31.99 24.31
N ALA G 287 -6.59 32.48 23.31
CA ALA G 287 -5.75 31.64 22.47
C ALA G 287 -4.58 32.45 21.93
N CYS G 288 -3.43 31.81 21.80
CA CYS G 288 -2.28 32.54 21.32
C CYS G 288 -1.87 32.08 19.93
N HIS G 289 -1.38 33.01 19.14
CA HIS G 289 -0.93 32.68 17.80
C HIS G 289 0.30 31.80 17.91
N PRO G 290 0.44 30.85 16.97
CA PRO G 290 1.59 29.95 16.96
C PRO G 290 2.88 30.71 16.60
N THR G 291 2.77 31.70 15.73
CA THR G 291 3.95 32.33 15.13
C THR G 291 4.17 33.75 15.65
N GLU G 292 3.23 34.66 15.37
CA GLU G 292 3.32 36.06 15.82
C GLU G 292 2.86 36.17 17.27
N ASN G 293 2.83 37.39 17.80
CA ASN G 293 2.28 37.60 19.14
C ASN G 293 0.87 38.15 19.03
N ILE G 294 -0.09 37.27 19.20
CA ILE G 294 -1.48 37.67 19.18
C ILE G 294 -2.26 36.90 20.21
N ILE G 295 -2.94 37.63 21.07
CA ILE G 295 -3.96 37.04 21.88
C ILE G 295 -5.30 37.26 21.19
N ALA G 296 -6.10 36.22 21.14
CA ALA G 296 -7.50 36.36 20.78
C ALA G 296 -8.29 36.10 22.06
N SER G 297 -9.37 36.84 22.29
CA SER G 297 -10.20 36.56 23.45
C SER G 297 -11.68 36.67 23.10
N ALA G 298 -12.52 35.84 23.72
CA ALA G 298 -13.97 35.95 23.53
C ALA G 298 -14.71 36.11 24.85
N ALA G 299 -15.90 36.68 24.80
CA ALA G 299 -16.66 37.01 26.00
C ALA G 299 -18.12 36.57 25.94
N LEU G 300 -18.78 36.65 27.08
CA LEU G 300 -20.11 36.06 27.19
C LEU G 300 -21.17 37.01 26.64
N GLU G 301 -22.44 36.63 26.72
CA GLU G 301 -23.49 37.24 25.89
C GLU G 301 -23.69 38.75 26.03
N ASN G 302 -23.13 39.37 27.05
CA ASN G 302 -23.25 40.82 27.17
C ASN G 302 -22.20 41.50 26.30
N ASP G 303 -21.47 40.68 25.56
CA ASP G 303 -20.42 41.16 24.69
C ASP G 303 -20.61 40.54 23.31
N LYS G 304 -20.48 39.22 23.25
CA LYS G 304 -20.55 38.43 22.02
C LYS G 304 -19.44 38.73 21.01
N THR G 305 -18.32 39.29 21.48
CA THR G 305 -17.22 39.63 20.57
C THR G 305 -15.90 38.98 20.92
N ILE G 306 -15.18 38.59 19.87
CA ILE G 306 -13.80 38.13 19.96
C ILE G 306 -12.89 39.30 19.67
N LYS G 307 -12.09 39.71 20.64
CA LYS G 307 -11.11 40.76 20.41
C LYS G 307 -9.70 40.19 20.13
N LEU G 308 -8.98 40.85 19.22
CA LEU G 308 -7.66 40.43 18.74
C LEU G 308 -6.59 41.39 19.22
N TRP G 309 -5.44 40.87 19.66
CA TRP G 309 -4.44 41.73 20.34
C TRP G 309 -3.03 41.43 19.90
N LYS G 310 -2.29 42.45 19.52
CA LYS G 310 -0.92 42.22 19.09
C LYS G 310 0.09 42.92 19.99
N SER G 311 1.29 42.34 20.07
CA SER G 311 2.38 42.92 20.85
C SER G 311 3.73 42.81 20.14
N ASP G 312 4.67 43.67 20.54
CA ASP G 312 6.06 43.61 20.08
C ASP G 312 6.94 42.63 20.89
N CYS G 313 6.60 42.42 22.16
CA CYS G 313 7.16 41.32 22.95
C CYS G 313 6.04 40.43 23.49
N VAL H 10 7.84 -7.34 5.93
CA VAL H 10 8.30 -7.75 4.61
C VAL H 10 8.46 -6.55 3.65
N LYS H 11 7.50 -5.63 3.68
CA LYS H 11 7.69 -4.30 3.08
C LYS H 11 6.98 -3.23 3.92
N PRO H 12 7.63 -2.07 4.08
CA PRO H 12 7.05 -0.95 4.81
C PRO H 12 6.09 -0.19 3.92
N ASN H 13 5.04 0.38 4.50
CA ASN H 13 4.23 1.35 3.77
C ASN H 13 4.35 2.72 4.44
N TYR H 14 5.07 3.65 3.80
CA TYR H 14 5.17 4.99 4.36
C TYR H 14 4.13 5.95 3.83
N ALA H 15 3.50 6.67 4.76
CA ALA H 15 2.42 7.59 4.45
C ALA H 15 2.85 9.02 4.71
N LEU H 16 2.64 9.90 3.73
CA LEU H 16 2.89 11.29 4.00
C LEU H 16 1.91 11.71 5.08
N LYS H 17 2.42 12.31 6.15
CA LYS H 17 1.58 12.82 7.23
C LYS H 17 1.60 14.35 7.25
N PHE H 18 2.79 14.91 7.45
CA PHE H 18 2.94 16.35 7.42
C PHE H 18 3.96 16.87 6.37
N THR H 19 3.67 18.06 5.86
CA THR H 19 4.59 18.82 5.04
C THR H 19 4.74 20.13 5.78
N LEU H 20 5.99 20.53 6.03
CA LEU H 20 6.26 21.76 6.79
C LEU H 20 7.14 22.74 6.01
N ALA H 21 6.74 24.00 5.96
CA ALA H 21 7.61 25.00 5.35
C ALA H 21 7.59 26.30 6.13
N GLY H 22 8.77 26.79 6.52
CA GLY H 22 9.05 28.16 6.87
C GLY H 22 10.35 28.65 6.27
N HIS H 23 10.97 27.81 5.45
CA HIS H 23 12.36 28.02 5.08
C HIS H 23 12.50 28.81 3.79
N THR H 24 13.03 30.03 3.89
CA THR H 24 13.14 30.92 2.74
C THR H 24 13.95 30.35 1.59
N LYS H 25 15.24 30.12 1.83
CA LYS H 25 16.17 29.55 0.86
C LYS H 25 16.17 28.00 1.02
N ALA H 26 16.98 27.27 0.25
CA ALA H 26 16.93 25.79 0.20
C ALA H 26 17.47 25.06 1.45
N VAL H 27 16.89 23.90 1.77
CA VAL H 27 17.27 23.13 2.95
C VAL H 27 18.45 22.19 2.72
N SER H 28 19.32 22.07 3.71
CA SER H 28 20.54 21.27 3.59
C SER H 28 20.49 19.93 4.33
N SER H 29 20.30 19.98 5.64
CA SER H 29 20.18 18.76 6.42
C SER H 29 18.92 18.74 7.25
N VAL H 30 18.48 17.55 7.63
CA VAL H 30 17.52 17.37 8.72
C VAL H 30 17.92 16.15 9.59
N LYS H 31 17.97 16.34 10.90
CA LYS H 31 18.34 15.26 11.79
C LYS H 31 17.37 15.28 12.97
N PHE H 32 16.92 14.10 13.37
CA PHE H 32 15.99 13.91 14.49
C PHE H 32 16.73 13.91 15.82
N SER H 33 16.19 14.58 16.84
CA SER H 33 16.80 14.54 18.17
C SER H 33 16.64 13.17 18.85
N PRO H 34 17.72 12.68 19.52
CA PRO H 34 17.80 11.33 20.12
C PRO H 34 16.62 10.98 21.03
N ASN H 35 15.94 11.98 21.56
CA ASN H 35 14.77 11.77 22.40
C ASN H 35 13.47 11.55 21.60
N GLY H 36 13.58 11.59 20.27
CA GLY H 36 12.43 11.33 19.42
C GLY H 36 11.29 12.27 19.79
N GLU H 37 11.60 13.56 19.74
CA GLU H 37 10.64 14.63 20.01
C GLU H 37 10.66 15.67 18.89
N TRP H 38 11.85 16.17 18.62
CA TRP H 38 12.05 17.27 17.69
C TRP H 38 12.83 16.86 16.46
N LEU H 39 12.65 17.67 15.41
CA LEU H 39 13.44 17.60 14.18
C LEU H 39 14.13 18.94 14.06
N ALA H 40 15.44 18.92 13.84
CA ALA H 40 16.18 20.15 13.55
C ALA H 40 16.49 20.20 12.07
N SER H 41 16.40 21.40 11.49
CA SER H 41 16.72 21.59 10.08
C SER H 41 17.63 22.80 9.79
N SER H 42 18.50 22.64 8.80
CA SER H 42 19.41 23.70 8.40
C SER H 42 19.13 24.08 6.95
N SER H 43 19.46 25.32 6.58
CA SER H 43 19.17 25.76 5.24
C SER H 43 20.04 26.94 4.81
N ALA H 44 20.05 27.16 3.50
CA ALA H 44 20.79 28.23 2.83
C ALA H 44 20.30 29.60 3.30
N ASP H 45 19.27 29.58 4.14
CA ASP H 45 18.71 30.80 4.72
C ASP H 45 19.47 31.20 6.01
N LYS H 46 20.58 30.54 6.27
CA LYS H 46 21.47 30.87 7.40
C LYS H 46 20.79 30.56 8.72
N LEU H 47 19.81 29.65 8.68
CA LEU H 47 18.91 29.41 9.81
C LEU H 47 18.79 27.95 10.24
N ILE H 48 18.38 27.77 11.49
CA ILE H 48 18.04 26.45 12.01
C ILE H 48 16.62 26.48 12.51
N LYS H 49 15.74 25.68 11.93
CA LYS H 49 14.37 25.66 12.43
C LYS H 49 14.01 24.30 13.08
N ILE H 50 13.19 24.36 14.13
CA ILE H 50 12.93 23.20 14.97
C ILE H 50 11.46 22.83 14.90
N TRP H 51 11.18 21.54 14.66
CA TRP H 51 9.82 21.08 14.46
C TRP H 51 9.41 19.95 15.40
N GLY H 52 8.21 20.03 15.98
CA GLY H 52 7.73 18.92 16.79
C GLY H 52 7.68 17.67 15.92
N ALA H 53 8.41 16.64 16.32
CA ALA H 53 8.52 15.42 15.50
C ALA H 53 7.15 14.79 15.31
N TYR H 54 6.33 14.87 16.35
CA TYR H 54 5.03 14.23 16.32
C TYR H 54 4.00 15.05 15.57
N ASP H 55 3.78 16.26 16.05
CA ASP H 55 2.77 17.18 15.52
C ASP H 55 3.16 17.88 14.20
N GLY H 56 4.44 17.87 13.87
CA GLY H 56 4.90 18.54 12.67
C GLY H 56 4.94 20.05 12.79
N LYS H 57 4.76 20.56 14.01
CA LYS H 57 4.66 22.00 14.23
C LYS H 57 6.01 22.72 14.43
N PHE H 58 6.15 23.89 13.79
CA PHE H 58 7.31 24.74 14.00
C PHE H 58 7.42 25.18 15.47
N GLU H 59 8.60 24.95 16.05
CA GLU H 59 8.89 25.26 17.44
C GLU H 59 9.65 26.61 17.59
N LYS H 60 10.89 26.66 17.10
CA LYS H 60 11.67 27.92 17.14
C LYS H 60 12.74 28.06 16.04
N THR H 61 13.07 29.31 15.72
CA THR H 61 14.19 29.64 14.84
C THR H 61 15.47 29.77 15.67
N ILE H 62 16.56 29.26 15.12
CA ILE H 62 17.88 29.51 15.67
C ILE H 62 18.75 30.19 14.58
N SER H 63 19.36 31.31 14.92
CA SER H 63 20.14 32.04 13.92
C SER H 63 21.29 32.81 14.50
N GLY H 64 21.96 33.59 13.65
CA GLY H 64 23.20 34.25 14.04
C GLY H 64 24.44 33.68 13.36
N HIS H 65 24.24 32.77 12.41
CA HIS H 65 25.32 32.39 11.51
C HIS H 65 25.44 33.42 10.41
N LYS H 66 26.65 33.62 9.89
CA LYS H 66 26.83 34.63 8.86
C LYS H 66 26.50 34.12 7.47
N LEU H 67 26.48 32.82 7.32
CA LEU H 67 26.27 32.24 6.01
C LEU H 67 25.50 30.92 6.08
N GLY H 68 25.22 30.38 4.90
CA GLY H 68 24.42 29.18 4.82
C GLY H 68 24.96 28.03 5.64
N ILE H 69 24.07 27.39 6.37
CA ILE H 69 24.45 26.21 7.11
C ILE H 69 24.28 24.96 6.26
N SER H 70 25.39 24.25 6.09
CA SER H 70 25.45 23.00 5.31
C SER H 70 24.93 21.77 6.07
N ASP H 71 25.18 21.73 7.37
CA ASP H 71 24.82 20.58 8.22
C ASP H 71 24.51 20.95 9.68
N VAL H 72 23.84 20.04 10.38
CA VAL H 72 23.64 20.19 11.80
C VAL H 72 23.41 18.81 12.42
N ALA H 73 23.87 18.61 13.66
CA ALA H 73 23.59 17.36 14.38
C ALA H 73 23.32 17.60 15.85
N TRP H 74 22.49 16.74 16.45
CA TRP H 74 22.17 16.82 17.88
C TRP H 74 23.25 16.26 18.80
N SER H 75 23.32 16.78 20.02
CA SER H 75 24.08 16.11 21.09
C SER H 75 23.25 14.95 21.65
N SER H 76 23.90 14.02 22.35
CA SER H 76 23.21 12.87 22.94
C SER H 76 22.20 13.21 24.03
N ASP H 77 22.56 14.19 24.86
CA ASP H 77 21.74 14.61 26.00
C ASP H 77 20.63 15.54 25.51
N SER H 78 20.54 15.66 24.18
CA SER H 78 19.48 16.43 23.52
C SER H 78 19.41 17.82 24.14
N ASN H 79 20.58 18.26 24.61
CA ASN H 79 20.81 19.61 25.07
C ASN H 79 21.05 20.56 23.93
N LEU H 80 21.83 20.10 22.95
CA LEU H 80 22.63 20.97 22.11
C LEU H 80 22.62 20.65 20.62
N LEU H 81 22.75 21.69 19.81
CA LEU H 81 22.94 21.55 18.37
C LEU H 81 24.32 22.07 17.93
N VAL H 82 24.90 21.39 16.96
CA VAL H 82 26.12 21.88 16.37
C VAL H 82 25.79 22.11 14.91
N SER H 83 26.20 23.28 14.40
CA SER H 83 25.91 23.69 13.03
C SER H 83 27.18 24.08 12.27
N ALA H 84 27.36 23.49 11.10
CA ALA H 84 28.53 23.74 10.26
C ALA H 84 28.17 24.62 9.08
N SER H 85 28.83 25.77 8.95
CA SER H 85 28.37 26.74 7.96
C SER H 85 29.38 27.18 6.92
N ASP H 86 28.91 28.00 5.99
CA ASP H 86 29.74 28.51 4.92
C ASP H 86 30.60 29.62 5.45
N ASP H 87 30.37 29.99 6.70
CA ASP H 87 31.07 31.14 7.28
C ASP H 87 32.41 30.77 7.89
N LYS H 88 32.87 29.54 7.63
CA LYS H 88 34.17 29.07 8.10
C LYS H 88 34.07 28.50 9.52
N THR H 89 32.89 28.59 10.12
CA THR H 89 32.72 28.23 11.53
C THR H 89 31.62 27.23 11.85
N LEU H 90 31.75 26.64 13.04
CA LEU H 90 30.73 25.81 13.65
C LEU H 90 30.14 26.54 14.85
N LYS H 91 28.87 26.30 15.12
CA LYS H 91 28.28 26.87 16.33
C LYS H 91 27.67 25.80 17.25
N ILE H 92 27.79 26.04 18.56
CA ILE H 92 27.17 25.15 19.53
C ILE H 92 26.00 25.83 20.24
N TRP H 93 24.80 25.34 19.98
CA TRP H 93 23.60 26.04 20.43
C TRP H 93 22.94 25.31 21.58
N ASP H 94 22.66 26.03 22.67
CA ASP H 94 21.83 25.43 23.71
C ASP H 94 20.41 25.55 23.15
N VAL H 95 19.81 24.41 22.87
CA VAL H 95 18.60 24.40 22.10
C VAL H 95 17.43 24.87 22.96
N SER H 96 17.58 24.84 24.28
CA SER H 96 16.47 25.25 25.12
C SER H 96 16.20 26.72 24.99
N SER H 97 17.24 27.52 25.23
CA SER H 97 17.13 28.96 25.07
C SER H 97 16.99 29.29 23.58
N GLY H 98 17.88 28.67 22.80
CA GLY H 98 18.01 28.92 21.39
C GLY H 98 19.27 29.73 21.13
N LYS H 99 20.07 29.93 22.18
CA LYS H 99 21.25 30.79 22.07
C LYS H 99 22.58 30.07 21.82
N CYS H 100 23.48 30.73 21.08
CA CYS H 100 24.79 30.17 20.76
C CYS H 100 25.71 30.17 21.99
N LEU H 101 26.24 28.99 22.33
CA LEU H 101 27.17 28.87 23.45
C LEU H 101 28.59 29.20 23.03
N LYS H 102 29.23 28.32 22.28
CA LYS H 102 30.56 28.63 21.76
C LYS H 102 30.53 28.73 20.23
N THR H 103 31.49 29.48 19.69
CA THR H 103 31.72 29.47 18.25
C THR H 103 33.14 28.97 17.96
N LEU H 104 33.25 27.98 17.08
CA LEU H 104 34.49 27.26 16.86
C LEU H 104 35.15 27.70 15.58
N LYS H 105 36.33 28.28 15.72
CA LYS H 105 37.02 28.86 14.58
C LYS H 105 38.37 28.18 14.33
N GLY H 106 38.43 27.37 13.28
CA GLY H 106 39.67 26.82 12.74
C GLY H 106 39.89 26.69 11.26
N HIS H 107 38.90 26.99 10.42
CA HIS H 107 38.94 26.47 9.06
C HIS H 107 39.36 27.45 7.92
N SER H 108 40.08 26.90 6.93
CA SER H 108 40.48 27.60 5.70
C SER H 108 39.21 27.98 4.95
N ASN H 109 38.16 27.18 5.09
CA ASN H 109 37.03 27.26 4.17
C ASN H 109 35.70 26.85 4.77
N TYR H 110 34.68 26.65 3.94
CA TYR H 110 33.37 26.23 4.45
C TYR H 110 33.52 25.01 5.34
N VAL H 111 32.62 24.92 6.31
CA VAL H 111 32.47 23.71 7.11
C VAL H 111 31.27 22.91 6.61
N PHE H 112 31.52 21.75 6.04
CA PHE H 112 30.51 20.95 5.37
C PHE H 112 29.69 20.03 6.28
N CYS H 113 30.35 19.36 7.23
CA CYS H 113 29.72 18.29 7.97
C CYS H 113 30.12 18.27 9.44
N CYS H 114 29.19 17.88 10.30
CA CYS H 114 29.48 17.83 11.71
C CYS H 114 28.67 16.71 12.35
N ASN H 115 29.28 16.08 13.35
CA ASN H 115 28.62 15.09 14.17
C ASN H 115 29.27 15.19 15.54
N PHE H 116 28.47 14.96 16.58
CA PHE H 116 28.93 14.83 17.96
C PHE H 116 29.46 13.42 18.20
N ASN H 117 30.33 13.24 19.19
CA ASN H 117 30.75 11.89 19.57
C ASN H 117 29.69 11.27 20.48
N PRO H 118 29.72 9.94 20.64
CA PRO H 118 28.58 9.33 21.35
C PRO H 118 28.48 9.95 22.74
N GLN H 119 29.66 10.09 23.34
CA GLN H 119 29.83 10.56 24.71
C GLN H 119 29.47 12.04 24.75
N SER H 120 29.55 12.65 23.57
CA SER H 120 29.10 14.01 23.33
C SER H 120 29.91 15.12 24.03
N ASN H 121 31.16 14.89 24.36
CA ASN H 121 31.98 15.99 24.82
C ASN H 121 32.79 16.59 23.68
N LEU H 122 32.74 15.93 22.54
CA LEU H 122 33.60 16.33 21.41
C LEU H 122 32.80 16.49 20.12
N ILE H 123 33.34 17.27 19.18
CA ILE H 123 32.78 17.34 17.84
C ILE H 123 33.82 17.15 16.75
N VAL H 124 33.45 16.40 15.73
CA VAL H 124 34.29 16.22 14.55
C VAL H 124 33.71 17.04 13.39
N SER H 125 34.57 17.77 12.67
CA SER H 125 34.10 18.66 11.60
C SER H 125 34.84 18.52 10.26
N GLY H 126 34.10 18.19 9.19
CA GLY H 126 34.66 18.14 7.84
C GLY H 126 34.62 19.48 7.14
N SER H 127 35.64 19.80 6.34
CA SER H 127 35.77 21.14 5.71
C SER H 127 36.32 21.18 4.29
N PHE H 128 35.89 22.17 3.52
CA PHE H 128 36.37 22.28 2.12
C PHE H 128 37.89 22.54 2.02
N ASP H 129 38.53 22.73 3.17
CA ASP H 129 39.99 22.78 3.26
C ASP H 129 40.56 21.39 3.53
N GLU H 130 39.69 20.39 3.42
CA GLU H 130 40.13 19.00 3.39
C GLU H 130 40.75 18.57 4.70
N SER H 131 40.31 19.20 5.79
CA SER H 131 40.71 18.77 7.12
C SER H 131 39.52 18.20 7.89
N VAL H 132 39.82 17.27 8.79
CA VAL H 132 38.89 16.82 9.81
C VAL H 132 39.44 17.32 11.13
N ARG H 133 38.71 18.20 11.80
CA ARG H 133 39.18 18.78 13.07
C ARG H 133 38.37 18.26 14.26
N ILE H 134 38.97 18.23 15.43
CA ILE H 134 38.25 17.77 16.60
C ILE H 134 38.19 18.80 17.72
N TRP H 135 37.01 18.95 18.32
CA TRP H 135 36.70 20.11 19.16
C TRP H 135 36.14 19.77 20.54
N ASP H 136 36.72 20.40 21.55
CA ASP H 136 36.28 20.22 22.94
C ASP H 136 35.04 21.10 23.22
N VAL H 137 33.92 20.43 23.49
CA VAL H 137 32.61 21.07 23.64
C VAL H 137 32.53 22.07 24.81
N LYS H 138 33.40 21.89 25.80
CA LYS H 138 33.42 22.79 26.96
C LYS H 138 34.26 24.02 26.63
N THR H 139 35.57 23.82 26.49
CA THR H 139 36.48 24.91 26.24
C THR H 139 36.13 25.57 24.91
N GLY H 140 35.99 24.74 23.88
CA GLY H 140 35.67 25.26 22.56
C GLY H 140 36.86 25.28 21.63
N LYS H 141 38.03 24.97 22.16
CA LYS H 141 39.22 25.01 21.35
C LYS H 141 39.34 23.74 20.52
N CYS H 142 40.04 23.86 19.39
CA CYS H 142 40.23 22.75 18.47
C CYS H 142 41.38 21.87 18.94
N LEU H 143 41.07 20.61 19.23
CA LEU H 143 42.03 19.72 19.83
C LEU H 143 43.03 19.28 18.81
N LYS H 144 42.59 18.50 17.84
CA LYS H 144 43.49 18.03 16.79
C LYS H 144 42.92 18.35 15.39
N THR H 145 43.83 18.34 14.42
CA THR H 145 43.50 18.65 13.03
C THR H 145 44.15 17.64 12.11
N LEU H 146 43.32 16.96 11.35
CA LEU H 146 43.80 15.93 10.45
C LEU H 146 43.73 16.37 9.00
N PRO H 147 44.89 16.43 8.33
CA PRO H 147 44.89 16.65 6.88
C PRO H 147 44.39 15.36 6.23
N ALA H 148 43.07 15.16 6.27
CA ALA H 148 42.47 13.86 5.94
C ALA H 148 42.62 13.48 4.45
N HIS H 149 42.29 14.42 3.56
CA HIS H 149 42.25 14.07 2.14
C HIS H 149 42.97 15.10 1.29
N SER H 150 43.14 14.75 0.01
CA SER H 150 43.59 15.66 -1.02
C SER H 150 42.38 16.47 -1.49
N ASP H 151 41.21 16.16 -0.95
CA ASP H 151 39.98 16.79 -1.36
C ASP H 151 39.05 17.16 -0.20
N PRO H 152 38.08 18.05 -0.46
CA PRO H 152 37.04 18.52 0.47
C PRO H 152 36.25 17.37 1.11
N VAL H 153 35.88 17.53 2.39
CA VAL H 153 35.26 16.47 3.17
C VAL H 153 33.72 16.54 3.09
N SER H 154 33.10 15.46 2.61
CA SER H 154 31.64 15.34 2.56
C SER H 154 30.92 14.82 3.83
N ALA H 155 31.66 14.12 4.69
CA ALA H 155 31.06 13.57 5.91
C ALA H 155 32.09 13.26 7.00
N VAL H 156 31.61 13.23 8.24
CA VAL H 156 32.38 12.75 9.37
C VAL H 156 31.42 12.09 10.35
N HIS H 157 31.83 10.98 10.95
CA HIS H 157 31.03 10.38 12.00
C HIS H 157 31.90 9.58 12.95
N PHE H 158 31.44 9.42 14.17
CA PHE H 158 32.06 8.52 15.14
C PHE H 158 31.45 7.13 15.09
N ASN H 159 31.99 6.20 15.86
CA ASN H 159 31.37 4.89 15.95
C ASN H 159 30.59 4.77 17.25
N ARG H 160 30.01 3.60 17.51
CA ARG H 160 29.20 3.37 18.70
C ARG H 160 29.83 3.88 20.00
N ASP H 161 31.10 3.52 20.21
CA ASP H 161 31.87 4.00 21.37
C ASP H 161 32.55 5.38 21.26
N GLY H 162 32.92 5.80 20.05
CA GLY H 162 33.57 7.10 19.86
C GLY H 162 35.08 7.07 19.69
N SER H 163 35.59 5.86 19.42
CA SER H 163 37.00 5.58 19.18
C SER H 163 37.44 5.86 17.75
N LEU H 164 36.48 5.79 16.84
CA LEU H 164 36.76 5.83 15.42
C LEU H 164 35.99 6.96 14.83
N ILE H 165 36.60 7.59 13.82
CA ILE H 165 35.96 8.60 12.99
C ILE H 165 36.14 8.24 11.55
N VAL H 166 35.06 7.86 10.88
CA VAL H 166 35.13 7.72 9.43
C VAL H 166 35.00 9.10 8.77
N SER H 167 35.65 9.27 7.63
CA SER H 167 35.37 10.43 6.81
C SER H 167 35.49 10.08 5.34
N SER H 168 34.71 10.80 4.53
CA SER H 168 34.62 10.57 3.10
C SER H 168 35.02 11.83 2.37
N SER H 169 35.28 11.71 1.08
CA SER H 169 35.75 12.84 0.34
C SER H 169 35.50 12.62 -1.13
N TYR H 170 35.55 13.70 -1.87
CA TYR H 170 35.36 13.62 -3.28
C TYR H 170 36.56 12.92 -3.95
N ASP H 171 37.71 12.87 -3.26
CA ASP H 171 38.90 12.26 -3.87
C ASP H 171 38.72 10.75 -4.09
N GLY H 172 37.63 10.20 -3.56
CA GLY H 172 37.26 8.80 -3.72
C GLY H 172 37.45 7.98 -2.44
N LEU H 173 38.06 8.61 -1.44
CA LEU H 173 38.60 7.91 -0.27
C LEU H 173 37.66 7.80 0.93
N CYS H 174 37.74 6.70 1.66
CA CYS H 174 37.17 6.70 3.00
C CYS H 174 38.28 6.41 4.00
N ARG H 175 38.66 7.41 4.78
CA ARG H 175 39.68 7.20 5.81
C ARG H 175 39.04 7.05 7.19
N ILE H 176 39.51 6.07 7.93
CA ILE H 176 39.03 5.85 9.29
C ILE H 176 40.14 6.25 10.25
N TRP H 177 39.78 7.07 11.23
CA TRP H 177 40.77 7.71 12.06
C TRP H 177 40.71 7.27 13.52
N ASP H 178 41.83 7.41 14.20
CA ASP H 178 41.87 7.12 15.62
C ASP H 178 41.63 8.38 16.44
N THR H 179 40.50 8.38 17.13
CA THR H 179 40.02 9.56 17.85
C THR H 179 41.02 10.17 18.86
N ALA H 180 41.68 9.33 19.63
CA ALA H 180 42.65 9.80 20.62
C ALA H 180 44.05 10.10 20.08
N SER H 181 44.53 9.27 19.15
CA SER H 181 45.85 9.50 18.56
C SER H 181 45.86 10.61 17.49
N GLY H 182 44.97 10.47 16.53
CA GLY H 182 44.97 11.27 15.33
C GLY H 182 45.46 10.50 14.13
N GLN H 183 45.83 9.23 14.30
CA GLN H 183 46.35 8.39 13.21
C GLN H 183 45.26 7.81 12.29
N CYS H 184 45.56 7.71 11.00
CA CYS H 184 44.66 7.05 10.07
C CYS H 184 44.87 5.55 10.21
N LEU H 185 43.77 4.83 10.39
CA LEU H 185 43.86 3.44 10.74
C LEU H 185 43.60 2.57 9.54
N LYS H 186 42.42 2.72 8.94
CA LYS H 186 42.14 2.04 7.70
C LYS H 186 41.75 3.00 6.61
N THR H 187 41.76 2.49 5.38
CA THR H 187 41.39 3.26 4.19
C THR H 187 40.65 2.33 3.23
N LEU H 188 39.54 2.80 2.66
CA LEU H 188 38.67 1.92 1.88
C LEU H 188 38.68 2.37 0.45
N ILE H 189 39.33 1.58 -0.41
CA ILE H 189 39.61 1.99 -1.78
C ILE H 189 39.03 1.01 -2.81
N ASP H 190 39.71 -0.14 -2.96
CA ASP H 190 39.24 -1.30 -3.74
C ASP H 190 38.65 -1.02 -5.15
N ASP H 191 39.49 -0.67 -6.13
CA ASP H 191 39.09 -0.31 -7.50
C ASP H 191 38.11 0.87 -7.56
N ASP H 192 37.11 0.82 -8.43
CA ASP H 192 36.19 1.96 -8.48
C ASP H 192 36.93 3.26 -8.66
N ASN H 193 36.97 3.96 -7.53
CA ASN H 193 37.32 5.36 -7.36
C ASN H 193 36.33 6.40 -7.86
N PRO H 194 35.09 6.27 -7.39
CA PRO H 194 34.04 7.28 -7.49
C PRO H 194 34.26 8.29 -6.37
N PRO H 195 33.68 9.50 -6.48
CA PRO H 195 33.60 10.43 -5.35
C PRO H 195 32.62 9.94 -4.27
N VAL H 196 33.02 10.00 -3.01
CA VAL H 196 32.19 9.49 -1.92
C VAL H 196 31.50 10.64 -1.16
N SER H 197 30.18 10.75 -1.32
CA SER H 197 29.39 11.88 -0.76
C SER H 197 28.83 11.70 0.67
N PHE H 198 28.91 10.50 1.23
CA PHE H 198 28.54 10.34 2.63
C PHE H 198 29.09 9.06 3.24
N VAL H 199 29.28 9.07 4.56
CA VAL H 199 29.51 7.85 5.34
C VAL H 199 29.00 8.01 6.77
N LYS H 200 28.42 6.94 7.32
CA LYS H 200 28.35 6.77 8.78
C LYS H 200 28.58 5.32 9.15
N PHE H 201 29.19 5.11 10.31
CA PHE H 201 29.28 3.79 10.89
C PHE H 201 27.86 3.30 11.15
N SER H 202 27.72 1.98 11.20
CA SER H 202 26.47 1.34 11.58
C SER H 202 26.31 1.40 13.09
N PRO H 203 25.09 1.15 13.59
CA PRO H 203 24.75 1.16 15.01
C PRO H 203 25.52 0.09 15.75
N ASN H 204 25.65 -1.07 15.12
CA ASN H 204 26.46 -2.17 15.59
C ASN H 204 27.93 -1.93 15.23
N GLY H 205 28.17 -0.86 14.47
CA GLY H 205 29.48 -0.26 14.28
C GLY H 205 30.43 -1.00 13.36
N LYS H 206 30.06 -2.21 13.00
CA LYS H 206 30.99 -3.10 12.33
C LYS H 206 31.06 -2.88 10.84
N TYR H 207 29.99 -2.32 10.30
CA TYR H 207 29.96 -1.98 8.88
C TYR H 207 29.75 -0.48 8.72
N ILE H 208 30.35 0.08 7.68
CA ILE H 208 30.21 1.50 7.43
C ILE H 208 29.62 1.75 6.04
N LEU H 209 28.71 2.72 5.95
CA LEU H 209 27.93 2.93 4.75
C LEU H 209 28.47 4.13 3.99
N ALA H 210 28.51 3.99 2.67
CA ALA H 210 29.11 4.99 1.82
C ALA H 210 28.28 5.26 0.58
N ALA H 211 28.02 6.55 0.35
CA ALA H 211 27.28 7.03 -0.79
C ALA H 211 28.26 7.47 -1.84
N THR H 212 27.95 7.23 -3.11
CA THR H 212 28.87 7.60 -4.17
C THR H 212 28.17 8.24 -5.35
N LEU H 213 28.94 8.96 -6.16
CA LEU H 213 28.36 9.78 -7.22
C LEU H 213 28.21 9.03 -8.54
N ASP H 214 28.43 7.71 -8.47
CA ASP H 214 28.06 6.78 -9.54
C ASP H 214 26.62 6.22 -9.39
N ASN H 215 25.81 6.84 -8.53
CA ASN H 215 24.41 6.44 -8.32
C ASN H 215 24.37 5.13 -7.56
N THR H 216 25.26 5.06 -6.59
CA THR H 216 25.50 3.84 -5.86
C THR H 216 25.30 4.07 -4.37
N LEU H 217 25.11 2.99 -3.63
CA LEU H 217 25.20 3.00 -2.17
C LEU H 217 25.87 1.72 -1.68
N LYS H 218 27.01 1.84 -1.02
CA LYS H 218 27.79 0.65 -0.71
C LYS H 218 27.97 0.39 0.79
N LEU H 219 27.87 -0.87 1.18
CA LEU H 219 28.13 -1.20 2.56
C LEU H 219 29.43 -1.94 2.65
N TRP H 220 30.16 -1.68 3.73
CA TRP H 220 31.53 -2.14 3.91
C TRP H 220 31.74 -2.77 5.27
N ASP H 221 32.48 -3.87 5.33
CA ASP H 221 33.00 -4.33 6.61
C ASP H 221 34.43 -3.85 6.63
N TYR H 222 34.71 -2.86 7.48
CA TYR H 222 35.97 -2.15 7.37
C TYR H 222 37.12 -2.93 7.98
N SER H 223 36.83 -3.62 9.07
CA SER H 223 37.84 -4.48 9.66
C SER H 223 38.42 -5.36 8.56
N LYS H 224 37.53 -5.97 7.80
CA LYS H 224 37.91 -6.82 6.67
C LYS H 224 38.29 -6.01 5.41
N GLY H 225 38.03 -4.70 5.45
CA GLY H 225 38.30 -3.86 4.31
C GLY H 225 37.71 -4.39 3.02
N LYS H 226 36.42 -4.71 2.99
CA LYS H 226 35.75 -5.02 1.73
C LYS H 226 34.25 -4.71 1.70
N CYS H 227 33.78 -4.33 0.51
CA CYS H 227 32.36 -4.10 0.24
C CYS H 227 31.59 -5.42 0.38
N LEU H 228 30.41 -5.35 0.98
CA LEU H 228 29.52 -6.51 1.08
C LEU H 228 28.43 -6.42 0.03
N LYS H 229 27.57 -5.43 0.19
CA LYS H 229 26.42 -5.28 -0.70
C LYS H 229 26.35 -3.87 -1.28
N THR H 230 25.63 -3.73 -2.39
CA THR H 230 25.51 -2.44 -3.05
C THR H 230 24.09 -2.21 -3.56
N TYR H 231 23.58 -0.99 -3.38
CA TYR H 231 22.20 -0.66 -3.71
C TYR H 231 22.13 0.40 -4.80
N THR H 232 21.23 0.23 -5.78
CA THR H 232 21.12 1.22 -6.86
C THR H 232 19.69 1.63 -7.21
N GLY H 233 19.59 2.44 -8.26
CA GLY H 233 18.34 2.90 -8.82
C GLY H 233 18.00 4.34 -8.50
N HIS H 234 18.51 4.87 -7.39
CA HIS H 234 18.31 6.28 -7.08
C HIS H 234 19.28 7.09 -7.93
N LYS H 235 18.99 8.36 -8.14
CA LYS H 235 19.92 9.21 -8.88
C LYS H 235 20.75 10.10 -7.94
N ASN H 236 22.03 9.79 -7.86
CA ASN H 236 22.94 10.61 -7.09
C ASN H 236 24.15 10.85 -7.98
N GLU H 237 24.31 12.06 -8.45
CA GLU H 237 25.44 12.41 -9.31
C GLU H 237 26.08 13.68 -8.83
N LYS H 238 25.25 14.73 -8.73
CA LYS H 238 25.65 16.05 -8.26
C LYS H 238 25.74 16.20 -6.74
N TYR H 239 24.62 16.04 -6.05
CA TYR H 239 24.52 16.40 -4.64
C TYR H 239 25.06 15.34 -3.67
N CYS H 240 25.60 15.77 -2.51
CA CYS H 240 26.01 14.81 -1.47
C CYS H 240 24.80 14.62 -0.58
N ILE H 241 24.20 13.44 -0.67
CA ILE H 241 22.85 13.28 -0.12
C ILE H 241 22.88 12.26 0.99
N PHE H 242 22.31 12.62 2.15
CA PHE H 242 22.42 11.80 3.35
C PHE H 242 21.91 10.39 3.13
N ALA H 243 22.53 9.45 3.84
CA ALA H 243 22.16 8.05 3.80
C ALA H 243 21.89 7.54 5.21
N ASN H 244 20.73 6.95 5.43
CA ASN H 244 20.35 6.46 6.75
C ASN H 244 20.23 4.94 6.88
N PHE H 245 20.51 4.43 8.08
CA PHE H 245 20.05 3.11 8.52
C PHE H 245 18.63 3.21 9.16
N SER H 246 17.70 2.31 8.82
CA SER H 246 16.42 2.28 9.56
C SER H 246 16.31 1.05 10.43
N VAL H 247 16.40 1.26 11.73
CA VAL H 247 16.44 0.18 12.70
C VAL H 247 15.10 -0.16 13.29
N THR H 248 14.08 0.68 13.04
CA THR H 248 12.94 0.65 13.95
C THR H 248 12.01 -0.53 13.67
N GLY H 249 11.11 -0.40 12.71
CA GLY H 249 10.30 -1.55 12.35
C GLY H 249 11.05 -2.57 11.51
N GLY H 250 11.40 -2.16 10.30
CA GLY H 250 12.06 -3.05 9.38
C GLY H 250 13.48 -2.57 9.32
N LYS H 251 14.35 -3.38 8.71
CA LYS H 251 15.74 -2.98 8.60
C LYS H 251 16.08 -2.58 7.16
N TRP H 252 16.22 -1.27 6.93
CA TRP H 252 16.27 -0.71 5.58
C TRP H 252 17.46 0.18 5.37
N ILE H 253 17.72 0.49 4.10
CA ILE H 253 18.56 1.62 3.72
C ILE H 253 17.64 2.72 3.25
N VAL H 254 17.82 3.92 3.77
CA VAL H 254 16.99 5.06 3.38
C VAL H 254 17.83 6.25 2.87
N SER H 255 17.55 6.70 1.65
CA SER H 255 18.32 7.80 1.06
C SER H 255 17.46 8.77 0.25
N GLY H 256 17.94 10.00 0.09
CA GLY H 256 17.29 10.93 -0.82
C GLY H 256 17.67 10.57 -2.24
N SER H 257 17.24 11.36 -3.21
CA SER H 257 17.56 11.11 -4.61
C SER H 257 17.42 12.38 -5.45
N GLU H 258 18.06 12.40 -6.62
CA GLU H 258 18.03 13.59 -7.51
C GLU H 258 16.94 13.52 -8.58
N ASP H 259 16.16 12.43 -8.56
CA ASP H 259 14.91 12.32 -9.30
C ASP H 259 13.67 12.71 -8.46
N ASN H 260 13.90 13.28 -7.28
CA ASN H 260 12.87 13.69 -6.34
C ASN H 260 12.11 12.62 -5.55
N LEU H 261 12.74 11.47 -5.37
CA LEU H 261 12.12 10.40 -4.61
C LEU H 261 12.96 10.00 -3.38
N VAL H 262 12.29 9.46 -2.37
CA VAL H 262 12.99 8.91 -1.23
C VAL H 262 13.06 7.41 -1.43
N TYR H 263 14.28 6.85 -1.40
CA TYR H 263 14.50 5.42 -1.67
C TYR H 263 14.73 4.56 -0.42
N ILE H 264 14.05 3.42 -0.38
CA ILE H 264 14.20 2.46 0.71
C ILE H 264 14.53 1.07 0.16
N TRP H 265 15.70 0.53 0.53
CA TRP H 265 16.11 -0.79 0.08
C TRP H 265 16.01 -1.82 1.17
N ASN H 266 15.71 -3.05 0.78
CA ASN H 266 15.94 -4.16 1.68
C ASN H 266 17.45 -4.17 1.94
N LEU H 267 17.82 -4.19 3.22
CA LEU H 267 19.23 -4.20 3.56
C LEU H 267 19.91 -5.52 3.15
N GLN H 268 19.19 -6.62 3.27
CA GLN H 268 19.70 -7.91 2.82
C GLN H 268 19.63 -8.08 1.29
N THR H 269 18.43 -8.02 0.74
CA THR H 269 18.23 -8.33 -0.68
C THR H 269 18.56 -7.20 -1.65
N LYS H 270 18.93 -6.05 -1.11
CA LYS H 270 19.57 -4.99 -1.89
C LYS H 270 18.67 -4.33 -2.93
N GLU H 271 17.58 -4.98 -3.31
CA GLU H 271 16.63 -4.33 -4.20
C GLU H 271 15.56 -3.53 -3.42
N ILE H 272 14.98 -2.54 -4.10
CA ILE H 272 14.10 -1.55 -3.49
C ILE H 272 12.73 -2.07 -3.01
N VAL H 273 12.43 -1.83 -1.74
CA VAL H 273 11.11 -2.12 -1.17
C VAL H 273 10.03 -1.05 -1.44
N GLN H 274 10.37 0.22 -1.25
CA GLN H 274 9.40 1.29 -1.51
C GLN H 274 10.05 2.63 -1.85
N LYS H 275 9.38 3.44 -2.69
CA LYS H 275 9.80 4.83 -2.91
C LYS H 275 8.66 5.85 -2.67
N LEU H 276 9.01 7.02 -2.13
CA LEU H 276 8.02 8.04 -1.74
C LEU H 276 8.06 9.26 -2.65
N GLN H 277 6.88 9.75 -3.04
CA GLN H 277 6.80 10.87 -3.97
C GLN H 277 5.99 12.04 -3.39
N GLY H 278 5.91 13.13 -4.12
CA GLY H 278 5.23 14.32 -3.66
C GLY H 278 6.22 15.42 -3.38
N HIS H 279 7.52 15.08 -3.46
CA HIS H 279 8.55 16.10 -3.39
C HIS H 279 8.80 16.74 -4.77
N THR H 280 8.74 18.06 -4.82
CA THR H 280 8.71 18.75 -6.08
C THR H 280 10.11 19.13 -6.52
N ASP H 281 11.10 18.69 -5.75
CA ASP H 281 12.51 18.88 -6.09
C ASP H 281 13.38 17.71 -5.62
N VAL H 282 14.70 17.90 -5.66
CA VAL H 282 15.64 16.87 -5.26
C VAL H 282 15.64 16.71 -3.74
N VAL H 283 15.93 15.49 -3.26
CA VAL H 283 15.98 15.23 -1.82
C VAL H 283 17.40 15.19 -1.34
N ILE H 284 17.80 16.20 -0.58
CA ILE H 284 19.16 16.28 -0.02
C ILE H 284 19.41 15.55 1.30
N SER H 285 18.37 15.45 2.13
CA SER H 285 18.53 14.87 3.46
C SER H 285 17.34 14.02 3.96
N THR H 286 17.66 12.91 4.61
CA THR H 286 16.65 12.08 5.24
C THR H 286 17.09 11.78 6.67
N ALA H 287 16.13 11.48 7.54
CA ALA H 287 16.44 11.17 8.92
C ALA H 287 15.40 10.23 9.47
N CYS H 288 15.80 9.28 10.30
CA CYS H 288 14.82 8.36 10.88
C CYS H 288 14.59 8.58 12.37
N HIS H 289 13.33 8.42 12.79
CA HIS H 289 13.00 8.58 14.19
C HIS H 289 13.68 7.49 14.99
N PRO H 290 14.11 7.82 16.22
CA PRO H 290 14.80 6.87 17.10
C PRO H 290 13.86 5.76 17.56
N THR H 291 12.60 6.13 17.79
CA THR H 291 11.67 5.24 18.44
C THR H 291 10.59 4.72 17.48
N GLU H 292 9.74 5.59 16.98
CA GLU H 292 8.68 5.19 16.04
C GLU H 292 9.26 5.00 14.63
N ASN H 293 8.36 4.75 13.67
CA ASN H 293 8.80 4.68 12.29
C ASN H 293 8.43 5.96 11.59
N ILE H 294 9.41 6.84 11.46
CA ILE H 294 9.23 8.07 10.72
C ILE H 294 10.46 8.40 9.90
N ILE H 295 10.25 8.59 8.61
CA ILE H 295 11.23 9.26 7.81
C ILE H 295 10.84 10.75 7.73
N ALA H 296 11.83 11.61 7.90
CA ALA H 296 11.67 13.01 7.54
C ALA H 296 12.55 13.24 6.32
N SER H 297 12.07 14.00 5.36
CA SER H 297 12.91 14.34 4.21
C SER H 297 12.80 15.83 3.86
N ALA H 298 13.90 16.40 3.38
CA ALA H 298 13.92 17.80 2.93
C ALA H 298 14.43 17.93 1.48
N ALA H 299 13.95 18.97 0.78
CA ALA H 299 14.27 19.14 -0.64
C ALA H 299 14.80 20.53 -0.97
N LEU H 300 15.35 20.69 -2.16
CA LEU H 300 16.05 21.92 -2.52
C LEU H 300 15.07 23.03 -2.90
N GLU H 301 15.58 24.18 -3.34
CA GLU H 301 14.77 25.42 -3.38
C GLU H 301 13.49 25.42 -4.22
N ASN H 302 13.33 24.43 -5.08
CA ASN H 302 12.09 24.35 -5.85
C ASN H 302 11.00 23.69 -5.03
N ASP H 303 11.34 23.38 -3.78
CA ASP H 303 10.41 22.76 -2.87
C ASP H 303 10.39 23.53 -1.56
N LYS H 304 11.54 23.54 -0.89
CA LYS H 304 11.73 24.18 0.41
C LYS H 304 10.89 23.58 1.54
N THR H 305 10.46 22.32 1.37
CA THR H 305 9.67 21.64 2.40
C THR H 305 10.30 20.36 2.95
N ILE H 306 10.10 20.16 4.26
CA ILE H 306 10.41 18.91 4.95
C ILE H 306 9.12 18.10 5.03
N LYS H 307 9.10 16.93 4.39
CA LYS H 307 7.95 16.03 4.51
C LYS H 307 8.21 14.91 5.54
N LEU H 308 7.15 14.55 6.27
CA LEU H 308 7.20 13.59 7.37
C LEU H 308 6.40 12.34 7.02
N TRP H 309 6.97 11.17 7.29
CA TRP H 309 6.38 9.92 6.80
C TRP H 309 6.32 8.84 7.87
N LYS H 310 5.16 8.23 8.04
CA LYS H 310 5.01 7.19 9.04
C LYS H 310 4.64 5.83 8.43
N SER H 311 5.13 4.76 9.05
CA SER H 311 4.82 3.39 8.62
C SER H 311 4.48 2.45 9.79
N ASP H 312 3.77 1.37 9.46
CA ASP H 312 3.49 0.29 10.42
C ASP H 312 4.60 -0.76 10.54
N CYS H 313 5.38 -0.93 9.46
CA CYS H 313 6.66 -1.67 9.51
C CYS H 313 7.81 -0.79 9.00
N ARG I 3 -43.70 -38.95 19.23
CA ARG I 3 -42.57 -37.98 19.55
C ARG I 3 -43.03 -36.44 19.74
N ARG J 3 -29.63 -8.11 -24.37
CA ARG J 3 -30.04 -9.49 -24.69
C ARG J 3 -31.13 -9.46 -25.86
N ARG K 3 7.84 -32.47 -18.43
CA ARG K 3 8.02 -32.57 -19.96
C ARG K 3 8.49 -34.03 -20.41
N ARG L 3 27.59 9.67 -47.06
CA ARG L 3 27.06 10.44 -45.92
C ARG L 3 28.12 10.30 -44.76
N ARG M 3 31.58 31.67 -8.11
CA ARG M 3 31.45 31.54 -9.55
C ARG M 3 32.02 30.10 -9.98
N ARG N 3 0.01 -8.67 49.61
CA ARG N 3 -0.56 -8.28 50.97
C ARG N 3 0.42 -8.57 52.24
N ARG O 3 -20.83 25.04 28.90
CA ARG O 3 -19.70 25.64 29.57
C ARG O 3 -19.94 27.23 29.65
N ARG P 3 27.00 22.51 0.92
CA ARG P 3 26.24 21.21 0.74
C ARG P 3 25.11 21.33 -0.40
#